data_8YUA
#
_entry.id   8YUA
#
_cell.length_a   105.565
_cell.length_b   158.451
_cell.length_c   180.669
_cell.angle_alpha   90.00
_cell.angle_beta   90.00
_cell.angle_gamma   90.00
#
_symmetry.space_group_name_H-M   'P 21 21 21'
#
loop_
_entity.id
_entity.type
_entity.pdbx_description
1 polymer 'Detyrosinated tubulin alpha-1B chain'
2 polymer 'Tubulin beta chain'
3 polymer Stathmin-4
4 polymer 'Tubulin--tyrosine ligase'
5 non-polymer "GUANOSINE-5'-TRIPHOSPHATE"
6 non-polymer 'CALCIUM ION'
7 non-polymer 'MAGNESIUM ION'
8 non-polymer "GUANOSINE-5'-DIPHOSPHATE"
9 non-polymer '2-(N-MORPHOLINO)-ETHANESULFONIC ACID'
10 non-polymer 2-chloranyl-~{N}-(4-methoxyphenyl)-~{N}-methyl-thieno[3,2-d]pyrimidin-4-amine
11 non-polymer 'PHOSPHOMETHYLPHOSPHONIC ACID ADENYLATE ESTER'
12 water water
#
loop_
_entity_poly.entity_id
_entity_poly.type
_entity_poly.pdbx_seq_one_letter_code
_entity_poly.pdbx_strand_id
1 'polypeptide(L)'
;MRECISIHVGQAGVQIGNACWELYCLEHGIQPDGQMPSDKTIGGGDDSFNTFFSETGAGKHVPRAVFVDLEPTVIDEVRT
GTYRQLFHPEQLITGKEDAANNYARGHYTIGKEIIDLVLDRIRKLADQCTGLQGFLVFHSFGGGTGSGFTSLLMERLSVD
YGKKSKLEFSIYPAPQVSTAVVEPYNSILTTHTTLEHSDCAFMVDNEAIYDICRRNLDIERPTYTNLNRLISQIVSSITA
SLRFDGALNVDLTEFQTNLVPYPRIHFPLATYAPVISAEKAYHEQLSVAEITNACFEPANQMVKCDPRHGKYMACCLLYR
GDVVPKDVNAAIATIKTKRSIQFVDWCPTGFKVGINYQPPTVVPGGDLAKVQRAVCMLSNTTAIAEAWARLDHKFDLMYA
KRAFVHWYVGEGMEEGEFSEAREDMAALEKDYEEVGVDSV
;
A,C
2 'polypeptide(L)'
;MREIVHIQAGQCGNQIGAKFWEVISDEHGIDPTGSYHGDSDLQLERINVYYNEATGNKYVPRAILVDLEPGTMDSVRSGP
FGQIFRPDNFVFGQSGAGNNWAKGHYTEGAELVDSVLDVVRKESESCDCLQGFQLTHSLGGGTGSGMGTLLISKIREEYP
DRIMNTFSVMPSPKVSDTVVEPYNATLSVHQLVENTDETYCIDNEALYDICFRTLKLTTPTYGDLNHLVSATMSGVTTCL
RFPGQLNADLRKLAVNMVPFPRLHFFMPGFAPLTSRGSQQYRALTVPELTQQMFDSKNMMAACDPRHGRYLTVAAIFRGR
MSMKEVDEQMLNVQNKNSSYFVEWIPNNVKTAVCDIPPRGLKMSATFIGNSTAIQELFKRISEQFTAMFRRKAFLHWYTG
EGMDEMEFTEAESNMNDLVSEYQQYQDATAD
;
B,D
3 'polypeptide(L)'
;MADMEVIELNKCTSGQSFEVILKPPSFDGVPEFNASLPRRRDPSLEEIQKKLEAAEERRKYQEAELLKHLAEKREHEREV
IQKAIEENNNFIKMAKEKLAQKMESNKENREAHLAAMLERLQEKDKHAEEVRKNKELKEEASR
;
E
4 'polypeptide(L)'
;MYTFVVRDENSSVYAEVSRLLLATGQWKRLRKDNPRFNLMLGERNRLPFGRLGHEPGLVQLVNYYRGADKLCRKASLVKL
IKTSPELSESCTWFPESYVIYPTNLKTPVAPAQNGIRHLINNTRTDEREVFLAAYNRRREGREGNVWIAKSSAGAKGEGI
LISSEASELLDFIDEQGQVHVIQKYLEKPLLLEPGHRKFDIRSWVLVDHLYNIYLYREGVLRTSSEPYNSANFQDKTCHL
TNHCIQKEYSKNYGRYEEGNEMFFEEFNQYLMDALNTTLENSILLQIKHIIRSCLMCIEPAISTKHLHYQSFQLFGFDFM
VDEELKVWLIEVNGAPACAQKLYAELCQGIVDVAISSVFPLADTGQKTSQPTSIFIKLHH
;
F
#
loop_
_chem_comp.id
_chem_comp.type
_chem_comp.name
_chem_comp.formula
A1D69 non-polymer 2-chloranyl-~{N}-(4-methoxyphenyl)-~{N}-methyl-thieno[3,2-d]pyrimidin-4-amine 'C14 H12 Cl N3 O S'
ACP non-polymer 'PHOSPHOMETHYLPHOSPHONIC ACID ADENYLATE ESTER' 'C11 H18 N5 O12 P3'
CA non-polymer 'CALCIUM ION' 'Ca 2'
GDP RNA linking GUANOSINE-5'-DIPHOSPHATE 'C10 H15 N5 O11 P2'
GTP non-polymer GUANOSINE-5'-TRIPHOSPHATE 'C10 H16 N5 O14 P3'
MES non-polymer '2-(N-MORPHOLINO)-ETHANESULFONIC ACID' 'C6 H13 N O4 S'
MG non-polymer 'MAGNESIUM ION' 'Mg 2'
#
# COMPACT_ATOMS: atom_id res chain seq x y z
N MET A 1 -5.05 -0.67 -73.62
CA MET A 1 -5.44 -0.84 -72.23
C MET A 1 -4.22 -1.00 -71.33
N ARG A 2 -4.20 -0.20 -70.26
CA ARG A 2 -3.17 -0.22 -69.25
C ARG A 2 -3.80 -0.52 -67.89
N GLU A 3 -3.16 -1.39 -67.12
CA GLU A 3 -3.70 -1.92 -65.87
C GLU A 3 -3.46 -0.99 -64.69
N CYS A 4 -4.34 -1.07 -63.70
CA CYS A 4 -4.25 -0.37 -62.42
C CYS A 4 -4.31 -1.39 -61.29
N ILE A 5 -3.41 -1.26 -60.33
CA ILE A 5 -3.37 -2.12 -59.16
C ILE A 5 -3.84 -1.33 -57.95
N SER A 6 -4.81 -1.88 -57.21
CA SER A 6 -5.31 -1.25 -56.00
C SER A 6 -4.60 -1.85 -54.78
N ILE A 7 -4.22 -0.99 -53.84
CA ILE A 7 -3.53 -1.40 -52.63
C ILE A 7 -4.30 -0.87 -51.44
N HIS A 8 -4.70 -1.76 -50.54
CA HIS A 8 -5.54 -1.41 -49.39
C HIS A 8 -4.76 -1.67 -48.10
N VAL A 9 -4.60 -0.64 -47.26
CA VAL A 9 -3.65 -0.70 -46.16
C VAL A 9 -4.36 -0.38 -44.83
N GLY A 10 -4.26 -1.32 -43.87
CA GLY A 10 -4.87 -1.13 -42.57
C GLY A 10 -6.36 -1.40 -42.54
N GLN A 11 -6.96 -1.20 -41.37
CA GLN A 11 -8.39 -1.49 -41.24
C GLN A 11 -9.22 -0.65 -42.21
N ALA A 12 -9.12 0.68 -42.15
CA ALA A 12 -9.95 1.53 -43.01
C ALA A 12 -9.76 1.16 -44.48
N GLY A 13 -8.52 1.01 -44.92
CA GLY A 13 -8.26 0.72 -46.32
C GLY A 13 -8.85 -0.60 -46.77
N VAL A 14 -8.71 -1.65 -45.94
CA VAL A 14 -9.22 -2.97 -46.31
C VAL A 14 -10.74 -2.95 -46.35
N GLN A 15 -11.38 -2.42 -45.32
CA GLN A 15 -12.84 -2.47 -45.28
C GLN A 15 -13.44 -1.61 -46.39
N ILE A 16 -12.82 -0.46 -46.70
CA ILE A 16 -13.27 0.32 -47.85
C ILE A 16 -13.00 -0.42 -49.15
N GLY A 17 -11.85 -1.10 -49.24
CA GLY A 17 -11.56 -1.88 -50.44
C GLY A 17 -12.61 -2.93 -50.73
N ASN A 18 -13.09 -3.60 -49.69
CA ASN A 18 -14.16 -4.59 -49.88
C ASN A 18 -15.42 -3.96 -50.41
N ALA A 19 -15.81 -2.80 -49.85
CA ALA A 19 -16.99 -2.12 -50.36
C ALA A 19 -16.83 -1.80 -51.83
N CYS A 20 -15.66 -1.27 -52.23
CA CYS A 20 -15.45 -0.88 -53.63
C CYS A 20 -15.48 -2.09 -54.55
N TRP A 21 -14.77 -3.15 -54.17
CA TRP A 21 -14.73 -4.28 -55.07
C TRP A 21 -16.08 -4.98 -55.18
N GLU A 22 -16.85 -5.01 -54.09
CA GLU A 22 -18.22 -5.49 -54.20
C GLU A 22 -19.00 -4.66 -55.23
N LEU A 23 -18.88 -3.33 -55.15
CA LEU A 23 -19.61 -2.46 -56.07
C LEU A 23 -19.10 -2.62 -57.50
N TYR A 24 -17.78 -2.70 -57.69
CA TYR A 24 -17.23 -2.95 -59.02
C TYR A 24 -17.79 -4.22 -59.65
N CYS A 25 -17.88 -5.32 -58.88
CA CYS A 25 -18.43 -6.55 -59.45
C CYS A 25 -19.87 -6.36 -59.89
N LEU A 26 -20.68 -5.67 -59.07
CA LEU A 26 -22.07 -5.44 -59.43
C LEU A 26 -22.17 -4.59 -60.69
N GLU A 27 -21.30 -3.59 -60.80
CA GLU A 27 -21.36 -2.71 -61.97
C GLU A 27 -20.95 -3.43 -63.24
N HIS A 28 -20.01 -4.37 -63.15
CA HIS A 28 -19.48 -5.05 -64.33
C HIS A 28 -20.14 -6.41 -64.58
N GLY A 29 -21.09 -6.83 -63.74
CA GLY A 29 -21.68 -8.15 -63.89
C GLY A 29 -20.76 -9.29 -63.57
N ILE A 30 -19.91 -9.13 -62.56
CA ILE A 30 -19.02 -10.18 -62.06
C ILE A 30 -19.62 -10.70 -60.76
N GLN A 31 -19.85 -12.00 -60.71
CA GLN A 31 -20.46 -12.65 -59.55
C GLN A 31 -19.41 -12.93 -58.49
N PRO A 32 -19.83 -13.31 -57.29
CA PRO A 32 -18.87 -13.56 -56.22
C PRO A 32 -17.88 -14.66 -56.55
N ASP A 33 -18.21 -15.57 -57.46
CA ASP A 33 -17.24 -16.58 -57.84
C ASP A 33 -16.21 -16.04 -58.83
N GLY A 34 -16.36 -14.79 -59.27
CA GLY A 34 -15.43 -14.21 -60.22
C GLY A 34 -15.79 -14.44 -61.67
N GLN A 35 -16.89 -15.14 -61.95
CA GLN A 35 -17.35 -15.36 -63.33
C GLN A 35 -18.08 -14.14 -63.88
N MET A 36 -17.86 -13.86 -65.16
CA MET A 36 -18.47 -12.72 -65.86
C MET A 36 -19.13 -13.19 -67.15
N PRO A 37 -20.45 -13.42 -67.13
CA PRO A 37 -21.10 -14.01 -68.32
C PRO A 37 -20.89 -13.21 -69.61
N SER A 38 -20.84 -11.88 -69.53
CA SER A 38 -20.76 -11.03 -70.71
C SER A 38 -19.36 -10.88 -71.31
N ASP A 39 -18.29 -11.30 -70.62
CA ASP A 39 -16.94 -11.27 -71.22
C ASP A 39 -16.84 -12.43 -72.20
N LYS A 40 -16.90 -12.11 -73.49
CA LYS A 40 -16.65 -13.14 -74.48
C LYS A 40 -15.17 -13.37 -74.70
N THR A 41 -14.33 -12.44 -74.27
CA THR A 41 -12.88 -12.61 -74.23
C THR A 41 -12.56 -13.51 -73.04
N ILE A 42 -12.59 -14.82 -73.26
CA ILE A 42 -12.34 -15.80 -72.22
C ILE A 42 -10.83 -15.98 -72.05
N GLY A 43 -10.38 -15.88 -70.81
CA GLY A 43 -8.96 -15.99 -70.52
C GLY A 43 -8.17 -14.73 -70.78
N GLY A 44 -8.80 -13.68 -71.33
CA GLY A 44 -8.09 -12.46 -71.59
C GLY A 44 -8.97 -11.36 -72.17
N GLY A 45 -8.30 -10.43 -72.83
CA GLY A 45 -8.94 -9.26 -73.40
C GLY A 45 -8.26 -7.99 -72.94
N ASP A 46 -8.28 -6.99 -73.80
CA ASP A 46 -7.79 -5.65 -73.48
C ASP A 46 -8.96 -4.69 -73.33
N ASP A 47 -10.06 -5.17 -72.75
CA ASP A 47 -11.24 -4.37 -72.47
C ASP A 47 -10.97 -3.40 -71.33
N SER A 48 -11.86 -2.41 -71.21
CA SER A 48 -11.73 -1.38 -70.16
C SER A 48 -11.77 -1.98 -68.76
N PHE A 49 -12.66 -2.94 -68.49
CA PHE A 49 -12.74 -3.51 -67.14
C PHE A 49 -11.49 -4.31 -66.78
N ASN A 50 -10.69 -4.71 -67.78
CA ASN A 50 -9.46 -5.45 -67.54
C ASN A 50 -8.40 -4.57 -66.93
N THR A 51 -8.63 -3.26 -66.86
CA THR A 51 -7.77 -2.36 -66.10
C THR A 51 -7.77 -2.74 -64.63
N PHE A 52 -8.91 -3.22 -64.11
CA PHE A 52 -9.04 -3.58 -62.71
C PHE A 52 -9.16 -5.07 -62.47
N PHE A 53 -9.49 -5.86 -63.49
CA PHE A 53 -9.63 -7.31 -63.36
C PHE A 53 -8.72 -8.01 -64.36
N SER A 54 -7.99 -9.02 -63.87
CA SER A 54 -7.38 -10.00 -64.73
C SER A 54 -8.32 -11.19 -64.92
N GLU A 55 -7.96 -12.07 -65.83
CA GLU A 55 -8.79 -13.23 -66.17
C GLU A 55 -7.96 -14.50 -66.13
N THR A 56 -8.55 -15.58 -65.63
CA THR A 56 -7.93 -16.89 -65.69
C THR A 56 -8.33 -17.60 -66.97
N GLY A 57 -7.56 -18.64 -67.32
CA GLY A 57 -7.95 -19.47 -68.44
C GLY A 57 -9.34 -20.03 -68.23
N ALA A 58 -9.67 -20.35 -66.97
CA ALA A 58 -10.99 -20.79 -66.52
C ALA A 58 -12.03 -19.66 -66.50
N GLY A 59 -11.78 -18.45 -67.01
CA GLY A 59 -12.82 -17.44 -67.08
C GLY A 59 -13.10 -16.68 -65.81
N LYS A 60 -12.23 -16.75 -64.80
CA LYS A 60 -12.44 -16.01 -63.56
C LYS A 60 -11.83 -14.63 -63.65
N HIS A 61 -12.58 -13.62 -63.21
CA HIS A 61 -12.11 -12.24 -63.21
C HIS A 61 -11.66 -11.89 -61.81
N VAL A 62 -10.38 -11.59 -61.66
CA VAL A 62 -9.73 -11.49 -60.36
C VAL A 62 -9.26 -10.05 -60.17
N PRO A 63 -9.63 -9.37 -59.10
CA PRO A 63 -9.20 -7.99 -58.89
C PRO A 63 -7.68 -7.86 -58.94
N ARG A 64 -7.21 -6.80 -59.61
CA ARG A 64 -5.81 -6.41 -59.53
C ARG A 64 -5.62 -5.64 -58.24
N ALA A 65 -5.60 -6.38 -57.14
CA ALA A 65 -5.65 -5.80 -55.81
C ALA A 65 -4.79 -6.60 -54.86
N VAL A 66 -4.28 -5.92 -53.85
CA VAL A 66 -3.60 -6.55 -52.72
C VAL A 66 -4.13 -5.88 -51.47
N PHE A 67 -4.45 -6.69 -50.47
CA PHE A 67 -4.86 -6.20 -49.16
C PHE A 67 -3.73 -6.52 -48.18
N VAL A 68 -3.30 -5.52 -47.41
CA VAL A 68 -2.22 -5.68 -46.44
C VAL A 68 -2.67 -5.07 -45.13
N ASP A 69 -2.54 -5.83 -44.04
CA ASP A 69 -2.75 -5.31 -42.70
C ASP A 69 -1.71 -5.95 -41.77
N LEU A 70 -1.36 -5.22 -40.71
CA LEU A 70 -0.38 -5.69 -39.75
C LEU A 70 -0.98 -6.56 -38.66
N GLU A 71 -2.29 -6.82 -38.72
CA GLU A 71 -2.93 -7.85 -37.91
C GLU A 71 -3.94 -8.56 -38.81
N PRO A 72 -4.35 -9.78 -38.47
CA PRO A 72 -5.14 -10.59 -39.40
C PRO A 72 -6.64 -10.41 -39.29
N THR A 73 -7.13 -9.79 -38.21
CA THR A 73 -8.55 -9.78 -37.89
C THR A 73 -9.42 -9.35 -39.06
N VAL A 74 -9.07 -8.24 -39.71
CA VAL A 74 -9.93 -7.61 -40.71
C VAL A 74 -9.86 -8.36 -42.03
N ILE A 75 -8.65 -8.69 -42.47
CA ILE A 75 -8.49 -9.40 -43.73
C ILE A 75 -9.00 -10.83 -43.63
N ASP A 76 -9.01 -11.41 -42.42
CA ASP A 76 -9.60 -12.74 -42.21
C ASP A 76 -11.07 -12.75 -42.60
N GLU A 77 -11.78 -11.65 -42.39
CA GLU A 77 -13.16 -11.56 -42.84
C GLU A 77 -13.26 -11.52 -44.37
N VAL A 78 -12.26 -10.96 -45.06
CA VAL A 78 -12.21 -11.06 -46.52
C VAL A 78 -11.93 -12.50 -46.95
N ARG A 79 -11.07 -13.19 -46.21
CA ARG A 79 -10.72 -14.56 -46.54
C ARG A 79 -11.91 -15.52 -46.42
N THR A 80 -12.90 -15.17 -45.59
CA THR A 80 -14.08 -15.99 -45.38
C THR A 80 -15.36 -15.29 -45.81
N GLY A 81 -15.27 -14.15 -46.49
CA GLY A 81 -16.44 -13.36 -46.81
C GLY A 81 -17.09 -13.74 -48.14
N THR A 82 -18.13 -12.98 -48.50
CA THR A 82 -18.91 -13.27 -49.70
C THR A 82 -18.04 -13.39 -50.95
N TYR A 83 -16.99 -12.58 -51.04
CA TYR A 83 -16.18 -12.50 -52.25
C TYR A 83 -14.82 -13.16 -52.04
N ARG A 84 -14.75 -14.13 -51.11
CA ARG A 84 -13.48 -14.78 -50.80
C ARG A 84 -12.91 -15.48 -52.03
N GLN A 85 -13.75 -16.14 -52.83
CA GLN A 85 -13.25 -16.79 -54.04
C GLN A 85 -12.72 -15.78 -55.05
N LEU A 86 -13.10 -14.51 -54.92
CA LEU A 86 -12.68 -13.47 -55.86
C LEU A 86 -11.17 -13.25 -55.84
N PHE A 87 -10.57 -13.25 -54.65
CA PHE A 87 -9.17 -12.86 -54.48
C PHE A 87 -8.27 -14.07 -54.35
N HIS A 88 -7.11 -13.98 -55.00
CA HIS A 88 -6.11 -15.02 -54.83
C HIS A 88 -5.51 -14.92 -53.42
N PRO A 89 -5.29 -16.05 -52.75
CA PRO A 89 -4.79 -15.98 -51.37
C PRO A 89 -3.50 -15.17 -51.22
N GLU A 90 -2.59 -15.17 -52.22
CA GLU A 90 -1.37 -14.36 -52.11
C GLU A 90 -1.65 -12.88 -52.04
N GLN A 91 -2.85 -12.44 -52.47
CA GLN A 91 -3.20 -11.03 -52.45
C GLN A 91 -3.57 -10.51 -51.07
N LEU A 92 -3.83 -11.39 -50.11
CA LEU A 92 -4.28 -11.01 -48.77
C LEU A 92 -3.11 -11.26 -47.82
N ILE A 93 -2.47 -10.19 -47.38
CA ILE A 93 -1.24 -10.26 -46.60
C ILE A 93 -1.55 -9.79 -45.18
N THR A 94 -1.09 -10.55 -44.21
CA THR A 94 -1.44 -10.35 -42.82
C THR A 94 -0.20 -10.46 -41.95
N GLY A 95 -0.12 -9.60 -40.95
CA GLY A 95 0.81 -9.76 -39.86
C GLY A 95 0.18 -10.43 -38.66
N LYS A 96 0.80 -10.22 -37.50
CA LYS A 96 0.26 -10.80 -36.28
C LYS A 96 0.12 -9.73 -35.20
N GLU A 97 1.01 -8.75 -35.22
CA GLU A 97 1.03 -7.66 -34.27
C GLU A 97 0.72 -6.35 -35.01
N ASP A 98 -0.37 -5.66 -34.68
CA ASP A 98 -0.66 -4.44 -35.42
C ASP A 98 0.23 -3.30 -34.92
N ALA A 99 -0.05 -2.08 -35.39
CA ALA A 99 0.76 -0.90 -35.14
C ALA A 99 0.36 -0.16 -33.86
N ALA A 100 -0.66 -0.63 -33.15
CA ALA A 100 -1.06 -0.02 -31.87
C ALA A 100 -1.32 1.49 -32.02
N ASN A 101 -1.97 1.89 -33.11
CA ASN A 101 -2.30 3.29 -33.35
C ASN A 101 -1.06 4.16 -33.43
N ASN A 102 0.07 3.58 -33.79
CA ASN A 102 1.36 4.25 -33.65
C ASN A 102 2.04 4.28 -35.01
N TYR A 103 2.08 5.47 -35.64
CA TYR A 103 2.73 5.62 -36.94
C TYR A 103 4.13 5.02 -36.96
N ALA A 104 4.93 5.28 -35.91
CA ALA A 104 6.32 4.80 -35.85
C ALA A 104 6.40 3.28 -35.75
N ARG A 105 5.39 2.64 -35.18
CA ARG A 105 5.37 1.18 -35.14
C ARG A 105 5.05 0.61 -36.52
N GLY A 106 4.14 1.26 -37.25
CA GLY A 106 3.86 0.83 -38.61
C GLY A 106 4.98 1.13 -39.59
N HIS A 107 5.62 2.30 -39.46
CA HIS A 107 6.60 2.71 -40.46
C HIS A 107 7.98 2.10 -40.21
N TYR A 108 8.39 2.01 -38.94
CA TYR A 108 9.74 1.59 -38.59
C TYR A 108 9.76 0.18 -38.01
N THR A 109 9.06 -0.07 -36.91
CA THR A 109 9.29 -1.31 -36.20
C THR A 109 8.70 -2.50 -36.92
N ILE A 110 7.39 -2.50 -37.11
CA ILE A 110 6.71 -3.64 -37.71
C ILE A 110 6.78 -3.55 -39.22
N GLY A 111 6.72 -2.33 -39.77
CA GLY A 111 6.71 -2.20 -41.22
C GLY A 111 7.99 -2.70 -41.87
N LYS A 112 9.15 -2.42 -41.25
CA LYS A 112 10.41 -2.84 -41.88
C LYS A 112 10.49 -4.35 -42.00
N GLU A 113 9.70 -5.09 -41.23
CA GLU A 113 9.72 -6.55 -41.26
C GLU A 113 8.88 -7.15 -42.36
N ILE A 114 7.93 -6.42 -42.90
CA ILE A 114 7.00 -6.99 -43.85
C ILE A 114 7.01 -6.27 -45.19
N ILE A 115 7.75 -5.17 -45.31
CA ILE A 115 7.74 -4.37 -46.54
C ILE A 115 8.23 -5.18 -47.74
N ASP A 116 9.30 -5.97 -47.55
CA ASP A 116 9.83 -6.76 -48.67
C ASP A 116 8.81 -7.78 -49.15
N LEU A 117 8.12 -8.45 -48.23
CA LEU A 117 7.08 -9.40 -48.65
C LEU A 117 5.98 -8.70 -49.46
N VAL A 118 5.51 -7.55 -48.99
CA VAL A 118 4.43 -6.84 -49.67
C VAL A 118 4.85 -6.44 -51.07
N LEU A 119 6.08 -5.94 -51.23
CA LEU A 119 6.56 -5.52 -52.54
C LEU A 119 6.76 -6.70 -53.49
N ASP A 120 7.06 -7.89 -52.96
CA ASP A 120 7.12 -9.06 -53.84
C ASP A 120 5.74 -9.51 -54.30
N ARG A 121 4.74 -9.47 -53.41
CA ARG A 121 3.37 -9.77 -53.81
C ARG A 121 2.85 -8.74 -54.81
N ILE A 122 3.20 -7.46 -54.63
CA ILE A 122 2.85 -6.44 -55.62
C ILE A 122 3.57 -6.71 -56.94
N ARG A 123 4.87 -7.04 -56.88
CA ARG A 123 5.62 -7.35 -58.09
C ARG A 123 4.98 -8.48 -58.89
N LYS A 124 4.36 -9.44 -58.19
CA LYS A 124 3.71 -10.54 -58.86
C LYS A 124 2.53 -10.08 -59.71
N LEU A 125 1.72 -9.14 -59.20
CA LEU A 125 0.62 -8.60 -59.99
C LEU A 125 1.12 -7.74 -61.14
N ALA A 126 2.17 -6.95 -60.90
CA ALA A 126 2.74 -6.11 -61.94
C ALA A 126 3.21 -6.94 -63.12
N ASP A 127 3.74 -8.14 -62.84
CA ASP A 127 4.27 -9.02 -63.89
C ASP A 127 3.19 -9.56 -64.81
N GLN A 128 1.93 -9.55 -64.40
CA GLN A 128 0.83 -9.89 -65.28
C GLN A 128 0.28 -8.68 -66.02
N CYS A 129 0.89 -7.51 -65.84
CA CYS A 129 0.46 -6.30 -66.52
C CYS A 129 1.30 -6.09 -67.76
N THR A 130 0.64 -5.85 -68.90
CA THR A 130 1.38 -5.56 -70.12
C THR A 130 1.86 -4.12 -70.16
N GLY A 131 1.08 -3.18 -69.63
CA GLY A 131 1.58 -1.86 -69.36
C GLY A 131 0.93 -1.30 -68.10
N LEU A 132 1.71 -1.26 -67.01
CA LEU A 132 1.22 -0.79 -65.73
C LEU A 132 1.13 0.74 -65.72
N GLN A 133 -0.06 1.26 -65.38
CA GLN A 133 -0.24 2.71 -65.24
C GLN A 133 0.24 3.20 -63.88
N GLY A 134 -0.11 2.48 -62.82
CA GLY A 134 0.24 2.92 -61.49
C GLY A 134 -0.71 2.32 -60.48
N PHE A 135 -0.79 2.99 -59.33
CA PHE A 135 -1.43 2.41 -58.15
C PHE A 135 -2.53 3.32 -57.59
N LEU A 136 -3.55 2.67 -56.99
CA LEU A 136 -4.56 3.31 -56.17
C LEU A 136 -4.40 2.78 -54.77
N VAL A 137 -4.12 3.68 -53.82
CA VAL A 137 -3.77 3.31 -52.46
C VAL A 137 -4.83 3.85 -51.51
N PHE A 138 -5.47 2.93 -50.77
CA PHE A 138 -6.54 3.25 -49.82
C PHE A 138 -6.03 3.03 -48.41
N HIS A 139 -6.28 3.99 -47.51
CA HIS A 139 -5.82 3.91 -46.12
C HIS A 139 -6.43 5.04 -45.29
N SER A 140 -6.31 4.92 -43.97
CA SER A 140 -6.64 5.99 -43.04
C SER A 140 -5.40 6.83 -42.75
N PHE A 141 -5.64 8.12 -42.41
CA PHE A 141 -4.58 8.95 -41.84
C PHE A 141 -4.27 8.56 -40.41
N GLY A 142 -5.26 8.11 -39.66
CA GLY A 142 -5.19 7.99 -38.22
C GLY A 142 -4.67 6.66 -37.68
N GLY A 143 -4.88 5.57 -38.41
CA GLY A 143 -4.39 4.29 -37.96
C GLY A 143 -2.88 4.21 -37.98
N GLY A 144 -2.33 3.36 -37.10
CA GLY A 144 -0.90 3.12 -37.11
C GLY A 144 -0.44 2.41 -38.37
N THR A 145 -1.26 1.49 -38.90
CA THR A 145 -0.90 0.87 -40.16
C THR A 145 -1.22 1.80 -41.33
N GLY A 146 -2.46 2.30 -41.37
CA GLY A 146 -2.85 3.20 -42.46
C GLY A 146 -1.88 4.34 -42.68
N SER A 147 -1.34 4.90 -41.60
CA SER A 147 -0.43 6.04 -41.76
C SER A 147 1.01 5.60 -41.97
N GLY A 148 1.56 4.80 -41.03
CA GLY A 148 2.98 4.50 -41.03
C GLY A 148 3.41 3.48 -42.07
N PHE A 149 2.67 2.38 -42.22
CA PHE A 149 3.07 1.43 -43.25
C PHE A 149 2.83 2.01 -44.65
N THR A 150 1.72 2.74 -44.84
CA THR A 150 1.44 3.31 -46.16
C THR A 150 2.58 4.21 -46.64
N SER A 151 3.12 5.06 -45.75
CA SER A 151 4.16 5.97 -46.21
C SER A 151 5.43 5.20 -46.54
N LEU A 152 5.72 4.13 -45.80
CA LEU A 152 6.86 3.29 -46.14
C LEU A 152 6.67 2.67 -47.52
N LEU A 153 5.48 2.14 -47.78
CA LEU A 153 5.19 1.54 -49.08
C LEU A 153 5.27 2.58 -50.22
N MET A 154 4.75 3.79 -49.99
CA MET A 154 4.78 4.82 -51.02
C MET A 154 6.22 5.18 -51.40
N GLU A 155 7.12 5.23 -50.43
CA GLU A 155 8.52 5.49 -50.74
C GLU A 155 9.10 4.39 -51.64
N ARG A 156 8.85 3.12 -51.29
CA ARG A 156 9.39 2.00 -52.04
C ARG A 156 8.75 1.90 -53.42
N LEU A 157 7.46 2.24 -53.53
CA LEU A 157 6.84 2.21 -54.85
C LEU A 157 7.50 3.24 -55.77
N SER A 158 7.87 4.41 -55.24
CA SER A 158 8.60 5.40 -56.04
C SER A 158 9.94 4.86 -56.50
N VAL A 159 10.62 4.08 -55.64
CA VAL A 159 11.91 3.53 -56.05
C VAL A 159 11.70 2.44 -57.10
N ASP A 160 10.80 1.49 -56.82
CA ASP A 160 10.64 0.30 -57.64
C ASP A 160 9.80 0.54 -58.90
N TYR A 161 9.00 1.59 -58.94
CA TYR A 161 8.13 1.91 -60.08
C TYR A 161 8.21 3.40 -60.40
N GLY A 162 9.43 3.90 -60.55
CA GLY A 162 9.66 5.31 -60.79
C GLY A 162 8.75 6.08 -61.74
N LYS A 163 8.33 5.45 -62.83
CA LYS A 163 7.57 6.14 -63.88
C LYS A 163 6.05 6.06 -63.68
N LYS A 164 5.58 5.52 -62.56
CA LYS A 164 4.18 5.13 -62.43
C LYS A 164 3.44 6.08 -61.48
N SER A 165 2.24 6.45 -61.88
CA SER A 165 1.40 7.32 -61.08
C SER A 165 0.90 6.63 -59.82
N LYS A 166 0.78 7.39 -58.75
CA LYS A 166 0.24 6.88 -57.49
C LYS A 166 -0.86 7.81 -57.02
N LEU A 167 -2.07 7.30 -56.88
CA LEU A 167 -3.19 8.07 -56.37
C LEU A 167 -3.59 7.53 -54.99
N GLU A 168 -4.16 8.41 -54.16
CA GLU A 168 -4.58 8.05 -52.81
C GLU A 168 -6.07 8.31 -52.62
N PHE A 169 -6.69 7.39 -51.91
CA PHE A 169 -7.99 7.58 -51.28
C PHE A 169 -7.73 7.48 -49.78
N SER A 170 -7.88 8.59 -49.05
CA SER A 170 -7.37 8.75 -47.70
C SER A 170 -8.47 9.16 -46.75
N ILE A 171 -8.59 8.49 -45.60
CA ILE A 171 -9.63 8.78 -44.62
C ILE A 171 -9.05 9.70 -43.55
N TYR A 172 -9.53 10.93 -43.55
CA TYR A 172 -9.18 11.99 -42.64
C TYR A 172 -9.92 11.77 -41.32
N PRO A 173 -9.26 11.97 -40.17
CA PRO A 173 -9.84 11.52 -38.89
C PRO A 173 -10.96 12.42 -38.37
N ALA A 174 -11.98 11.79 -37.79
CA ALA A 174 -13.09 12.48 -37.17
C ALA A 174 -13.34 11.91 -35.77
N PRO A 175 -13.53 12.78 -34.78
CA PRO A 175 -13.74 12.27 -33.41
C PRO A 175 -14.95 11.36 -33.26
N GLN A 176 -16.02 11.56 -34.04
CA GLN A 176 -17.20 10.72 -33.89
C GLN A 176 -16.91 9.23 -34.08
N VAL A 177 -15.95 8.87 -34.92
CA VAL A 177 -15.75 7.45 -35.18
C VAL A 177 -14.29 7.05 -35.06
N SER A 178 -13.45 7.97 -34.58
CA SER A 178 -12.02 7.68 -34.43
C SER A 178 -11.79 6.66 -33.32
N THR A 179 -10.63 6.01 -33.36
CA THR A 179 -10.30 4.99 -32.38
C THR A 179 -9.11 5.36 -31.51
N ALA A 180 -8.38 6.44 -31.83
CA ALA A 180 -7.18 6.79 -31.10
C ALA A 180 -7.13 8.29 -30.89
N VAL A 181 -6.48 8.69 -29.79
CA VAL A 181 -6.32 10.09 -29.42
C VAL A 181 -5.14 10.73 -30.14
N VAL A 182 -4.22 9.93 -30.66
CA VAL A 182 -3.03 10.40 -31.37
C VAL A 182 -3.23 10.44 -32.89
N GLU A 183 -4.46 10.34 -33.36
CA GLU A 183 -4.66 10.38 -34.81
C GLU A 183 -4.11 11.64 -35.46
N PRO A 184 -4.20 12.82 -34.84
CA PRO A 184 -3.55 14.01 -35.43
C PRO A 184 -2.06 13.85 -35.67
N TYR A 185 -1.34 13.19 -34.76
CA TYR A 185 0.09 12.93 -34.97
C TYR A 185 0.31 12.06 -36.21
N ASN A 186 -0.41 10.93 -36.29
CA ASN A 186 -0.18 9.98 -37.38
C ASN A 186 -0.51 10.62 -38.73
N SER A 187 -1.56 11.43 -38.78
CA SER A 187 -1.97 12.12 -40.00
C SER A 187 -0.86 13.02 -40.53
N ILE A 188 -0.31 13.89 -39.67
CA ILE A 188 0.74 14.80 -40.13
C ILE A 188 2.00 14.02 -40.50
N LEU A 189 2.33 12.98 -39.74
CA LEU A 189 3.50 12.18 -40.07
C LEU A 189 3.34 11.48 -41.42
N THR A 190 2.16 10.93 -41.72
CA THR A 190 2.02 10.23 -42.98
C THR A 190 1.86 11.20 -44.16
N THR A 191 1.21 12.36 -43.94
CA THR A 191 1.12 13.36 -45.01
C THR A 191 2.50 13.88 -45.40
N HIS A 192 3.33 14.21 -44.41
CA HIS A 192 4.66 14.75 -44.68
C HIS A 192 5.51 13.77 -45.48
N THR A 193 5.62 12.53 -45.01
CA THR A 193 6.46 11.54 -45.69
C THR A 193 5.89 11.14 -47.06
N THR A 194 4.56 11.19 -47.23
CA THR A 194 3.95 10.70 -48.45
C THR A 194 3.79 11.77 -49.53
N LEU A 195 3.87 13.06 -49.16
CA LEU A 195 3.41 14.14 -50.04
C LEU A 195 4.10 14.08 -51.40
N GLU A 196 5.43 13.91 -51.40
CA GLU A 196 6.19 13.83 -52.63
C GLU A 196 5.91 12.57 -53.46
N HIS A 197 5.40 11.50 -52.85
CA HIS A 197 5.26 10.26 -53.58
C HIS A 197 3.87 10.05 -54.14
N SER A 198 2.98 11.02 -53.93
CA SER A 198 1.61 10.90 -54.36
C SER A 198 1.33 11.96 -55.43
N ASP A 199 0.64 11.56 -56.49
CA ASP A 199 0.34 12.49 -57.55
C ASP A 199 -1.03 13.13 -57.38
N CYS A 200 -1.93 12.46 -56.64
CA CYS A 200 -3.29 12.96 -56.48
C CYS A 200 -3.90 12.18 -55.32
N ALA A 201 -4.52 12.88 -54.39
CA ALA A 201 -5.03 12.25 -53.19
C ALA A 201 -6.44 12.79 -52.96
N PHE A 202 -7.40 11.90 -52.86
CA PHE A 202 -8.77 12.29 -52.57
C PHE A 202 -9.02 12.05 -51.07
N MET A 203 -9.12 13.13 -50.29
CA MET A 203 -9.39 13.00 -48.87
C MET A 203 -10.87 12.83 -48.59
N VAL A 204 -11.20 11.91 -47.70
CA VAL A 204 -12.57 11.76 -47.22
C VAL A 204 -12.57 11.98 -45.72
N ASP A 205 -13.25 13.03 -45.28
CA ASP A 205 -13.37 13.33 -43.86
C ASP A 205 -14.55 12.52 -43.32
N ASN A 206 -14.24 11.64 -42.37
CA ASN A 206 -15.28 10.78 -41.78
C ASN A 206 -16.39 11.61 -41.15
N GLU A 207 -16.06 12.83 -40.69
CA GLU A 207 -17.09 13.72 -40.19
C GLU A 207 -18.10 14.04 -41.27
N ALA A 208 -17.64 14.33 -42.49
CA ALA A 208 -18.56 14.63 -43.58
C ALA A 208 -19.42 13.42 -43.95
N ILE A 209 -18.81 12.23 -44.05
CA ILE A 209 -19.57 11.05 -44.45
C ILE A 209 -20.59 10.70 -43.39
N TYR A 210 -20.21 10.87 -42.13
CA TYR A 210 -21.06 10.54 -41.00
C TYR A 210 -22.33 11.39 -41.01
N ASP A 211 -22.16 12.70 -41.16
CA ASP A 211 -23.30 13.62 -41.22
C ASP A 211 -24.14 13.37 -42.44
N ILE A 212 -23.54 13.09 -43.58
CA ILE A 212 -24.36 12.78 -44.75
C ILE A 212 -25.23 11.57 -44.47
N CYS A 213 -24.68 10.55 -43.82
CA CYS A 213 -25.46 9.37 -43.46
C CYS A 213 -26.59 9.70 -42.49
N ARG A 214 -26.34 10.58 -41.52
CA ARG A 214 -27.38 10.99 -40.57
C ARG A 214 -28.45 11.84 -41.23
N ARG A 215 -28.04 12.87 -41.97
CA ARG A 215 -28.97 13.79 -42.60
C ARG A 215 -29.79 13.13 -43.71
N ASN A 216 -29.10 12.51 -44.68
CA ASN A 216 -29.74 12.13 -45.93
C ASN A 216 -30.15 10.67 -45.97
N LEU A 217 -29.58 9.83 -45.11
CA LEU A 217 -29.98 8.44 -45.03
C LEU A 217 -30.74 8.15 -43.75
N ASP A 218 -30.90 9.13 -42.87
CA ASP A 218 -31.63 8.97 -41.62
C ASP A 218 -31.11 7.79 -40.82
N ILE A 219 -29.80 7.63 -40.78
CA ILE A 219 -29.17 6.64 -39.91
C ILE A 219 -28.81 7.36 -38.61
N GLU A 220 -29.36 6.85 -37.49
CA GLU A 220 -29.21 7.50 -36.19
C GLU A 220 -27.74 7.56 -35.76
N ARG A 221 -27.04 6.43 -35.86
CA ARG A 221 -25.61 6.40 -35.61
C ARG A 221 -24.93 5.54 -36.66
N PRO A 222 -24.39 6.15 -37.72
CA PRO A 222 -23.79 5.36 -38.81
C PRO A 222 -22.65 4.48 -38.31
N THR A 223 -22.55 3.29 -38.89
CA THR A 223 -21.43 2.39 -38.68
C THR A 223 -20.44 2.51 -39.83
N TYR A 224 -19.29 1.83 -39.68
CA TYR A 224 -18.34 1.75 -40.78
C TYR A 224 -19.02 1.22 -42.03
N THR A 225 -19.96 0.28 -41.87
CA THR A 225 -20.61 -0.26 -43.06
C THR A 225 -21.42 0.80 -43.78
N ASN A 226 -22.18 1.61 -43.05
CA ASN A 226 -22.92 2.70 -43.69
C ASN A 226 -21.95 3.63 -44.41
N LEU A 227 -20.87 4.06 -43.72
CA LEU A 227 -19.93 4.99 -44.31
C LEU A 227 -19.28 4.41 -45.56
N ASN A 228 -18.92 3.12 -45.51
CA ASN A 228 -18.10 2.56 -46.57
C ASN A 228 -18.87 2.34 -47.85
N ARG A 229 -20.17 2.01 -47.74
CA ARG A 229 -21.01 1.94 -48.93
C ARG A 229 -21.16 3.31 -49.58
N LEU A 230 -21.33 4.35 -48.77
CA LEU A 230 -21.37 5.67 -49.37
C LEU A 230 -20.02 6.02 -49.99
N ILE A 231 -18.93 5.75 -49.25
CA ILE A 231 -17.61 6.06 -49.76
C ILE A 231 -17.33 5.28 -51.03
N SER A 232 -17.76 4.00 -51.09
CA SER A 232 -17.48 3.23 -52.29
C SER A 232 -18.20 3.76 -53.51
N GLN A 233 -19.41 4.33 -53.31
CA GLN A 233 -20.09 5.04 -54.42
C GLN A 233 -19.26 6.20 -54.96
N ILE A 234 -18.68 7.01 -54.07
CA ILE A 234 -17.85 8.13 -54.51
C ILE A 234 -16.61 7.61 -55.21
N VAL A 235 -15.93 6.62 -54.60
CA VAL A 235 -14.75 6.04 -55.26
C VAL A 235 -15.14 5.47 -56.63
N SER A 236 -16.27 4.79 -56.71
CA SER A 236 -16.68 4.24 -58.00
C SER A 236 -16.91 5.36 -59.02
N SER A 237 -17.50 6.49 -58.60
CA SER A 237 -17.67 7.60 -59.54
C SER A 237 -16.32 8.06 -60.08
N ILE A 238 -15.32 8.13 -59.20
CA ILE A 238 -14.02 8.64 -59.59
C ILE A 238 -13.29 7.67 -60.51
N THR A 239 -13.39 6.36 -60.26
CA THR A 239 -12.63 5.41 -61.06
C THR A 239 -13.38 4.92 -62.30
N ALA A 240 -14.66 5.30 -62.47
CA ALA A 240 -15.47 4.79 -63.58
C ALA A 240 -14.82 5.06 -64.93
N SER A 241 -14.15 6.21 -65.06
CA SER A 241 -13.52 6.55 -66.34
C SER A 241 -12.39 5.57 -66.67
N LEU A 242 -11.78 4.95 -65.66
CA LEU A 242 -10.73 3.96 -65.90
C LEU A 242 -11.29 2.60 -66.28
N ARG A 243 -12.53 2.30 -65.92
CA ARG A 243 -13.08 0.96 -66.08
C ARG A 243 -14.09 0.85 -67.23
N PHE A 244 -14.54 1.97 -67.78
CA PHE A 244 -15.55 2.05 -68.84
C PHE A 244 -15.01 2.84 -70.04
N ASP A 245 -15.67 2.67 -71.18
CA ASP A 245 -15.31 3.42 -72.39
C ASP A 245 -15.61 4.90 -72.19
N GLY A 246 -14.74 5.74 -72.75
CA GLY A 246 -14.89 7.18 -72.62
C GLY A 246 -13.60 7.87 -72.98
N ALA A 247 -13.63 9.21 -72.89
CA ALA A 247 -12.51 10.03 -73.33
C ALA A 247 -12.03 11.02 -72.27
N LEU A 248 -12.54 10.96 -71.04
CA LEU A 248 -12.10 11.83 -69.94
C LEU A 248 -11.57 10.99 -68.78
N ASN A 249 -10.42 11.41 -68.23
CA ASN A 249 -9.71 10.70 -67.16
C ASN A 249 -9.56 9.20 -67.48
N VAL A 250 -9.00 8.92 -68.65
CA VAL A 250 -8.88 7.53 -69.08
C VAL A 250 -7.62 6.85 -68.55
N ASP A 251 -6.61 7.60 -68.12
CA ASP A 251 -5.50 7.03 -67.38
C ASP A 251 -5.14 7.91 -66.19
N LEU A 252 -4.34 7.34 -65.30
CA LEU A 252 -3.96 8.00 -64.05
C LEU A 252 -3.23 9.31 -64.30
N THR A 253 -2.44 9.37 -65.37
CA THR A 253 -1.75 10.59 -65.75
C THR A 253 -2.73 11.74 -65.99
N GLU A 254 -3.91 11.44 -66.52
CA GLU A 254 -4.89 12.48 -66.79
C GLU A 254 -5.48 13.07 -65.51
N PHE A 255 -5.48 12.32 -64.40
CA PHE A 255 -5.96 12.86 -63.13
C PHE A 255 -5.10 14.02 -62.67
N GLN A 256 -3.78 13.86 -62.74
CA GLN A 256 -2.88 14.98 -62.45
C GLN A 256 -3.09 16.10 -63.45
N THR A 257 -3.02 15.76 -64.74
CA THR A 257 -3.18 16.78 -65.77
C THR A 257 -4.43 17.61 -65.55
N ASN A 258 -5.56 16.94 -65.32
CA ASN A 258 -6.80 17.69 -65.26
C ASN A 258 -7.03 18.33 -63.88
N LEU A 259 -6.51 17.74 -62.81
CA LEU A 259 -6.89 18.22 -61.48
C LEU A 259 -5.78 18.87 -60.69
N VAL A 260 -4.51 18.67 -61.06
CA VAL A 260 -3.42 19.15 -60.21
C VAL A 260 -2.40 19.94 -61.03
N PRO A 261 -2.60 21.23 -61.24
CA PRO A 261 -1.56 22.01 -61.94
C PRO A 261 -0.36 22.26 -61.05
N TYR A 262 -0.52 22.34 -59.73
CA TYR A 262 0.71 22.47 -58.99
C TYR A 262 0.88 21.24 -58.09
N PRO A 263 2.07 20.64 -58.09
CA PRO A 263 2.25 19.31 -57.49
C PRO A 263 1.93 19.16 -56.02
N ARG A 264 2.29 20.12 -55.15
CA ARG A 264 2.00 19.90 -53.74
C ARG A 264 0.52 20.08 -53.42
N ILE A 265 -0.17 20.91 -54.18
CA ILE A 265 -1.61 21.14 -53.97
C ILE A 265 -2.31 20.09 -54.84
N HIS A 266 -2.37 18.87 -54.31
CA HIS A 266 -2.87 17.75 -55.11
C HIS A 266 -3.96 16.98 -54.37
N PHE A 267 -4.85 17.70 -53.68
CA PHE A 267 -5.93 17.11 -52.87
C PHE A 267 -7.24 17.67 -53.41
N PRO A 268 -7.83 17.04 -54.42
CA PRO A 268 -9.09 17.57 -54.97
C PRO A 268 -10.24 17.31 -54.01
N LEU A 269 -11.16 18.26 -53.94
CA LEU A 269 -12.37 18.09 -53.15
C LEU A 269 -13.42 17.31 -53.95
N ALA A 270 -13.98 16.27 -53.34
CA ALA A 270 -15.06 15.52 -53.95
C ALA A 270 -16.39 15.93 -53.32
N THR A 271 -17.39 16.14 -54.16
CA THR A 271 -18.76 16.48 -53.78
C THR A 271 -19.68 15.53 -54.53
N TYR A 272 -20.64 14.92 -53.83
CA TYR A 272 -21.45 13.87 -54.45
C TYR A 272 -22.93 14.14 -54.25
N ALA A 273 -23.73 13.90 -55.30
CA ALA A 273 -25.18 14.09 -55.20
C ALA A 273 -25.86 13.24 -56.26
N PRO A 274 -27.09 12.79 -56.02
CA PRO A 274 -27.87 12.97 -54.79
C PRO A 274 -27.72 11.76 -53.87
N VAL A 275 -27.77 11.93 -52.56
CA VAL A 275 -27.75 10.84 -51.60
C VAL A 275 -29.15 10.73 -51.02
N ILE A 276 -29.82 9.61 -51.31
CA ILE A 276 -31.25 9.45 -51.05
C ILE A 276 -31.45 8.13 -50.34
N SER A 277 -32.24 8.16 -49.27
CA SER A 277 -32.43 6.97 -48.46
C SER A 277 -33.23 5.93 -49.22
N ALA A 278 -32.83 4.67 -49.09
CA ALA A 278 -33.62 3.58 -49.64
C ALA A 278 -35.00 3.49 -48.98
N GLU A 279 -35.17 4.13 -47.83
CA GLU A 279 -36.42 4.03 -47.07
C GLU A 279 -37.48 4.99 -47.58
N LYS A 280 -37.11 6.03 -48.32
CA LYS A 280 -38.09 6.97 -48.86
C LYS A 280 -38.99 6.27 -49.88
N ALA A 281 -40.26 6.04 -49.52
CA ALA A 281 -41.19 5.43 -50.47
C ALA A 281 -41.43 6.34 -51.66
N TYR A 282 -41.75 7.61 -51.42
CA TYR A 282 -41.98 8.60 -52.47
C TYR A 282 -40.78 9.53 -52.53
N HIS A 283 -40.01 9.44 -53.61
CA HIS A 283 -38.95 10.39 -53.90
C HIS A 283 -39.17 10.98 -55.28
N GLU A 284 -39.20 12.31 -55.34
CA GLU A 284 -39.20 13.02 -56.63
C GLU A 284 -37.78 13.05 -57.17
N GLN A 285 -37.59 12.45 -58.35
CA GLN A 285 -36.27 12.36 -58.96
C GLN A 285 -35.75 13.75 -59.28
N LEU A 286 -34.48 13.97 -58.95
CA LEU A 286 -33.80 15.24 -59.14
C LEU A 286 -33.23 15.39 -60.54
N SER A 287 -33.39 16.58 -61.11
CA SER A 287 -32.97 16.95 -62.44
C SER A 287 -31.46 17.17 -62.50
N VAL A 288 -30.96 17.37 -63.72
CA VAL A 288 -29.55 17.73 -63.89
C VAL A 288 -29.23 19.02 -63.16
N ALA A 289 -30.13 20.00 -63.27
CA ALA A 289 -29.84 21.29 -62.64
C ALA A 289 -29.76 21.15 -61.13
N GLU A 290 -30.67 20.36 -60.53
CA GLU A 290 -30.67 20.22 -59.07
C GLU A 290 -29.46 19.42 -58.55
N ILE A 291 -29.09 18.31 -59.20
CA ILE A 291 -27.94 17.55 -58.68
C ILE A 291 -26.66 18.33 -58.89
N THR A 292 -26.56 19.08 -60.00
CA THR A 292 -25.38 19.91 -60.25
C THR A 292 -25.29 21.04 -59.24
N ASN A 293 -26.38 21.76 -59.01
CA ASN A 293 -26.39 22.80 -57.99
C ASN A 293 -25.96 22.25 -56.63
N ALA A 294 -26.36 21.01 -56.33
CA ALA A 294 -26.05 20.38 -55.05
C ALA A 294 -24.54 20.18 -54.88
N CYS A 295 -23.78 20.18 -55.98
CA CYS A 295 -22.33 20.07 -55.95
C CYS A 295 -21.64 21.27 -55.34
N PHE A 296 -22.35 22.38 -55.14
CA PHE A 296 -21.78 23.57 -54.52
C PHE A 296 -22.29 23.81 -53.12
N GLU A 297 -22.98 22.82 -52.53
CA GLU A 297 -23.45 22.88 -51.17
C GLU A 297 -22.43 22.21 -50.24
N PRO A 298 -21.83 22.91 -49.28
CA PRO A 298 -20.84 22.26 -48.42
C PRO A 298 -21.33 20.98 -47.74
N ALA A 299 -22.64 20.87 -47.53
CA ALA A 299 -23.22 19.70 -46.88
C ALA A 299 -23.08 18.42 -47.68
N ASN A 300 -22.79 18.51 -48.96
CA ASN A 300 -22.60 17.33 -49.78
C ASN A 300 -21.14 17.04 -50.07
N GLN A 301 -20.20 17.81 -49.50
CA GLN A 301 -18.78 17.62 -49.77
C GLN A 301 -18.18 16.52 -48.88
N MET A 302 -17.18 15.81 -49.44
CA MET A 302 -16.44 14.79 -48.66
C MET A 302 -15.62 15.40 -47.54
N VAL A 303 -15.37 16.70 -47.61
CA VAL A 303 -14.71 17.42 -46.53
C VAL A 303 -15.50 18.70 -46.35
N LYS A 304 -16.06 18.92 -45.17
CA LYS A 304 -16.76 20.18 -44.88
C LYS A 304 -15.77 21.33 -44.89
N CYS A 305 -16.02 22.33 -45.72
CA CYS A 305 -15.20 23.53 -45.90
C CYS A 305 -15.99 24.43 -46.84
N ASP A 306 -15.51 25.65 -47.04
CA ASP A 306 -16.31 26.65 -47.77
C ASP A 306 -15.59 27.12 -49.04
N PRO A 307 -15.88 26.50 -50.18
CA PRO A 307 -15.19 26.90 -51.44
C PRO A 307 -15.45 28.33 -51.86
N ARG A 308 -16.49 28.99 -51.35
CA ARG A 308 -16.68 30.40 -51.69
C ARG A 308 -15.51 31.26 -51.24
N HIS A 309 -14.79 30.84 -50.21
CA HIS A 309 -13.65 31.57 -49.67
C HIS A 309 -12.31 30.93 -50.03
N GLY A 310 -12.24 30.30 -51.18
CA GLY A 310 -10.97 29.85 -51.72
C GLY A 310 -11.01 30.12 -53.21
N LYS A 311 -10.03 29.62 -53.95
CA LYS A 311 -10.04 29.71 -55.39
C LYS A 311 -9.89 28.32 -55.98
N TYR A 312 -10.49 28.14 -57.15
CA TYR A 312 -10.43 26.89 -57.90
C TYR A 312 -9.24 26.89 -58.86
N MET A 313 -8.62 25.74 -59.01
CA MET A 313 -7.59 25.55 -60.02
C MET A 313 -7.99 24.57 -61.11
N ALA A 314 -9.08 23.81 -60.94
CA ALA A 314 -9.60 22.81 -61.88
C ALA A 314 -10.94 22.32 -61.36
N CYS A 315 -11.77 21.83 -62.27
CA CYS A 315 -13.09 21.36 -61.87
C CYS A 315 -13.65 20.36 -62.89
N CYS A 316 -13.95 19.14 -62.42
CA CYS A 316 -14.55 18.09 -63.24
C CYS A 316 -15.89 17.68 -62.67
N LEU A 317 -16.83 17.39 -63.55
CA LEU A 317 -18.14 16.88 -63.20
C LEU A 317 -18.28 15.50 -63.82
N LEU A 318 -18.51 14.49 -62.99
CA LEU A 318 -18.62 13.11 -63.45
C LEU A 318 -20.09 12.70 -63.22
N TYR A 319 -20.87 12.66 -64.28
CA TYR A 319 -22.27 12.27 -64.21
C TYR A 319 -22.43 10.77 -64.48
N ARG A 320 -23.44 10.17 -63.84
CA ARG A 320 -23.86 8.81 -64.17
C ARG A 320 -25.37 8.80 -64.29
N GLY A 321 -25.88 8.28 -65.42
CA GLY A 321 -27.30 8.13 -65.66
C GLY A 321 -27.78 8.97 -66.84
N ASP A 322 -29.04 9.40 -66.75
CA ASP A 322 -29.76 10.08 -67.81
C ASP A 322 -29.37 11.56 -67.84
N VAL A 323 -28.25 11.84 -68.51
CA VAL A 323 -27.69 13.18 -68.56
C VAL A 323 -27.23 13.42 -69.98
N VAL A 324 -27.58 14.58 -70.54
CA VAL A 324 -27.12 14.98 -71.86
C VAL A 324 -26.38 16.31 -71.74
N PRO A 325 -25.40 16.60 -72.61
CA PRO A 325 -24.55 17.80 -72.42
C PRO A 325 -25.32 19.09 -72.32
N LYS A 326 -26.44 19.20 -73.04
CA LYS A 326 -27.21 20.44 -73.06
C LYS A 326 -27.75 20.78 -71.67
N ASP A 327 -28.31 19.80 -70.98
CA ASP A 327 -28.79 20.02 -69.62
C ASP A 327 -27.67 20.46 -68.71
N VAL A 328 -26.46 19.90 -68.90
CA VAL A 328 -25.32 20.28 -68.07
C VAL A 328 -24.96 21.75 -68.25
N ASN A 329 -24.78 22.18 -69.49
CA ASN A 329 -24.41 23.58 -69.76
C ASN A 329 -25.50 24.55 -69.34
N ALA A 330 -26.77 24.20 -69.57
CA ALA A 330 -27.87 24.99 -69.05
C ALA A 330 -27.77 25.11 -67.53
N ALA A 331 -27.50 23.99 -66.85
CA ALA A 331 -27.37 24.03 -65.39
C ALA A 331 -26.16 24.87 -64.97
N ILE A 332 -25.03 24.71 -65.67
CA ILE A 332 -23.82 25.48 -65.32
C ILE A 332 -24.04 26.98 -65.51
N ALA A 333 -24.69 27.38 -66.60
CA ALA A 333 -24.85 28.80 -66.87
C ALA A 333 -25.55 29.51 -65.72
N THR A 334 -26.68 28.97 -65.28
CA THR A 334 -27.42 29.58 -64.18
C THR A 334 -26.65 29.48 -62.86
N ILE A 335 -25.94 28.38 -62.65
CA ILE A 335 -25.16 28.26 -61.41
C ILE A 335 -24.04 29.30 -61.38
N LYS A 336 -23.46 29.64 -62.54
CA LYS A 336 -22.39 30.64 -62.55
C LYS A 336 -22.91 32.00 -62.04
N THR A 337 -24.11 32.38 -62.48
CA THR A 337 -24.67 33.65 -62.05
C THR A 337 -24.92 33.67 -60.55
N LYS A 338 -25.39 32.56 -59.98
CA LYS A 338 -25.89 32.54 -58.60
C LYS A 338 -24.87 32.11 -57.53
N ARG A 339 -23.65 31.73 -57.88
CA ARG A 339 -22.71 31.19 -56.90
C ARG A 339 -21.36 31.89 -57.00
N SER A 340 -20.58 31.74 -55.91
CA SER A 340 -19.23 32.31 -55.80
C SER A 340 -18.24 31.24 -56.27
N ILE A 341 -17.94 31.25 -57.57
CA ILE A 341 -16.97 30.33 -58.17
C ILE A 341 -15.83 31.19 -58.71
N GLN A 342 -14.78 31.34 -57.93
CA GLN A 342 -13.61 32.11 -58.29
C GLN A 342 -12.46 31.16 -58.64
N PHE A 343 -11.95 31.28 -59.85
CA PHE A 343 -10.77 30.55 -60.29
C PHE A 343 -9.53 31.41 -60.06
N VAL A 344 -8.39 30.75 -59.86
CA VAL A 344 -7.14 31.49 -59.90
C VAL A 344 -7.02 32.08 -61.30
N ASP A 345 -6.41 33.24 -61.38
CA ASP A 345 -6.44 33.94 -62.66
C ASP A 345 -5.53 33.30 -63.71
N TRP A 346 -4.66 32.35 -63.32
CA TRP A 346 -3.76 31.67 -64.25
C TRP A 346 -4.32 30.32 -64.70
N CYS A 347 -5.60 30.08 -64.49
CA CYS A 347 -6.32 28.92 -64.97
C CYS A 347 -7.62 29.39 -65.60
N PRO A 348 -8.08 28.70 -66.64
CA PRO A 348 -9.35 29.07 -67.27
C PRO A 348 -10.52 28.70 -66.38
N THR A 349 -11.60 29.48 -66.50
CA THR A 349 -12.81 29.22 -65.72
C THR A 349 -13.63 28.24 -66.56
N GLY A 350 -13.59 26.96 -66.21
CA GLY A 350 -14.22 25.96 -67.05
C GLY A 350 -14.41 24.64 -66.34
N PHE A 351 -15.26 23.82 -66.93
CA PHE A 351 -15.54 22.49 -66.40
C PHE A 351 -15.25 21.41 -67.43
N LYS A 352 -14.48 20.41 -67.02
CA LYS A 352 -14.37 19.18 -67.80
C LYS A 352 -15.47 18.24 -67.34
N VAL A 353 -16.23 17.71 -68.28
CA VAL A 353 -17.47 16.99 -68.00
C VAL A 353 -17.34 15.60 -68.59
N GLY A 354 -17.66 14.60 -67.77
CA GLY A 354 -17.80 13.24 -68.25
C GLY A 354 -19.17 12.71 -67.88
N ILE A 355 -19.81 12.05 -68.84
CA ILE A 355 -21.12 11.44 -68.62
C ILE A 355 -21.03 9.97 -68.99
N ASN A 356 -21.40 9.11 -68.05
CA ASN A 356 -21.63 7.70 -68.32
C ASN A 356 -23.12 7.43 -68.25
N TYR A 357 -23.67 6.76 -69.26
CA TYR A 357 -25.13 6.66 -69.32
C TYR A 357 -25.70 5.67 -68.32
N GLN A 358 -24.89 4.74 -67.83
CA GLN A 358 -25.35 3.79 -66.82
C GLN A 358 -25.53 4.51 -65.48
N PRO A 359 -26.75 4.58 -64.94
CA PRO A 359 -26.97 5.24 -63.64
C PRO A 359 -26.24 4.51 -62.53
N PRO A 360 -26.06 5.14 -61.37
CA PRO A 360 -25.26 4.51 -60.32
C PRO A 360 -25.84 3.15 -59.96
N THR A 361 -24.96 2.22 -59.62
CA THR A 361 -25.40 0.93 -59.15
C THR A 361 -25.48 0.99 -57.63
N VAL A 362 -26.45 0.30 -57.07
CA VAL A 362 -26.63 0.30 -55.63
C VAL A 362 -26.56 -1.13 -55.12
N VAL A 363 -25.93 -1.27 -53.96
CA VAL A 363 -25.85 -2.61 -53.37
C VAL A 363 -27.25 -3.03 -52.96
N PRO A 364 -27.72 -4.21 -53.40
CA PRO A 364 -29.04 -4.67 -52.95
C PRO A 364 -29.06 -4.76 -51.43
N GLY A 365 -30.13 -4.23 -50.83
CA GLY A 365 -30.27 -4.16 -49.39
C GLY A 365 -29.42 -3.10 -48.70
N GLY A 366 -28.78 -2.21 -49.45
CA GLY A 366 -28.03 -1.10 -48.88
C GLY A 366 -28.96 0.01 -48.42
N ASP A 367 -28.36 1.17 -48.17
CA ASP A 367 -29.10 2.34 -47.71
C ASP A 367 -29.37 3.37 -48.81
N LEU A 368 -28.61 3.35 -49.89
CA LEU A 368 -28.80 4.29 -50.99
C LEU A 368 -29.97 3.86 -51.87
N ALA A 369 -30.87 4.78 -52.17
CA ALA A 369 -31.87 4.53 -53.21
C ALA A 369 -31.23 4.53 -54.59
N LYS A 370 -31.79 3.72 -55.49
CA LYS A 370 -31.53 3.91 -56.91
C LYS A 370 -32.02 5.28 -57.34
N VAL A 371 -31.23 5.96 -58.16
CA VAL A 371 -31.61 7.27 -58.67
C VAL A 371 -31.42 7.25 -60.17
N GLN A 372 -32.08 8.21 -60.84
CA GLN A 372 -32.01 8.27 -62.29
C GLN A 372 -30.73 8.97 -62.78
N ARG A 373 -30.17 9.87 -61.99
CA ARG A 373 -28.94 10.54 -62.41
C ARG A 373 -28.18 10.99 -61.18
N ALA A 374 -26.87 10.88 -61.25
CA ALA A 374 -26.03 11.31 -60.14
C ALA A 374 -24.78 11.97 -60.71
N VAL A 375 -24.08 12.69 -59.84
CA VAL A 375 -22.90 13.42 -60.27
C VAL A 375 -21.91 13.44 -59.11
N CYS A 376 -20.63 13.23 -59.45
CA CYS A 376 -19.53 13.47 -58.52
C CYS A 376 -18.69 14.62 -59.09
N MET A 377 -18.59 15.69 -58.34
CA MET A 377 -17.75 16.81 -58.73
C MET A 377 -16.41 16.71 -58.03
N LEU A 378 -15.33 16.89 -58.78
CA LEU A 378 -13.96 16.91 -58.27
C LEU A 378 -13.39 18.27 -58.58
N SER A 379 -13.18 19.09 -57.57
CA SER A 379 -12.67 20.43 -57.77
C SER A 379 -11.40 20.56 -56.94
N ASN A 380 -10.37 21.14 -57.54
CA ASN A 380 -9.19 21.49 -56.76
C ASN A 380 -9.40 22.92 -56.30
N THR A 381 -9.85 23.07 -55.05
CA THR A 381 -10.09 24.36 -54.41
C THR A 381 -9.18 24.54 -53.19
N THR A 382 -8.66 25.76 -53.03
CA THR A 382 -7.83 26.07 -51.87
C THR A 382 -8.61 25.94 -50.58
N ALA A 383 -9.94 25.96 -50.65
CA ALA A 383 -10.74 25.82 -49.43
C ALA A 383 -10.43 24.52 -48.67
N ILE A 384 -9.97 23.47 -49.37
CA ILE A 384 -9.71 22.20 -48.67
C ILE A 384 -8.61 22.39 -47.62
N ALA A 385 -7.83 23.48 -47.71
CA ALA A 385 -6.79 23.73 -46.72
C ALA A 385 -7.36 23.96 -45.32
N GLU A 386 -8.64 24.33 -45.20
CA GLU A 386 -9.29 24.38 -43.88
C GLU A 386 -9.06 23.08 -43.11
N ALA A 387 -9.13 21.94 -43.79
CA ALA A 387 -8.91 20.66 -43.10
C ALA A 387 -7.47 20.54 -42.61
N TRP A 388 -6.50 21.00 -43.40
CA TRP A 388 -5.13 21.01 -42.89
C TRP A 388 -5.01 21.92 -41.67
N ALA A 389 -5.64 23.10 -41.72
CA ALA A 389 -5.59 24.01 -40.58
C ALA A 389 -6.12 23.34 -39.32
N ARG A 390 -7.29 22.71 -39.41
CA ARG A 390 -7.90 22.03 -38.26
C ARG A 390 -6.94 21.00 -37.65
N LEU A 391 -6.36 20.15 -38.52
CA LEU A 391 -5.48 19.06 -38.09
C LEU A 391 -4.17 19.58 -37.50
N ASP A 392 -3.55 20.55 -38.18
CA ASP A 392 -2.32 21.14 -37.66
C ASP A 392 -2.54 21.78 -36.29
N HIS A 393 -3.72 22.36 -36.05
CA HIS A 393 -4.01 22.94 -34.73
C HIS A 393 -4.04 21.87 -33.65
N LYS A 394 -4.83 20.81 -33.86
CA LYS A 394 -4.87 19.70 -32.90
C LYS A 394 -3.48 19.13 -32.68
N PHE A 395 -2.70 19.01 -33.76
CA PHE A 395 -1.34 18.52 -33.60
C PHE A 395 -0.55 19.44 -32.68
N ASP A 396 -0.75 20.75 -32.83
CA ASP A 396 0.08 21.71 -32.10
C ASP A 396 -0.24 21.69 -30.61
N LEU A 397 -1.50 21.50 -30.26
CA LEU A 397 -1.90 21.46 -28.85
C LEU A 397 -1.19 20.32 -28.11
N MET A 398 -1.19 19.11 -28.68
CA MET A 398 -0.58 17.96 -28.02
C MET A 398 0.94 18.05 -28.04
N TYR A 399 1.52 18.39 -29.19
CA TYR A 399 2.96 18.41 -29.33
C TYR A 399 3.61 19.52 -28.51
N ALA A 400 2.88 20.59 -28.19
CA ALA A 400 3.47 21.66 -27.39
C ALA A 400 3.91 21.12 -26.03
N LYS A 401 3.17 20.16 -25.47
CA LYS A 401 3.52 19.47 -24.23
C LYS A 401 4.30 18.18 -24.46
N ARG A 402 4.61 17.86 -25.72
CA ARG A 402 5.15 16.56 -26.14
C ARG A 402 4.28 15.41 -25.67
N ALA A 403 2.99 15.64 -25.43
CA ALA A 403 2.15 14.55 -24.96
C ALA A 403 2.20 13.40 -25.95
N PHE A 404 2.46 12.19 -25.44
CA PHE A 404 2.49 10.92 -26.17
C PHE A 404 3.72 10.74 -27.06
N VAL A 405 4.61 11.73 -27.16
CA VAL A 405 5.73 11.60 -28.09
C VAL A 405 6.62 10.41 -27.73
N HIS A 406 6.66 10.02 -26.45
CA HIS A 406 7.56 8.95 -26.03
C HIS A 406 7.21 7.61 -26.67
N TRP A 407 5.93 7.40 -27.01
CA TRP A 407 5.54 6.17 -27.69
C TRP A 407 6.14 6.06 -29.09
N TYR A 408 6.39 7.20 -29.72
CA TYR A 408 6.98 7.24 -31.06
C TYR A 408 8.49 7.15 -30.95
N VAL A 409 9.08 7.93 -30.04
CA VAL A 409 10.52 7.87 -29.83
C VAL A 409 10.93 6.47 -29.40
N GLY A 410 10.11 5.83 -28.56
CA GLY A 410 10.37 4.48 -28.10
C GLY A 410 10.38 3.46 -29.22
N GLU A 411 9.82 3.78 -30.39
CA GLU A 411 9.88 2.88 -31.52
C GLU A 411 11.05 3.19 -32.45
N GLY A 412 11.91 4.14 -32.10
CA GLY A 412 13.07 4.43 -32.94
C GLY A 412 12.94 5.69 -33.77
N MET A 413 11.78 6.35 -33.72
CA MET A 413 11.62 7.64 -34.37
C MET A 413 12.33 8.70 -33.54
N GLU A 414 12.73 9.77 -34.20
CA GLU A 414 13.38 10.86 -33.48
C GLU A 414 12.38 11.98 -33.31
N GLU A 415 12.50 12.70 -32.19
CA GLU A 415 11.60 13.82 -31.97
C GLU A 415 11.60 14.79 -33.15
N GLY A 416 12.78 14.96 -33.79
CA GLY A 416 12.91 15.93 -34.87
C GLY A 416 12.01 15.65 -36.07
N GLU A 417 11.63 14.39 -36.27
CA GLU A 417 10.71 14.06 -37.36
C GLU A 417 9.33 14.69 -37.14
N PHE A 418 8.87 14.85 -35.88
CA PHE A 418 7.60 15.51 -35.64
C PHE A 418 7.61 16.95 -36.14
N SER A 419 8.62 17.72 -35.74
CA SER A 419 8.70 19.13 -36.11
C SER A 419 9.02 19.30 -37.59
N GLU A 420 9.81 18.39 -38.16
CA GLU A 420 10.03 18.39 -39.59
C GLU A 420 8.74 18.14 -40.35
N ALA A 421 7.95 17.15 -39.92
CA ALA A 421 6.67 16.92 -40.56
C ALA A 421 5.74 18.11 -40.33
N ARG A 422 5.78 18.71 -39.14
CA ARG A 422 4.92 19.84 -38.86
C ARG A 422 5.33 21.07 -39.65
N GLU A 423 6.64 21.23 -39.93
CA GLU A 423 7.12 22.34 -40.76
C GLU A 423 6.66 22.20 -42.20
N ASP A 424 6.70 20.97 -42.73
CA ASP A 424 6.22 20.72 -44.08
C ASP A 424 4.77 21.12 -44.21
N MET A 425 3.96 20.74 -43.23
CA MET A 425 2.56 21.12 -43.20
C MET A 425 2.40 22.63 -43.16
N ALA A 426 3.27 23.31 -42.41
CA ALA A 426 3.27 24.77 -42.40
C ALA A 426 3.53 25.34 -43.79
N ALA A 427 4.47 24.76 -44.52
CA ALA A 427 4.70 25.24 -45.89
C ALA A 427 3.49 24.93 -46.77
N LEU A 428 2.84 23.80 -46.53
CA LEU A 428 1.64 23.47 -47.30
C LEU A 428 0.53 24.50 -47.07
N GLU A 429 0.24 24.83 -45.81
CA GLU A 429 -0.84 25.78 -45.56
C GLU A 429 -0.52 27.13 -46.19
N LYS A 430 0.77 27.46 -46.24
CA LYS A 430 1.22 28.70 -46.86
C LYS A 430 1.05 28.65 -48.39
N ASP A 431 1.40 27.52 -49.02
CA ASP A 431 1.14 27.34 -50.45
C ASP A 431 -0.32 27.60 -50.79
N TYR A 432 -1.23 26.96 -50.05
CA TYR A 432 -2.64 27.15 -50.33
C TYR A 432 -3.05 28.60 -50.16
N GLU A 433 -2.46 29.26 -49.15
CA GLU A 433 -2.77 30.66 -48.86
C GLU A 433 -2.29 31.56 -50.01
N GLU A 434 -1.08 31.33 -50.51
CA GLU A 434 -0.59 32.17 -51.60
C GLU A 434 -1.45 31.99 -52.84
N VAL A 435 -1.89 30.76 -53.09
CA VAL A 435 -2.70 30.50 -54.27
C VAL A 435 -4.13 31.01 -54.10
N GLY A 436 -4.62 31.13 -52.87
CA GLY A 436 -6.02 31.45 -52.67
C GLY A 436 -6.41 32.88 -52.36
N VAL A 437 -5.48 33.74 -51.97
CA VAL A 437 -5.82 35.16 -51.73
C VAL A 437 -5.63 36.03 -52.97
N ARG B 2 -3.81 -12.62 -29.98
CA ARG B 2 -3.18 -11.70 -29.03
C ARG B 2 -3.48 -12.12 -27.58
N GLU B 3 -2.66 -13.03 -27.04
CA GLU B 3 -2.92 -13.63 -25.73
C GLU B 3 -2.40 -12.75 -24.60
N ILE B 4 -3.20 -12.66 -23.52
CA ILE B 4 -2.81 -12.08 -22.25
C ILE B 4 -2.47 -13.19 -21.26
N VAL B 5 -1.36 -13.02 -20.53
CA VAL B 5 -1.00 -13.91 -19.42
C VAL B 5 -1.34 -13.22 -18.10
N HIS B 6 -2.18 -13.86 -17.30
CA HIS B 6 -2.65 -13.33 -16.03
C HIS B 6 -1.88 -13.96 -14.87
N ILE B 7 -1.48 -13.13 -13.91
CA ILE B 7 -0.77 -13.57 -12.71
C ILE B 7 -1.45 -12.96 -11.50
N GLN B 8 -1.74 -13.75 -10.50
CA GLN B 8 -2.31 -13.24 -9.26
C GLN B 8 -1.41 -13.68 -8.10
N ALA B 9 -1.08 -12.75 -7.20
CA ALA B 9 -0.03 -12.98 -6.22
C ALA B 9 -0.44 -12.56 -4.82
N GLY B 10 -0.22 -13.43 -3.84
CA GLY B 10 -0.50 -13.09 -2.46
C GLY B 10 -1.97 -13.27 -2.12
N GLN B 11 -2.30 -12.94 -0.87
CA GLN B 11 -3.65 -13.18 -0.39
C GLN B 11 -4.68 -12.40 -1.22
N CYS B 12 -4.57 -11.07 -1.20
CA CYS B 12 -5.51 -10.21 -1.91
C CYS B 12 -5.50 -10.51 -3.41
N GLY B 13 -4.31 -10.67 -3.98
CA GLY B 13 -4.22 -10.93 -5.40
C GLY B 13 -4.97 -12.18 -5.82
N ASN B 14 -4.85 -13.25 -5.04
CA ASN B 14 -5.52 -14.48 -5.40
C ASN B 14 -7.02 -14.42 -5.12
N GLN B 15 -7.45 -13.72 -4.06
CA GLN B 15 -8.88 -13.59 -3.83
C GLN B 15 -9.56 -12.74 -4.91
N ILE B 16 -9.06 -11.53 -5.17
CA ILE B 16 -9.68 -10.77 -6.28
C ILE B 16 -9.39 -11.45 -7.62
N GLY B 17 -8.27 -12.16 -7.76
CA GLY B 17 -8.03 -12.90 -8.98
C GLY B 17 -9.08 -13.97 -9.23
N ALA B 18 -9.37 -14.78 -8.20
CA ALA B 18 -10.39 -15.82 -8.32
C ALA B 18 -11.76 -15.23 -8.68
N LYS B 19 -12.17 -14.12 -8.03
CA LYS B 19 -13.44 -13.50 -8.36
C LYS B 19 -13.48 -13.07 -9.83
N PHE B 20 -12.39 -12.47 -10.33
CA PHE B 20 -12.36 -12.04 -11.72
C PHE B 20 -12.61 -13.20 -12.66
N TRP B 21 -11.97 -14.34 -12.42
CA TRP B 21 -12.15 -15.49 -13.31
C TRP B 21 -13.54 -16.08 -13.19
N GLU B 22 -14.13 -16.06 -12.00
CA GLU B 22 -15.53 -16.44 -11.87
C GLU B 22 -16.40 -15.56 -12.74
N VAL B 23 -16.21 -14.24 -12.64
CA VAL B 23 -17.13 -13.30 -13.25
C VAL B 23 -17.04 -13.34 -14.77
N ILE B 24 -15.82 -13.30 -15.32
CA ILE B 24 -15.74 -13.23 -16.78
C ILE B 24 -16.00 -14.60 -17.40
N SER B 25 -15.72 -15.69 -16.68
CA SER B 25 -16.10 -17.00 -17.19
C SER B 25 -17.61 -17.07 -17.37
N ASP B 26 -18.36 -16.60 -16.38
CA ASP B 26 -19.81 -16.57 -16.52
C ASP B 26 -20.22 -15.70 -17.72
N GLU B 27 -19.54 -14.57 -17.95
CA GLU B 27 -19.91 -13.72 -19.07
C GLU B 27 -19.63 -14.39 -20.41
N HIS B 28 -18.60 -15.26 -20.48
CA HIS B 28 -18.21 -15.95 -21.71
C HIS B 28 -18.82 -17.34 -21.84
N GLY B 29 -19.64 -17.75 -20.87
CA GLY B 29 -20.33 -19.03 -20.90
C GLY B 29 -19.42 -20.22 -20.66
N ILE B 30 -18.53 -20.12 -19.66
CA ILE B 30 -17.66 -21.20 -19.26
C ILE B 30 -18.03 -21.55 -17.83
N ASP B 31 -18.23 -22.84 -17.57
CA ASP B 31 -18.61 -23.29 -16.23
C ASP B 31 -17.37 -23.73 -15.46
N PRO B 32 -17.51 -24.12 -14.19
CA PRO B 32 -16.32 -24.53 -13.42
C PRO B 32 -15.54 -25.68 -14.04
N THR B 33 -16.15 -26.47 -14.92
CA THR B 33 -15.41 -27.56 -15.55
C THR B 33 -14.63 -27.11 -16.77
N GLY B 34 -14.82 -25.88 -17.24
CA GLY B 34 -14.15 -25.41 -18.44
C GLY B 34 -14.95 -25.64 -19.70
N SER B 35 -16.18 -26.09 -19.59
CA SER B 35 -17.04 -26.33 -20.75
C SER B 35 -17.86 -25.09 -21.06
N TYR B 36 -18.15 -24.91 -22.34
CA TYR B 36 -18.90 -23.76 -22.81
C TYR B 36 -20.35 -24.17 -23.04
N HIS B 37 -21.24 -23.74 -22.15
CA HIS B 37 -22.68 -23.81 -22.39
C HIS B 37 -23.16 -22.37 -22.56
N GLY B 38 -22.99 -21.82 -23.75
CA GLY B 38 -23.14 -20.40 -23.97
C GLY B 38 -24.27 -20.08 -24.93
N ASP B 39 -24.89 -18.93 -24.70
CA ASP B 39 -26.06 -18.50 -25.47
C ASP B 39 -25.64 -17.87 -26.80
N SER B 40 -24.88 -16.78 -26.73
CA SER B 40 -24.40 -16.02 -27.87
C SER B 40 -23.02 -16.47 -28.33
N ASP B 41 -22.66 -16.08 -29.54
CA ASP B 41 -21.34 -16.38 -30.09
C ASP B 41 -20.37 -15.22 -29.95
N LEU B 42 -20.86 -14.00 -29.68
CA LEU B 42 -19.98 -12.95 -29.17
C LEU B 42 -19.12 -13.45 -28.02
N GLN B 43 -19.61 -14.45 -27.27
CA GLN B 43 -18.90 -14.94 -26.11
C GLN B 43 -17.59 -15.62 -26.45
N LEU B 44 -17.47 -16.24 -27.62
CA LEU B 44 -16.28 -17.01 -27.92
C LEU B 44 -15.33 -16.36 -28.90
N GLU B 45 -15.72 -15.26 -29.53
CA GLU B 45 -14.93 -14.78 -30.65
C GLU B 45 -13.51 -14.39 -30.24
N ARG B 46 -13.35 -13.70 -29.11
CA ARG B 46 -12.03 -13.30 -28.61
C ARG B 46 -11.65 -14.05 -27.34
N ILE B 47 -12.25 -15.22 -27.12
CA ILE B 47 -12.06 -15.97 -25.88
C ILE B 47 -10.59 -16.37 -25.66
N ASN B 48 -9.80 -16.43 -26.74
CA ASN B 48 -8.39 -16.81 -26.65
C ASN B 48 -7.50 -15.74 -26.01
N VAL B 49 -7.98 -14.51 -25.89
CA VAL B 49 -7.20 -13.47 -25.20
C VAL B 49 -6.89 -13.91 -23.78
N TYR B 50 -7.86 -14.57 -23.13
CA TYR B 50 -7.71 -14.97 -21.74
C TYR B 50 -7.73 -16.48 -21.50
N TYR B 51 -8.11 -17.30 -22.48
CA TYR B 51 -8.29 -18.73 -22.27
C TYR B 51 -7.46 -19.53 -23.26
N ASN B 52 -6.74 -20.53 -22.74
CA ASN B 52 -6.21 -21.58 -23.59
C ASN B 52 -7.31 -22.61 -23.84
N GLU B 53 -7.34 -23.15 -25.05
CA GLU B 53 -8.25 -24.23 -25.37
C GLU B 53 -7.52 -25.56 -25.24
N ALA B 54 -8.19 -26.53 -24.62
CA ALA B 54 -7.65 -27.86 -24.42
C ALA B 54 -8.51 -28.85 -25.19
N THR B 55 -7.91 -30.01 -25.47
CA THR B 55 -8.64 -31.07 -26.14
C THR B 55 -9.93 -31.40 -25.39
N GLY B 56 -10.93 -31.85 -26.13
CA GLY B 56 -12.27 -31.98 -25.59
C GLY B 56 -12.98 -30.66 -25.44
N ASN B 57 -12.55 -29.64 -26.19
CA ASN B 57 -13.12 -28.29 -26.20
C ASN B 57 -13.39 -27.80 -24.78
N LYS B 58 -12.34 -27.83 -23.98
CA LYS B 58 -12.33 -27.19 -22.67
C LYS B 58 -11.56 -25.89 -22.77
N TYR B 59 -11.92 -24.91 -21.94
CA TYR B 59 -11.25 -23.63 -21.90
C TYR B 59 -10.58 -23.46 -20.54
N VAL B 60 -9.26 -23.28 -20.55
CA VAL B 60 -8.45 -23.15 -19.35
C VAL B 60 -7.93 -21.72 -19.26
N PRO B 61 -8.14 -21.01 -18.15
CA PRO B 61 -7.59 -19.66 -18.01
C PRO B 61 -6.07 -19.64 -18.17
N ARG B 62 -5.58 -18.60 -18.84
CA ARG B 62 -4.13 -18.37 -18.94
C ARG B 62 -3.70 -17.64 -17.68
N ALA B 63 -3.79 -18.37 -16.56
CA ALA B 63 -3.64 -17.77 -15.26
C ALA B 63 -2.60 -18.52 -14.42
N ILE B 64 -1.78 -17.78 -13.69
CA ILE B 64 -0.77 -18.36 -12.83
C ILE B 64 -1.04 -17.85 -11.42
N LEU B 65 -1.11 -18.76 -10.47
CA LEU B 65 -1.46 -18.44 -9.10
C LEU B 65 -0.22 -18.56 -8.22
N VAL B 66 0.10 -17.52 -7.45
CA VAL B 66 1.39 -17.41 -6.77
C VAL B 66 1.18 -16.96 -5.33
N ASP B 67 1.89 -17.59 -4.42
CA ASP B 67 1.87 -17.15 -3.03
C ASP B 67 3.02 -17.82 -2.28
N LEU B 68 3.54 -17.14 -1.27
CA LEU B 68 4.60 -17.69 -0.45
C LEU B 68 4.04 -18.51 0.71
N GLU B 69 2.73 -18.67 0.73
CA GLU B 69 1.98 -19.28 1.79
C GLU B 69 0.89 -20.07 1.08
N PRO B 70 0.61 -21.31 1.48
CA PRO B 70 -0.35 -22.13 0.72
C PRO B 70 -1.81 -21.88 1.06
N GLY B 71 -2.13 -21.17 2.12
CA GLY B 71 -3.49 -21.15 2.60
C GLY B 71 -4.53 -20.61 1.63
N THR B 72 -4.40 -19.37 1.16
CA THR B 72 -5.48 -18.82 0.33
C THR B 72 -5.52 -19.44 -1.06
N MET B 73 -4.45 -20.10 -1.50
CA MET B 73 -4.53 -20.84 -2.75
C MET B 73 -5.27 -22.17 -2.59
N ASP B 74 -5.20 -22.77 -1.41
CA ASP B 74 -6.08 -23.89 -1.11
C ASP B 74 -7.54 -23.48 -1.16
N SER B 75 -7.86 -22.33 -0.58
CA SER B 75 -9.24 -21.85 -0.59
C SER B 75 -9.71 -21.56 -2.02
N VAL B 76 -8.82 -21.04 -2.87
CA VAL B 76 -9.18 -20.83 -4.27
C VAL B 76 -9.48 -22.17 -4.94
N ARG B 77 -8.60 -23.15 -4.76
CA ARG B 77 -8.85 -24.47 -5.35
C ARG B 77 -10.08 -25.12 -4.75
N SER B 78 -10.34 -24.88 -3.45
CA SER B 78 -11.61 -25.31 -2.86
C SER B 78 -12.78 -24.52 -3.42
N GLY B 79 -12.52 -23.29 -3.88
CA GLY B 79 -13.54 -22.38 -4.35
C GLY B 79 -14.33 -22.87 -5.55
N PRO B 80 -15.35 -22.10 -5.93
CA PRO B 80 -16.28 -22.53 -6.98
C PRO B 80 -15.60 -22.89 -8.30
N PHE B 81 -14.88 -21.94 -8.89
CA PHE B 81 -14.18 -22.17 -10.15
C PHE B 81 -12.77 -22.68 -9.97
N GLY B 82 -12.38 -23.07 -8.74
CA GLY B 82 -11.01 -23.49 -8.49
C GLY B 82 -10.59 -24.67 -9.32
N GLN B 83 -11.54 -25.48 -9.77
CA GLN B 83 -11.22 -26.64 -10.59
C GLN B 83 -10.91 -26.26 -12.03
N ILE B 84 -11.18 -25.01 -12.43
CA ILE B 84 -10.93 -24.61 -13.81
C ILE B 84 -9.46 -24.27 -14.06
N PHE B 85 -8.73 -23.87 -13.03
CA PHE B 85 -7.34 -23.49 -13.22
C PHE B 85 -6.47 -24.70 -13.47
N ARG B 86 -5.43 -24.50 -14.26
CA ARG B 86 -4.50 -25.58 -14.57
C ARG B 86 -3.63 -25.88 -13.33
N PRO B 87 -3.63 -27.11 -12.82
CA PRO B 87 -3.01 -27.34 -11.50
C PRO B 87 -1.51 -27.06 -11.50
N ASP B 88 -0.85 -27.24 -12.64
CA ASP B 88 0.57 -26.93 -12.76
C ASP B 88 0.86 -25.46 -12.54
N ASN B 89 -0.14 -24.59 -12.71
CA ASN B 89 0.02 -23.14 -12.58
C ASN B 89 -0.19 -22.64 -11.16
N PHE B 90 -0.34 -23.54 -10.18
CA PHE B 90 -0.28 -23.15 -8.78
C PHE B 90 1.18 -23.23 -8.38
N VAL B 91 1.76 -22.09 -7.99
CA VAL B 91 3.16 -22.02 -7.56
C VAL B 91 3.18 -21.33 -6.20
N PHE B 92 3.60 -22.06 -5.17
CA PHE B 92 3.51 -21.55 -3.81
C PHE B 92 4.66 -22.07 -2.97
N GLY B 93 5.05 -21.28 -1.96
CA GLY B 93 5.98 -21.70 -0.94
C GLY B 93 5.25 -22.05 0.34
N GLN B 94 5.99 -22.09 1.44
CA GLN B 94 5.40 -22.47 2.73
C GLN B 94 5.53 -21.45 3.83
N SER B 95 6.52 -20.54 3.77
CA SER B 95 6.87 -19.71 4.91
C SER B 95 6.07 -18.42 5.01
N GLY B 96 5.33 -18.04 3.99
CA GLY B 96 4.65 -16.75 4.02
C GLY B 96 5.64 -15.60 3.96
N ALA B 97 5.09 -14.38 3.99
CA ALA B 97 5.89 -13.17 3.89
C ALA B 97 5.71 -12.23 5.07
N GLY B 98 4.83 -12.55 6.01
CA GLY B 98 4.66 -11.76 7.20
C GLY B 98 4.40 -10.28 6.95
N ASN B 99 3.68 -9.99 5.85
CA ASN B 99 3.34 -8.59 5.54
C ASN B 99 4.57 -7.72 5.35
N ASN B 100 5.66 -8.31 4.89
CA ASN B 100 6.94 -7.63 4.79
C ASN B 100 7.39 -7.57 3.34
N TRP B 101 7.40 -6.37 2.76
CA TRP B 101 7.84 -6.19 1.36
C TRP B 101 9.23 -6.80 1.16
N ALA B 102 10.13 -6.60 2.13
CA ALA B 102 11.51 -7.09 2.01
C ALA B 102 11.58 -8.61 1.88
N LYS B 103 10.75 -9.33 2.65
CA LYS B 103 10.70 -10.79 2.50
C LYS B 103 10.16 -11.19 1.14
N GLY B 104 9.09 -10.54 0.67
CA GLY B 104 8.54 -10.92 -0.64
C GLY B 104 9.51 -10.61 -1.77
N HIS B 105 10.25 -9.51 -1.65
CA HIS B 105 11.08 -8.99 -2.74
C HIS B 105 12.49 -9.55 -2.73
N TYR B 106 13.09 -9.73 -1.55
CA TYR B 106 14.53 -10.01 -1.42
C TYR B 106 14.86 -11.38 -0.86
N THR B 107 14.12 -11.92 0.12
CA THR B 107 14.55 -13.15 0.77
C THR B 107 13.61 -14.32 0.53
N GLU B 108 12.37 -14.29 1.00
CA GLU B 108 11.47 -15.41 0.72
C GLU B 108 11.09 -15.47 -0.75
N GLY B 109 10.67 -14.33 -1.32
CA GLY B 109 10.17 -14.35 -2.69
C GLY B 109 11.23 -14.73 -3.70
N ALA B 110 12.49 -14.32 -3.45
CA ALA B 110 13.58 -14.67 -4.34
C ALA B 110 13.73 -16.18 -4.47
N GLU B 111 13.52 -16.93 -3.36
CA GLU B 111 13.66 -18.39 -3.43
C GLU B 111 12.67 -18.99 -4.42
N LEU B 112 11.49 -18.41 -4.58
CA LEU B 112 10.40 -19.00 -5.33
C LEU B 112 10.19 -18.40 -6.71
N VAL B 113 10.83 -17.26 -7.01
CA VAL B 113 10.46 -16.52 -8.21
C VAL B 113 10.83 -17.27 -9.50
N ASP B 114 11.95 -18.03 -9.52
CA ASP B 114 12.28 -18.78 -10.73
C ASP B 114 11.20 -19.81 -11.09
N SER B 115 10.62 -20.49 -10.10
CA SER B 115 9.56 -21.45 -10.42
C SER B 115 8.40 -20.74 -11.08
N VAL B 116 8.07 -19.53 -10.63
CA VAL B 116 6.97 -18.80 -11.26
C VAL B 116 7.36 -18.43 -12.68
N LEU B 117 8.59 -17.92 -12.90
CA LEU B 117 9.02 -17.56 -14.24
C LEU B 117 9.04 -18.77 -15.17
N ASP B 118 9.34 -19.96 -14.64
CA ASP B 118 9.22 -21.16 -15.46
C ASP B 118 7.78 -21.37 -15.92
N VAL B 119 6.81 -21.18 -15.03
CA VAL B 119 5.41 -21.33 -15.45
C VAL B 119 5.01 -20.22 -16.42
N VAL B 120 5.49 -19.00 -16.18
CA VAL B 120 5.21 -17.92 -17.13
C VAL B 120 5.74 -18.28 -18.51
N ARG B 121 6.97 -18.79 -18.58
CA ARG B 121 7.57 -19.15 -19.86
C ARG B 121 6.74 -20.20 -20.60
N LYS B 122 6.31 -21.26 -19.92
CA LYS B 122 5.55 -22.30 -20.59
C LYS B 122 4.28 -21.71 -21.23
N GLU B 123 3.55 -20.89 -20.48
CA GLU B 123 2.33 -20.29 -21.02
C GLU B 123 2.62 -19.35 -22.19
N SER B 124 3.76 -18.65 -22.15
CA SER B 124 4.10 -17.68 -23.21
C SER B 124 4.50 -18.37 -24.50
N GLU B 125 5.20 -19.49 -24.40
CA GLU B 125 5.70 -20.18 -25.60
C GLU B 125 4.57 -20.78 -26.42
N SER B 126 3.41 -21.02 -25.82
CA SER B 126 2.25 -21.48 -26.56
C SER B 126 1.42 -20.33 -27.13
N CYS B 127 1.87 -19.07 -26.96
CA CYS B 127 1.09 -17.93 -27.43
C CYS B 127 1.45 -17.58 -28.87
N ASP B 128 0.42 -17.36 -29.68
CA ASP B 128 0.67 -16.94 -31.05
C ASP B 128 1.27 -15.54 -31.10
N CYS B 129 0.70 -14.61 -30.36
CA CYS B 129 1.33 -13.29 -30.23
C CYS B 129 0.92 -12.72 -28.88
N LEU B 130 1.80 -12.89 -27.89
CA LEU B 130 1.57 -12.41 -26.53
C LEU B 130 1.42 -10.89 -26.50
N GLN B 131 0.30 -10.41 -25.96
CA GLN B 131 0.18 -8.97 -25.73
C GLN B 131 1.07 -8.51 -24.57
N GLY B 132 1.09 -9.28 -23.50
CA GLY B 132 1.67 -8.85 -22.25
C GLY B 132 0.92 -9.52 -21.11
N PHE B 133 1.04 -8.92 -19.94
CA PHE B 133 0.65 -9.57 -18.70
C PHE B 133 -0.27 -8.68 -17.89
N GLN B 134 -1.11 -9.31 -17.08
CA GLN B 134 -1.84 -8.56 -16.06
C GLN B 134 -1.67 -9.23 -14.72
N LEU B 135 -1.37 -8.43 -13.70
CA LEU B 135 -1.09 -8.91 -12.36
C LEU B 135 -2.14 -8.34 -11.41
N THR B 136 -2.74 -9.20 -10.60
CA THR B 136 -3.56 -8.74 -9.48
C THR B 136 -2.76 -8.92 -8.20
N HIS B 137 -2.75 -7.90 -7.35
CA HIS B 137 -2.00 -7.94 -6.09
C HIS B 137 -2.41 -6.75 -5.25
N SER B 138 -2.14 -6.84 -3.95
CA SER B 138 -2.19 -5.69 -3.07
C SER B 138 -0.79 -5.13 -2.90
N LEU B 139 -0.74 -3.86 -2.54
CA LEU B 139 0.49 -3.19 -2.21
C LEU B 139 0.79 -3.14 -0.71
N GLY B 140 -0.07 -3.66 0.15
CA GLY B 140 0.09 -3.45 1.59
C GLY B 140 0.65 -4.65 2.34
N GLY B 141 0.61 -5.83 1.72
CA GLY B 141 1.12 -7.04 2.30
C GLY B 141 2.56 -7.25 1.95
N GLY B 142 2.98 -8.51 1.95
CA GLY B 142 4.34 -8.82 1.60
C GLY B 142 4.48 -9.52 0.27
N THR B 143 3.54 -10.41 -0.02
CA THR B 143 3.74 -11.24 -1.18
C THR B 143 3.33 -10.53 -2.46
N GLY B 144 2.06 -10.13 -2.57
CA GLY B 144 1.64 -9.41 -3.77
C GLY B 144 2.49 -8.18 -3.99
N SER B 145 2.81 -7.47 -2.92
CA SER B 145 3.56 -6.23 -3.02
C SER B 145 5.03 -6.47 -3.34
N GLY B 146 5.73 -7.20 -2.46
CA GLY B 146 7.16 -7.36 -2.61
C GLY B 146 7.51 -8.37 -3.70
N MET B 147 6.97 -9.59 -3.61
CA MET B 147 7.25 -10.57 -4.64
C MET B 147 6.56 -10.23 -5.96
N GLY B 148 5.38 -9.61 -5.91
CA GLY B 148 4.74 -9.21 -7.14
C GLY B 148 5.60 -8.26 -7.94
N THR B 149 6.14 -7.22 -7.27
CA THR B 149 7.00 -6.27 -7.97
C THR B 149 8.33 -6.91 -8.34
N LEU B 150 8.79 -7.90 -7.58
CA LEU B 150 9.96 -8.65 -8.04
C LEU B 150 9.65 -9.40 -9.33
N LEU B 151 8.47 -10.02 -9.40
CA LEU B 151 8.07 -10.72 -10.63
C LEU B 151 7.98 -9.77 -11.81
N ILE B 152 7.40 -8.59 -11.60
CA ILE B 152 7.28 -7.58 -12.66
C ILE B 152 8.66 -7.24 -13.22
N SER B 153 9.62 -6.96 -12.32
CA SER B 153 10.98 -6.64 -12.74
C SER B 153 11.61 -7.77 -13.55
N LYS B 154 11.41 -9.03 -13.11
CA LYS B 154 12.01 -10.13 -13.86
C LYS B 154 11.28 -10.39 -15.17
N ILE B 155 9.94 -10.25 -15.18
CA ILE B 155 9.17 -10.41 -16.41
C ILE B 155 9.58 -9.38 -17.44
N ARG B 156 9.85 -8.15 -17.00
CA ARG B 156 10.31 -7.11 -17.91
C ARG B 156 11.67 -7.44 -18.52
N GLU B 157 12.56 -8.05 -17.73
CA GLU B 157 13.89 -8.38 -18.27
C GLU B 157 13.79 -9.40 -19.39
N GLU B 158 12.94 -10.41 -19.21
CA GLU B 158 12.78 -11.48 -20.17
C GLU B 158 11.81 -11.15 -21.31
N TYR B 159 10.85 -10.24 -21.09
CA TYR B 159 9.89 -9.83 -22.12
C TYR B 159 9.84 -8.30 -22.19
N PRO B 160 10.95 -7.65 -22.57
CA PRO B 160 10.98 -6.18 -22.52
C PRO B 160 10.07 -5.50 -23.54
N ASP B 161 9.55 -6.21 -24.55
CA ASP B 161 8.68 -5.61 -25.55
C ASP B 161 7.22 -6.02 -25.34
N ARG B 162 6.88 -6.56 -24.18
CA ARG B 162 5.50 -6.86 -23.86
C ARG B 162 4.96 -5.82 -22.88
N ILE B 163 3.66 -5.71 -22.83
CA ILE B 163 3.00 -4.74 -21.98
C ILE B 163 2.78 -5.34 -20.59
N MET B 164 3.06 -4.55 -19.55
CA MET B 164 2.80 -4.94 -18.18
C MET B 164 1.68 -4.07 -17.60
N ASN B 165 0.57 -4.72 -17.23
CA ASN B 165 -0.62 -4.11 -16.65
C ASN B 165 -0.88 -4.70 -15.27
N THR B 166 -1.24 -3.86 -14.28
CA THR B 166 -1.58 -4.37 -12.96
C THR B 166 -2.88 -3.77 -12.44
N PHE B 167 -3.56 -4.57 -11.62
CA PHE B 167 -4.63 -4.14 -10.72
C PHE B 167 -4.04 -4.16 -9.32
N SER B 168 -3.74 -2.98 -8.79
CA SER B 168 -3.02 -2.84 -7.53
C SER B 168 -3.94 -2.27 -6.44
N VAL B 169 -4.13 -3.03 -5.37
CA VAL B 169 -5.00 -2.61 -4.28
C VAL B 169 -4.16 -1.82 -3.28
N MET B 170 -4.48 -0.53 -3.12
CA MET B 170 -3.81 0.37 -2.18
C MET B 170 -4.37 0.15 -0.79
N PRO B 171 -3.51 0.19 0.22
CA PRO B 171 -3.95 -0.03 1.61
C PRO B 171 -4.62 1.20 2.18
N SER B 172 -5.50 0.96 3.13
CA SER B 172 -6.15 2.03 3.89
C SER B 172 -6.24 1.72 5.38
N PRO B 173 -5.97 2.69 6.23
CA PRO B 173 -6.20 2.45 7.67
C PRO B 173 -7.62 2.02 7.99
N LYS B 174 -8.62 2.44 7.19
CA LYS B 174 -9.99 2.01 7.47
C LYS B 174 -10.18 0.52 7.21
N VAL B 175 -9.36 -0.07 6.36
CA VAL B 175 -9.36 -1.51 6.08
C VAL B 175 -7.89 -1.91 6.11
N SER B 176 -7.40 -2.25 7.28
CA SER B 176 -5.96 -2.37 7.48
C SER B 176 -5.64 -3.64 8.24
N ASP B 177 -4.57 -4.32 7.82
CA ASP B 177 -4.06 -5.48 8.54
C ASP B 177 -2.91 -5.13 9.50
N THR B 178 -1.92 -4.36 9.04
CA THR B 178 -0.76 -4.03 9.86
C THR B 178 -0.39 -2.56 9.67
N VAL B 179 0.41 -2.07 10.60
CA VAL B 179 0.86 -0.68 10.56
C VAL B 179 1.86 -0.44 9.44
N VAL B 180 2.50 -1.49 8.93
CA VAL B 180 3.58 -1.30 7.95
C VAL B 180 3.07 -1.23 6.50
N GLU B 181 1.76 -1.24 6.29
CA GLU B 181 1.23 -1.12 4.93
C GLU B 181 1.76 0.10 4.20
N PRO B 182 1.81 1.30 4.78
CA PRO B 182 2.37 2.43 4.02
C PRO B 182 3.79 2.22 3.57
N TYR B 183 4.62 1.51 4.36
CA TYR B 183 5.97 1.14 3.93
C TYR B 183 5.94 0.22 2.72
N ASN B 184 5.17 -0.87 2.82
CA ASN B 184 5.08 -1.81 1.71
C ASN B 184 4.54 -1.12 0.44
N ALA B 185 3.51 -0.28 0.60
CA ALA B 185 2.90 0.38 -0.55
C ALA B 185 3.88 1.32 -1.22
N THR B 186 4.58 2.14 -0.42
CA THR B 186 5.54 3.11 -0.97
C THR B 186 6.69 2.43 -1.69
N LEU B 187 7.21 1.33 -1.14
CA LEU B 187 8.26 0.61 -1.84
C LEU B 187 7.75 0.05 -3.16
N SER B 188 6.49 -0.40 -3.18
CA SER B 188 5.87 -0.97 -4.37
C SER B 188 5.59 0.08 -5.45
N VAL B 189 5.01 1.22 -5.06
CA VAL B 189 4.72 2.27 -6.03
C VAL B 189 5.98 2.64 -6.80
N HIS B 190 7.09 2.75 -6.10
CA HIS B 190 8.40 3.01 -6.72
C HIS B 190 8.70 2.01 -7.83
N GLN B 191 8.34 0.74 -7.61
CA GLN B 191 8.50 -0.29 -8.64
C GLN B 191 7.48 -0.11 -9.74
N LEU B 192 6.23 0.21 -9.39
CA LEU B 192 5.19 0.31 -10.39
C LEU B 192 5.45 1.47 -11.34
N VAL B 193 5.99 2.58 -10.81
CA VAL B 193 6.25 3.75 -11.62
C VAL B 193 7.23 3.41 -12.75
N GLU B 194 8.25 2.60 -12.46
CA GLU B 194 9.27 2.28 -13.44
C GLU B 194 8.88 1.11 -14.34
N ASN B 195 8.05 0.16 -13.87
CA ASN B 195 8.01 -1.13 -14.53
C ASN B 195 6.62 -1.59 -14.99
N THR B 196 5.58 -0.77 -14.84
CA THR B 196 4.33 -1.11 -15.49
C THR B 196 4.01 -0.06 -16.53
N ASP B 197 3.22 -0.47 -17.51
CA ASP B 197 2.72 0.46 -18.52
C ASP B 197 1.39 1.05 -18.10
N GLU B 198 0.64 0.32 -17.27
CA GLU B 198 -0.69 0.71 -16.83
C GLU B 198 -0.99 0.00 -15.51
N THR B 199 -1.46 0.73 -14.52
CA THR B 199 -1.94 0.09 -13.30
C THR B 199 -3.25 0.74 -12.90
N TYR B 200 -4.25 -0.09 -12.64
CA TYR B 200 -5.51 0.33 -12.06
C TYR B 200 -5.35 0.44 -10.54
N CYS B 201 -5.47 1.66 -10.01
CA CYS B 201 -5.36 1.94 -8.58
C CYS B 201 -6.67 1.60 -7.91
N ILE B 202 -6.71 0.45 -7.24
CA ILE B 202 -7.90 0.01 -6.56
C ILE B 202 -7.69 0.31 -5.07
N ASP B 203 -8.40 1.33 -4.59
CA ASP B 203 -8.13 1.93 -3.29
C ASP B 203 -9.09 1.32 -2.28
N ASN B 204 -8.54 0.62 -1.28
CA ASN B 204 -9.42 0.02 -0.28
C ASN B 204 -10.17 1.08 0.49
N GLU B 205 -9.61 2.28 0.59
CA GLU B 205 -10.38 3.37 1.18
C GLU B 205 -11.68 3.61 0.41
N ALA B 206 -11.60 3.77 -0.92
CA ALA B 206 -12.81 4.02 -1.71
C ALA B 206 -13.77 2.84 -1.65
N LEU B 207 -13.25 1.62 -1.76
CA LEU B 207 -14.13 0.46 -1.70
C LEU B 207 -14.86 0.43 -0.36
N TYR B 208 -14.16 0.77 0.73
CA TYR B 208 -14.83 0.83 2.02
C TYR B 208 -15.86 1.95 2.06
N ASP B 209 -15.49 3.17 1.63
CA ASP B 209 -16.44 4.27 1.65
C ASP B 209 -17.69 3.94 0.82
N ILE B 210 -17.51 3.29 -0.32
CA ILE B 210 -18.66 2.97 -1.16
C ILE B 210 -19.60 2.01 -0.43
N CYS B 211 -19.03 0.93 0.13
CA CYS B 211 -19.85 -0.04 0.84
C CYS B 211 -20.59 0.60 2.01
N PHE B 212 -19.90 1.42 2.80
CA PHE B 212 -20.47 2.02 4.00
C PHE B 212 -21.52 3.08 3.64
N ARG B 213 -21.12 4.07 2.84
CA ARG B 213 -21.96 5.23 2.55
C ARG B 213 -23.02 4.91 1.50
N THR B 214 -22.60 4.56 0.29
CA THR B 214 -23.55 4.35 -0.78
C THR B 214 -24.33 3.06 -0.62
N LEU B 215 -23.66 1.95 -0.33
CA LEU B 215 -24.36 0.66 -0.31
C LEU B 215 -24.97 0.32 1.04
N LYS B 216 -24.82 1.23 2.00
CA LYS B 216 -25.39 1.11 3.35
C LYS B 216 -25.10 -0.27 3.95
N LEU B 217 -23.83 -0.70 3.85
CA LEU B 217 -23.37 -1.92 4.50
C LEU B 217 -22.60 -1.49 5.74
N THR B 218 -23.16 -1.81 6.90
CA THR B 218 -22.63 -1.29 8.16
C THR B 218 -21.23 -1.80 8.43
N THR B 219 -20.98 -3.09 8.23
CA THR B 219 -19.68 -3.68 8.51
C THR B 219 -19.17 -4.40 7.27
N PRO B 220 -18.49 -3.69 6.37
CA PRO B 220 -18.05 -4.32 5.11
C PRO B 220 -16.94 -5.31 5.33
N THR B 221 -17.05 -6.46 4.65
CA THR B 221 -16.03 -7.50 4.62
C THR B 221 -15.20 -7.34 3.35
N TYR B 222 -14.08 -8.09 3.29
CA TYR B 222 -13.36 -8.18 2.02
C TYR B 222 -14.22 -8.79 0.93
N GLY B 223 -15.24 -9.58 1.30
CA GLY B 223 -16.16 -10.07 0.28
C GLY B 223 -16.96 -8.94 -0.35
N ASP B 224 -17.38 -7.95 0.46
CA ASP B 224 -18.11 -6.81 -0.08
C ASP B 224 -17.20 -5.92 -0.92
N LEU B 225 -15.95 -5.74 -0.48
CA LEU B 225 -14.99 -4.95 -1.25
C LEU B 225 -14.74 -5.58 -2.63
N ASN B 226 -14.59 -6.92 -2.67
CA ASN B 226 -14.22 -7.64 -3.87
C ASN B 226 -15.34 -7.76 -4.89
N HIS B 227 -16.60 -7.66 -4.45
CA HIS B 227 -17.71 -7.53 -5.39
C HIS B 227 -17.52 -6.30 -6.25
N LEU B 228 -17.19 -5.17 -5.62
CA LEU B 228 -16.87 -3.96 -6.37
C LEU B 228 -15.68 -4.18 -7.31
N VAL B 229 -14.64 -4.85 -6.80
CA VAL B 229 -13.41 -5.07 -7.57
C VAL B 229 -13.67 -5.94 -8.79
N SER B 230 -14.44 -7.02 -8.60
CA SER B 230 -14.72 -7.89 -9.72
C SER B 230 -15.58 -7.19 -10.79
N ALA B 231 -16.54 -6.35 -10.37
CA ALA B 231 -17.32 -5.58 -11.35
C ALA B 231 -16.45 -4.62 -12.13
N THR B 232 -15.55 -3.91 -11.44
CA THR B 232 -14.62 -3.01 -12.11
C THR B 232 -13.70 -3.78 -13.05
N MET B 233 -13.16 -4.91 -12.61
CA MET B 233 -12.25 -5.65 -13.48
C MET B 233 -12.96 -6.14 -14.73
N SER B 234 -14.20 -6.62 -14.57
CA SER B 234 -14.98 -7.03 -15.72
C SER B 234 -15.20 -5.88 -16.69
N GLY B 235 -15.56 -4.70 -16.17
CA GLY B 235 -15.82 -3.56 -17.05
C GLY B 235 -14.57 -3.12 -17.80
N VAL B 236 -13.46 -2.91 -17.08
CA VAL B 236 -12.30 -2.35 -17.75
C VAL B 236 -11.71 -3.34 -18.76
N THR B 237 -12.02 -4.64 -18.66
CA THR B 237 -11.55 -5.63 -19.62
C THR B 237 -12.44 -5.79 -20.83
N THR B 238 -13.61 -5.13 -20.86
CA THR B 238 -14.63 -5.45 -21.86
C THR B 238 -14.04 -5.43 -23.25
N CYS B 239 -13.34 -4.34 -23.60
CA CYS B 239 -12.87 -4.18 -24.97
C CYS B 239 -11.65 -5.03 -25.29
N LEU B 240 -11.08 -5.71 -24.29
CA LEU B 240 -10.06 -6.72 -24.59
C LEU B 240 -10.70 -8.06 -24.94
N ARG B 241 -11.87 -8.36 -24.35
CA ARG B 241 -12.50 -9.68 -24.37
C ARG B 241 -13.58 -9.85 -25.44
N PHE B 242 -14.20 -8.76 -25.90
CA PHE B 242 -15.32 -8.86 -26.81
C PHE B 242 -15.08 -8.11 -28.10
N PRO B 243 -15.68 -8.56 -29.21
CA PRO B 243 -15.59 -7.79 -30.47
C PRO B 243 -16.47 -6.55 -30.45
N GLY B 244 -15.96 -5.48 -31.08
CA GLY B 244 -16.65 -4.21 -31.14
C GLY B 244 -16.08 -3.33 -32.24
N GLN B 245 -16.54 -2.07 -32.26
CA GLN B 245 -15.97 -1.08 -33.17
C GLN B 245 -14.52 -0.76 -32.85
N LEU B 246 -14.04 -1.16 -31.68
CA LEU B 246 -12.71 -0.77 -31.23
C LEU B 246 -11.69 -1.89 -31.27
N ASN B 247 -12.04 -3.08 -30.84
CA ASN B 247 -11.11 -4.20 -30.85
C ASN B 247 -9.77 -3.78 -30.23
N ALA B 248 -9.85 -3.44 -28.95
CA ALA B 248 -8.73 -2.93 -28.17
C ALA B 248 -7.80 -4.07 -27.75
N ASP B 249 -6.56 -3.68 -27.43
CA ASP B 249 -5.60 -4.55 -26.75
C ASP B 249 -4.82 -3.69 -25.75
N LEU B 250 -3.95 -4.35 -24.96
CA LEU B 250 -3.26 -3.66 -23.86
C LEU B 250 -2.33 -2.56 -24.35
N ARG B 251 -1.69 -2.74 -25.51
CA ARG B 251 -0.78 -1.71 -26.00
C ARG B 251 -1.54 -0.49 -26.49
N LYS B 252 -2.67 -0.69 -27.18
CA LYS B 252 -3.45 0.45 -27.62
C LYS B 252 -4.05 1.19 -26.43
N LEU B 253 -4.49 0.46 -25.42
CA LEU B 253 -4.93 1.14 -24.21
C LEU B 253 -3.78 1.99 -23.65
N ALA B 254 -2.58 1.41 -23.58
CA ALA B 254 -1.44 2.17 -23.05
C ALA B 254 -1.16 3.40 -23.91
N VAL B 255 -1.12 3.23 -25.23
CA VAL B 255 -0.76 4.34 -26.11
C VAL B 255 -1.75 5.49 -25.97
N ASN B 256 -3.03 5.17 -25.88
CA ASN B 256 -4.04 6.21 -25.91
C ASN B 256 -4.33 6.79 -24.54
N MET B 257 -3.93 6.11 -23.45
CA MET B 257 -4.19 6.63 -22.10
C MET B 257 -3.01 7.34 -21.46
N VAL B 258 -1.78 7.08 -21.88
CA VAL B 258 -0.59 7.53 -21.15
C VAL B 258 0.22 8.56 -21.94
N PRO B 259 0.02 9.85 -21.73
CA PRO B 259 0.80 10.84 -22.48
C PRO B 259 2.26 10.97 -22.04
N PHE B 260 2.60 10.55 -20.83
CA PHE B 260 3.96 10.61 -20.36
C PHE B 260 4.15 9.34 -19.54
N PRO B 261 5.27 8.66 -19.71
CA PRO B 261 5.38 7.25 -19.29
C PRO B 261 5.03 7.00 -17.83
N ARG B 262 5.46 7.90 -16.93
CA ARG B 262 5.29 7.66 -15.51
C ARG B 262 3.86 7.88 -15.05
N LEU B 263 3.08 8.68 -15.79
CA LEU B 263 1.69 8.97 -15.40
C LEU B 263 0.75 7.92 -15.99
N HIS B 264 0.84 6.71 -15.41
CA HIS B 264 0.06 5.59 -15.94
C HIS B 264 -0.77 4.92 -14.85
N PHE B 265 -1.25 5.70 -13.90
CA PHE B 265 -2.04 5.19 -12.78
C PHE B 265 -3.45 5.73 -12.95
N PHE B 266 -4.43 4.82 -13.05
CA PHE B 266 -5.81 5.10 -13.44
C PHE B 266 -6.76 5.00 -12.25
N MET B 267 -7.71 5.93 -12.20
CA MET B 267 -8.88 5.84 -11.33
C MET B 267 -9.98 5.09 -12.08
N PRO B 268 -10.34 3.88 -11.66
CA PRO B 268 -11.51 3.21 -12.26
C PRO B 268 -12.82 3.67 -11.61
N GLY B 269 -13.89 3.59 -12.39
CA GLY B 269 -15.21 3.94 -11.89
C GLY B 269 -16.24 2.96 -12.43
N PHE B 270 -17.34 2.81 -11.68
CA PHE B 270 -18.38 1.85 -12.07
C PHE B 270 -19.77 2.41 -11.73
N ALA B 271 -20.77 2.02 -12.54
CA ALA B 271 -22.16 2.35 -12.29
C ALA B 271 -23.03 1.31 -12.97
N PRO B 272 -24.17 0.95 -12.37
CA PRO B 272 -24.68 1.42 -11.07
C PRO B 272 -23.92 0.72 -9.95
N LEU B 273 -23.78 1.37 -8.80
CA LEU B 273 -23.14 0.74 -7.67
C LEU B 273 -24.16 -0.13 -6.96
N THR B 274 -23.83 -1.42 -6.83
CA THR B 274 -24.70 -2.45 -6.28
C THR B 274 -23.96 -3.22 -5.18
N SER B 275 -24.71 -3.65 -4.16
CA SER B 275 -24.16 -4.52 -3.14
C SER B 275 -24.46 -5.97 -3.52
N ARG B 276 -23.67 -6.89 -2.97
CA ARG B 276 -23.84 -8.31 -3.28
C ARG B 276 -25.16 -8.83 -2.76
N GLY B 277 -25.80 -9.70 -3.55
CA GLY B 277 -27.02 -10.39 -3.13
C GLY B 277 -28.33 -9.67 -3.33
N SER B 278 -28.37 -8.36 -3.10
CA SER B 278 -29.58 -7.58 -3.23
C SER B 278 -29.61 -6.93 -4.61
N GLN B 279 -30.65 -7.23 -5.39
CA GLN B 279 -30.82 -6.72 -6.73
C GLN B 279 -31.93 -5.68 -6.75
N GLN B 280 -31.73 -4.61 -7.52
CA GLN B 280 -32.76 -3.61 -7.77
C GLN B 280 -33.18 -3.66 -9.23
N TYR B 281 -34.49 -3.48 -9.45
CA TYR B 281 -35.18 -3.96 -10.63
C TYR B 281 -35.44 -2.89 -11.68
N ARG B 282 -35.09 -1.64 -11.41
CA ARG B 282 -35.22 -0.56 -12.39
C ARG B 282 -33.85 -0.31 -13.03
N ALA B 283 -33.75 -0.53 -14.33
CA ALA B 283 -32.51 -0.20 -15.01
C ALA B 283 -32.31 1.32 -15.01
N LEU B 284 -31.06 1.73 -15.11
CA LEU B 284 -30.77 3.14 -15.23
C LEU B 284 -31.11 3.64 -16.63
N THR B 285 -31.19 4.95 -16.76
CA THR B 285 -31.22 5.56 -18.08
C THR B 285 -29.79 5.89 -18.46
N VAL B 286 -29.51 5.92 -19.76
CA VAL B 286 -28.18 6.28 -20.23
C VAL B 286 -27.79 7.58 -19.57
N PRO B 287 -28.68 8.57 -19.46
CA PRO B 287 -28.32 9.78 -18.70
C PRO B 287 -27.93 9.48 -17.25
N GLU B 288 -28.60 8.53 -16.60
CA GLU B 288 -28.25 8.20 -15.21
C GLU B 288 -26.89 7.51 -15.14
N LEU B 289 -26.67 6.51 -15.99
CA LEU B 289 -25.36 5.84 -16.06
C LEU B 289 -24.24 6.85 -16.21
N THR B 290 -24.40 7.77 -17.15
CA THR B 290 -23.34 8.75 -17.43
C THR B 290 -23.05 9.60 -16.20
N GLN B 291 -24.08 10.12 -15.53
CA GLN B 291 -23.80 10.94 -14.35
C GLN B 291 -23.18 10.13 -13.21
N GLN B 292 -23.67 8.93 -12.95
CA GLN B 292 -23.11 8.15 -11.85
C GLN B 292 -21.66 7.74 -12.13
N MET B 293 -21.35 7.33 -13.36
CA MET B 293 -19.99 6.86 -13.66
C MET B 293 -18.94 7.96 -13.46
N PHE B 294 -19.30 9.23 -13.67
CA PHE B 294 -18.39 10.35 -13.44
C PHE B 294 -18.46 10.91 -12.02
N ASP B 295 -19.36 10.42 -11.19
CA ASP B 295 -19.50 10.95 -9.84
C ASP B 295 -18.37 10.42 -8.96
N SER B 296 -17.82 11.32 -8.14
CA SER B 296 -16.72 10.94 -7.25
C SER B 296 -17.10 9.76 -6.39
N LYS B 297 -18.40 9.60 -6.07
CA LYS B 297 -18.90 8.51 -5.24
C LYS B 297 -18.81 7.18 -5.92
N ASN B 298 -18.51 7.14 -7.22
CA ASN B 298 -18.33 5.88 -7.94
C ASN B 298 -16.87 5.57 -8.27
N MET B 299 -15.93 6.42 -7.86
CA MET B 299 -14.53 6.16 -8.15
C MET B 299 -13.98 5.12 -7.17
N MET B 300 -13.19 4.19 -7.70
CA MET B 300 -12.56 3.14 -6.91
C MET B 300 -11.22 3.59 -6.33
N ALA B 301 -10.83 4.84 -6.59
CA ALA B 301 -9.68 5.47 -5.98
C ALA B 301 -10.15 6.73 -5.26
N ALA B 302 -9.85 6.82 -3.97
CA ALA B 302 -10.43 7.85 -3.10
C ALA B 302 -9.80 9.21 -3.38
N CYS B 303 -10.15 9.77 -4.53
CA CYS B 303 -9.67 11.08 -4.97
C CYS B 303 -10.85 11.86 -5.50
N ASP B 304 -10.81 13.17 -5.33
CA ASP B 304 -11.88 14.02 -5.82
C ASP B 304 -11.48 14.46 -7.23
N PRO B 305 -12.23 14.04 -8.27
CA PRO B 305 -11.84 14.44 -9.64
C PRO B 305 -11.86 15.94 -9.84
N ARG B 306 -12.74 16.66 -9.13
CA ARG B 306 -12.76 18.12 -9.24
C ARG B 306 -11.53 18.78 -8.65
N HIS B 307 -10.62 18.03 -8.05
CA HIS B 307 -9.38 18.60 -7.56
C HIS B 307 -8.27 18.46 -8.59
N GLY B 308 -8.59 18.03 -9.80
CA GLY B 308 -7.59 17.84 -10.82
C GLY B 308 -8.21 17.86 -12.19
N ARG B 309 -7.46 17.35 -13.16
CA ARG B 309 -7.94 17.33 -14.54
C ARG B 309 -7.76 15.96 -15.16
N TYR B 310 -8.70 15.60 -16.02
CA TYR B 310 -8.62 14.37 -16.76
C TYR B 310 -7.70 14.57 -17.95
N LEU B 311 -6.59 13.84 -17.97
CA LEU B 311 -5.73 13.80 -19.14
C LEU B 311 -6.38 13.02 -20.28
N THR B 312 -6.87 11.83 -19.96
CA THR B 312 -7.55 10.93 -20.88
C THR B 312 -8.61 10.20 -20.09
N VAL B 313 -9.64 9.72 -20.79
CA VAL B 313 -10.72 8.95 -20.20
C VAL B 313 -11.12 7.87 -21.21
N ALA B 314 -11.32 6.65 -20.72
CA ALA B 314 -11.92 5.57 -21.49
C ALA B 314 -13.18 5.14 -20.75
N ALA B 315 -14.29 5.05 -21.49
CA ALA B 315 -15.61 4.71 -20.95
C ALA B 315 -16.18 3.57 -21.76
N ILE B 316 -16.79 2.60 -21.07
CA ILE B 316 -17.38 1.46 -21.75
C ILE B 316 -18.79 1.25 -21.20
N PHE B 317 -19.78 1.22 -22.09
CA PHE B 317 -21.19 1.02 -21.75
C PHE B 317 -21.62 -0.38 -22.16
N ARG B 318 -22.19 -1.13 -21.21
CA ARG B 318 -22.56 -2.52 -21.44
C ARG B 318 -24.07 -2.71 -21.31
N GLY B 319 -24.66 -3.37 -22.29
CA GLY B 319 -26.09 -3.59 -22.36
C GLY B 319 -26.71 -3.07 -23.64
N ARG B 320 -27.94 -3.50 -23.88
CA ARG B 320 -28.70 -3.04 -25.03
C ARG B 320 -29.18 -1.61 -24.78
N MET B 321 -28.68 -0.65 -25.55
CA MET B 321 -29.04 0.76 -25.37
C MET B 321 -28.81 1.49 -26.67
N SER B 322 -29.28 2.73 -26.73
CA SER B 322 -29.08 3.59 -27.88
C SER B 322 -27.65 4.11 -27.86
N MET B 323 -26.85 3.70 -28.86
CA MET B 323 -25.53 4.29 -28.99
C MET B 323 -25.61 5.77 -29.35
N LYS B 324 -26.69 6.20 -30.02
CA LYS B 324 -26.90 7.63 -30.22
C LYS B 324 -27.03 8.34 -28.88
N GLU B 325 -27.83 7.80 -27.96
CA GLU B 325 -28.00 8.44 -26.66
C GLU B 325 -26.71 8.38 -25.85
N VAL B 326 -25.99 7.25 -25.96
CA VAL B 326 -24.69 7.16 -25.30
C VAL B 326 -23.76 8.26 -25.80
N ASP B 327 -23.70 8.45 -27.12
CA ASP B 327 -22.84 9.49 -27.69
C ASP B 327 -23.24 10.87 -27.20
N GLU B 328 -24.55 11.16 -27.20
CA GLU B 328 -25.01 12.48 -26.78
C GLU B 328 -24.68 12.72 -25.31
N GLN B 329 -24.93 11.72 -24.46
CA GLN B 329 -24.67 11.90 -23.02
C GLN B 329 -23.18 12.07 -22.75
N MET B 330 -22.33 11.31 -23.45
CA MET B 330 -20.89 11.48 -23.25
C MET B 330 -20.40 12.83 -23.75
N LEU B 331 -20.88 13.28 -24.91
CA LEU B 331 -20.58 14.63 -25.38
C LEU B 331 -21.11 15.68 -24.39
N ASN B 332 -22.26 15.42 -23.78
CA ASN B 332 -22.85 16.37 -22.84
C ASN B 332 -21.94 16.63 -21.64
N VAL B 333 -21.45 15.56 -21.02
CA VAL B 333 -20.64 15.74 -19.81
C VAL B 333 -19.36 16.53 -20.11
N GLN B 334 -18.73 16.28 -21.27
CA GLN B 334 -17.50 17.00 -21.62
C GLN B 334 -17.78 18.47 -21.91
N ASN B 335 -18.83 18.75 -22.69
CA ASN B 335 -19.16 20.12 -23.08
C ASN B 335 -19.61 20.94 -21.87
N LYS B 336 -20.32 20.33 -20.92
CA LYS B 336 -20.75 21.02 -19.71
C LYS B 336 -19.65 21.15 -18.66
N ASN B 337 -18.63 20.29 -18.69
CA ASN B 337 -17.58 20.29 -17.66
C ASN B 337 -16.20 20.46 -18.27
N SER B 338 -16.10 21.22 -19.37
CA SER B 338 -14.90 21.22 -20.20
C SER B 338 -13.65 21.65 -19.44
N SER B 339 -13.80 22.39 -18.34
CA SER B 339 -12.61 22.86 -17.62
C SER B 339 -11.82 21.70 -17.03
N TYR B 340 -12.49 20.57 -16.74
CA TYR B 340 -11.86 19.42 -16.10
C TYR B 340 -11.23 18.46 -17.10
N PHE B 341 -11.15 18.84 -18.37
CA PHE B 341 -10.43 18.04 -19.35
C PHE B 341 -9.34 18.91 -19.93
N VAL B 342 -8.11 18.40 -19.94
CA VAL B 342 -7.01 19.24 -20.39
C VAL B 342 -7.27 19.63 -21.84
N GLU B 343 -7.07 20.93 -22.11
CA GLU B 343 -7.29 21.48 -23.43
C GLU B 343 -6.21 21.07 -24.42
N TRP B 344 -5.05 20.63 -23.94
CA TRP B 344 -3.95 20.28 -24.81
C TRP B 344 -3.96 18.81 -25.24
N ILE B 345 -5.01 18.06 -24.92
CA ILE B 345 -5.18 16.74 -25.52
C ILE B 345 -6.55 16.73 -26.16
N PRO B 346 -6.69 17.08 -27.44
CA PRO B 346 -8.03 17.16 -28.03
C PRO B 346 -8.73 15.81 -27.99
N ASN B 347 -10.03 15.87 -27.70
CA ASN B 347 -10.90 14.69 -27.78
C ASN B 347 -10.36 13.56 -26.91
N ASN B 348 -10.02 13.89 -25.66
CA ASN B 348 -9.35 12.92 -24.81
C ASN B 348 -10.31 11.92 -24.15
N VAL B 349 -11.58 11.88 -24.58
CA VAL B 349 -12.59 10.94 -24.09
C VAL B 349 -13.04 10.03 -25.23
N LYS B 350 -12.90 8.73 -25.05
CA LYS B 350 -13.30 7.76 -26.06
C LYS B 350 -14.25 6.76 -25.43
N THR B 351 -15.36 6.48 -26.10
CA THR B 351 -16.41 5.63 -25.59
C THR B 351 -16.53 4.39 -26.45
N ALA B 352 -16.78 3.26 -25.80
CA ALA B 352 -17.03 1.98 -26.45
C ALA B 352 -18.30 1.39 -25.86
N VAL B 353 -18.98 0.58 -26.66
CA VAL B 353 -20.24 -0.03 -26.25
C VAL B 353 -20.13 -1.53 -26.53
N CYS B 354 -20.67 -2.33 -25.63
CA CYS B 354 -20.74 -3.77 -25.82
C CYS B 354 -22.15 -4.23 -25.47
N ASP B 355 -22.69 -5.16 -26.26
CA ASP B 355 -24.08 -5.57 -26.09
C ASP B 355 -24.26 -6.41 -24.84
N ILE B 356 -23.27 -7.24 -24.52
CA ILE B 356 -23.42 -8.16 -23.40
C ILE B 356 -23.29 -7.38 -22.10
N PRO B 357 -24.31 -7.38 -21.25
CA PRO B 357 -24.19 -6.74 -19.94
C PRO B 357 -23.57 -7.70 -18.94
N PRO B 358 -23.09 -7.19 -17.81
CA PRO B 358 -22.59 -8.09 -16.76
C PRO B 358 -23.77 -8.79 -16.06
N ARG B 359 -23.43 -9.84 -15.31
CA ARG B 359 -24.44 -10.62 -14.61
C ARG B 359 -25.22 -9.74 -13.64
N GLY B 360 -26.55 -9.81 -13.71
CA GLY B 360 -27.40 -9.14 -12.76
C GLY B 360 -27.82 -7.73 -13.11
N LEU B 361 -27.26 -7.14 -14.17
CA LEU B 361 -27.57 -5.79 -14.59
C LEU B 361 -28.02 -5.79 -16.05
N LYS B 362 -29.08 -5.05 -16.35
CA LYS B 362 -29.41 -4.84 -17.76
C LYS B 362 -28.47 -3.80 -18.40
N MET B 363 -27.92 -2.89 -17.61
CA MET B 363 -27.05 -1.85 -18.14
C MET B 363 -26.01 -1.43 -17.13
N SER B 364 -24.78 -1.22 -17.59
CA SER B 364 -23.73 -0.74 -16.72
C SER B 364 -22.81 0.19 -17.50
N ALA B 365 -22.07 1.01 -16.76
CA ALA B 365 -21.06 1.89 -17.30
C ALA B 365 -19.80 1.75 -16.47
N THR B 366 -18.68 1.52 -17.14
CA THR B 366 -17.38 1.47 -16.49
C THR B 366 -16.52 2.62 -16.95
N PHE B 367 -15.77 3.18 -16.01
CA PHE B 367 -15.03 4.40 -16.22
C PHE B 367 -13.56 4.09 -15.96
N ILE B 368 -12.70 4.55 -16.87
CA ILE B 368 -11.24 4.48 -16.67
C ILE B 368 -10.67 5.88 -16.85
N GLY B 369 -10.23 6.50 -15.75
CA GLY B 369 -9.72 7.85 -15.86
C GLY B 369 -8.25 8.00 -15.53
N ASN B 370 -7.51 8.69 -16.40
CA ASN B 370 -6.18 9.14 -16.06
C ASN B 370 -6.31 10.60 -15.63
N SER B 371 -6.46 10.81 -14.33
CA SER B 371 -6.69 12.12 -13.73
C SER B 371 -5.50 12.58 -12.90
N THR B 372 -5.18 13.87 -12.98
CA THR B 372 -4.16 14.37 -12.06
C THR B 372 -4.61 14.32 -10.60
N ALA B 373 -5.89 14.09 -10.33
CA ALA B 373 -6.33 13.95 -8.94
C ALA B 373 -5.82 12.67 -8.29
N ILE B 374 -5.32 11.71 -9.07
CA ILE B 374 -4.73 10.52 -8.47
C ILE B 374 -3.60 10.88 -7.52
N GLN B 375 -3.01 12.06 -7.65
CA GLN B 375 -1.95 12.45 -6.74
C GLN B 375 -2.41 12.46 -5.29
N GLU B 376 -3.71 12.65 -5.04
CA GLU B 376 -4.20 12.64 -3.66
C GLU B 376 -3.92 11.29 -3.01
N LEU B 377 -4.12 10.21 -3.77
CA LEU B 377 -3.84 8.87 -3.29
C LEU B 377 -2.41 8.74 -2.83
N PHE B 378 -1.46 9.16 -3.66
CA PHE B 378 -0.05 9.02 -3.32
C PHE B 378 0.35 9.97 -2.19
N LYS B 379 -0.25 11.17 -2.13
CA LYS B 379 0.01 12.07 -0.99
C LYS B 379 -0.41 11.43 0.33
N ARG B 380 -1.60 10.84 0.36
CA ARG B 380 -2.10 10.19 1.56
C ARG B 380 -1.14 9.12 2.04
N ILE B 381 -0.66 8.28 1.12
CA ILE B 381 0.28 7.23 1.47
C ILE B 381 1.61 7.84 1.88
N SER B 382 2.02 8.92 1.22
CA SER B 382 3.28 9.57 1.59
C SER B 382 3.24 10.13 3.01
N GLU B 383 2.10 10.69 3.44
CA GLU B 383 2.01 11.21 4.81
C GLU B 383 2.14 10.08 5.84
N GLN B 384 1.42 8.99 5.62
CA GLN B 384 1.47 7.86 6.54
C GLN B 384 2.86 7.24 6.58
N PHE B 385 3.54 7.18 5.44
CA PHE B 385 4.91 6.69 5.41
C PHE B 385 5.80 7.54 6.32
N THR B 386 5.86 8.86 6.07
CA THR B 386 6.79 9.72 6.80
C THR B 386 6.44 9.79 8.28
N ALA B 387 5.16 9.69 8.65
CA ALA B 387 4.80 9.75 10.05
C ALA B 387 5.55 8.69 10.84
N MET B 388 5.71 7.50 10.28
CA MET B 388 6.50 6.48 10.92
C MET B 388 7.97 6.61 10.59
N PHE B 389 8.28 6.93 9.34
CA PHE B 389 9.65 6.89 8.87
C PHE B 389 10.52 7.93 9.55
N ARG B 390 9.93 9.07 9.96
CA ARG B 390 10.73 10.11 10.63
C ARG B 390 11.30 9.63 11.96
N ARG B 391 10.65 8.66 12.60
CA ARG B 391 11.18 8.02 13.81
C ARG B 391 11.75 6.65 13.50
N LYS B 392 11.86 6.30 12.22
CA LYS B 392 12.41 5.02 11.80
C LYS B 392 11.62 3.85 12.40
N ALA B 393 10.33 4.08 12.65
CA ALA B 393 9.50 3.12 13.38
C ALA B 393 9.23 1.88 12.52
N PHE B 394 9.37 0.71 13.14
CA PHE B 394 9.10 -0.58 12.51
C PHE B 394 10.10 -0.95 11.43
N LEU B 395 11.18 -0.18 11.28
CA LEU B 395 12.18 -0.49 10.26
C LEU B 395 12.90 -1.84 10.47
N HIS B 396 13.04 -2.30 11.73
CA HIS B 396 13.85 -3.48 11.99
C HIS B 396 13.30 -4.69 11.26
N TRP B 397 11.98 -4.73 11.04
CA TRP B 397 11.40 -5.80 10.23
C TRP B 397 12.06 -5.84 8.85
N TYR B 398 12.58 -4.72 8.38
CA TYR B 398 13.12 -4.63 7.02
C TYR B 398 14.64 -4.74 7.01
N THR B 399 15.30 -3.98 7.88
CA THR B 399 16.75 -4.11 8.00
C THR B 399 17.14 -5.53 8.39
N GLY B 400 16.25 -6.25 9.09
CA GLY B 400 16.54 -7.65 9.39
C GLY B 400 16.59 -8.56 8.17
N GLU B 401 16.01 -8.16 7.04
CA GLU B 401 16.12 -8.91 5.79
C GLU B 401 17.22 -8.39 4.87
N GLY B 402 18.05 -7.47 5.36
CA GLY B 402 19.15 -6.94 4.58
C GLY B 402 18.92 -5.59 3.92
N MET B 403 17.75 -4.97 4.12
CA MET B 403 17.48 -3.68 3.52
C MET B 403 18.10 -2.55 4.33
N ASP B 404 18.34 -1.47 3.61
CA ASP B 404 18.96 -0.24 4.09
C ASP B 404 17.93 0.89 4.10
N GLU B 405 18.07 1.80 5.08
CA GLU B 405 17.25 2.99 5.14
C GLU B 405 17.27 3.74 3.81
N MET B 406 18.44 3.81 3.18
CA MET B 406 18.59 4.57 1.94
C MET B 406 17.53 4.16 0.92
N GLU B 407 17.24 2.85 0.85
CA GLU B 407 16.25 2.34 -0.09
C GLU B 407 14.86 2.91 0.20
N PHE B 408 14.53 3.11 1.48
CA PHE B 408 13.27 3.78 1.85
C PHE B 408 13.28 5.24 1.42
N THR B 409 14.41 5.93 1.60
CA THR B 409 14.50 7.32 1.19
C THR B 409 14.33 7.47 -0.33
N GLU B 410 14.94 6.58 -1.11
CA GLU B 410 14.80 6.68 -2.56
C GLU B 410 13.35 6.47 -2.98
N ALA B 411 12.69 5.43 -2.44
CA ALA B 411 11.31 5.12 -2.83
C ALA B 411 10.36 6.25 -2.44
N GLU B 412 10.51 6.81 -1.24
CA GLU B 412 9.71 7.97 -0.86
C GLU B 412 9.95 9.15 -1.79
N SER B 413 11.22 9.41 -2.10
CA SER B 413 11.55 10.55 -2.96
C SER B 413 10.98 10.36 -4.37
N ASN B 414 11.06 9.13 -4.91
CA ASN B 414 10.46 8.89 -6.22
C ASN B 414 8.94 9.09 -6.18
N MET B 415 8.28 8.64 -5.11
CA MET B 415 6.84 8.83 -5.07
C MET B 415 6.45 10.30 -4.91
N ASN B 416 7.23 11.08 -4.16
CA ASN B 416 7.01 12.52 -4.10
C ASN B 416 7.19 13.16 -5.49
N ASP B 417 8.20 12.71 -6.26
CA ASP B 417 8.37 13.24 -7.61
C ASP B 417 7.17 12.90 -8.47
N LEU B 418 6.63 11.69 -8.34
CA LEU B 418 5.40 11.35 -9.06
C LEU B 418 4.30 12.33 -8.72
N VAL B 419 4.15 12.69 -7.45
CA VAL B 419 3.12 13.65 -7.07
C VAL B 419 3.37 15.00 -7.73
N SER B 420 4.63 15.45 -7.73
CA SER B 420 4.97 16.71 -8.40
C SER B 420 4.62 16.68 -9.89
N GLU B 421 4.96 15.58 -10.57
CA GLU B 421 4.69 15.52 -12.01
C GLU B 421 3.20 15.56 -12.29
N TYR B 422 2.40 14.87 -11.49
CA TYR B 422 0.95 14.96 -11.67
C TYR B 422 0.48 16.41 -11.42
N GLN B 423 1.11 17.10 -10.47
CA GLN B 423 0.73 18.49 -10.20
C GLN B 423 1.12 19.41 -11.34
N GLN B 424 2.21 19.09 -12.04
CA GLN B 424 2.68 19.90 -13.15
C GLN B 424 1.61 20.03 -14.24
N TYR B 425 0.92 18.95 -14.55
CA TYR B 425 -0.04 18.96 -15.65
C TYR B 425 -1.43 19.37 -15.24
N GLN B 426 -1.72 19.43 -13.94
CA GLN B 426 -3.02 19.88 -13.47
C GLN B 426 -3.26 21.36 -13.73
N ASP B 427 -2.20 22.15 -13.89
CA ASP B 427 -2.33 23.58 -14.12
C ASP B 427 -2.17 24.00 -15.57
N ALA B 428 -1.47 23.21 -16.38
CA ALA B 428 -1.30 23.50 -17.80
C ALA B 428 -2.63 23.60 -18.53
N MET C 1 1.83 -27.20 9.12
CA MET C 1 3.04 -27.02 9.92
C MET C 1 3.00 -25.68 10.66
N ARG C 2 4.16 -25.03 10.76
CA ARG C 2 4.34 -23.91 11.70
C ARG C 2 4.25 -24.38 13.15
N GLU C 3 5.10 -25.32 13.53
CA GLU C 3 5.10 -25.82 14.89
C GLU C 3 5.69 -24.79 15.85
N CYS C 4 5.25 -24.84 17.11
CA CYS C 4 5.79 -24.05 18.20
C CYS C 4 6.24 -25.02 19.28
N ILE C 5 7.45 -24.81 19.80
CA ILE C 5 7.97 -25.60 20.91
C ILE C 5 7.97 -24.75 22.16
N SER C 6 7.34 -25.27 23.22
CA SER C 6 7.28 -24.61 24.51
C SER C 6 8.39 -25.11 25.42
N ILE C 7 9.02 -24.20 26.15
CA ILE C 7 10.09 -24.56 27.08
C ILE C 7 9.72 -23.96 28.43
N HIS C 8 9.62 -24.84 29.44
CA HIS C 8 9.19 -24.49 30.78
C HIS C 8 10.36 -24.65 31.72
N VAL C 9 10.75 -23.56 32.39
CA VAL C 9 12.03 -23.48 33.08
C VAL C 9 11.82 -23.06 34.54
N GLY C 10 12.30 -23.90 35.47
CA GLY C 10 12.25 -23.60 36.89
C GLY C 10 10.87 -23.84 37.49
N GLN C 11 10.74 -23.57 38.78
CA GLN C 11 9.46 -23.87 39.42
C GLN C 11 8.30 -23.15 38.72
N ALA C 12 8.32 -21.81 38.68
CA ALA C 12 7.18 -21.07 38.13
C ALA C 12 6.85 -21.54 36.71
N GLY C 13 7.87 -21.66 35.86
CA GLY C 13 7.65 -22.07 34.47
C GLY C 13 7.06 -23.47 34.34
N VAL C 14 7.57 -24.41 35.13
CA VAL C 14 7.05 -25.77 35.08
C VAL C 14 5.59 -25.81 35.54
N GLN C 15 5.30 -25.17 36.69
CA GLN C 15 3.95 -25.25 37.22
C GLN C 15 2.94 -24.50 36.35
N ILE C 16 3.35 -23.39 35.75
CA ILE C 16 2.48 -22.71 34.80
C ILE C 16 2.30 -23.55 33.54
N GLY C 17 3.36 -24.25 33.12
CA GLY C 17 3.23 -25.20 32.03
C GLY C 17 2.21 -26.30 32.33
N ASN C 18 2.15 -26.76 33.57
CA ASN C 18 1.12 -27.74 33.93
C ASN C 18 -0.27 -27.18 33.69
N ALA C 19 -0.54 -25.98 34.20
CA ALA C 19 -1.85 -25.36 34.01
C ALA C 19 -2.16 -25.17 32.54
N CYS C 20 -1.20 -24.66 31.76
CA CYS C 20 -1.45 -24.37 30.36
C CYS C 20 -1.77 -25.63 29.57
N TRP C 21 -0.97 -26.68 29.73
CA TRP C 21 -1.18 -27.87 28.90
C TRP C 21 -2.44 -28.61 29.33
N GLU C 22 -2.79 -28.56 30.61
CA GLU C 22 -4.07 -29.11 31.02
C GLU C 22 -5.20 -28.38 30.31
N LEU C 23 -5.13 -27.05 30.30
CA LEU C 23 -6.18 -26.28 29.65
C LEU C 23 -6.22 -26.55 28.14
N TYR C 24 -5.06 -26.62 27.48
CA TYR C 24 -5.02 -26.95 26.04
C TYR C 24 -5.68 -28.30 25.78
N CYS C 25 -5.40 -29.31 26.62
CA CYS C 25 -6.02 -30.60 26.38
C CYS C 25 -7.54 -30.49 26.46
N LEU C 26 -8.04 -29.74 27.46
CA LEU C 26 -9.49 -29.58 27.58
C LEU C 26 -10.05 -28.84 26.39
N GLU C 27 -9.33 -27.83 25.89
CA GLU C 27 -9.83 -27.04 24.79
C GLU C 27 -9.91 -27.87 23.50
N HIS C 28 -9.01 -28.84 23.32
CA HIS C 28 -8.94 -29.62 22.08
C HIS C 28 -9.54 -31.03 22.19
N GLY C 29 -10.09 -31.39 23.34
CA GLY C 29 -10.61 -32.73 23.52
C GLY C 29 -9.56 -33.81 23.59
N ILE C 30 -8.42 -33.51 24.21
CA ILE C 30 -7.34 -34.47 24.39
C ILE C 30 -7.41 -35.01 25.82
N GLN C 31 -7.47 -36.33 25.95
CA GLN C 31 -7.62 -37.00 27.23
C GLN C 31 -6.27 -37.06 27.94
N PRO C 32 -6.27 -37.36 29.23
CA PRO C 32 -4.99 -37.42 29.95
C PRO C 32 -4.03 -38.46 29.35
N ASP C 33 -4.53 -39.51 28.71
CA ASP C 33 -3.67 -40.48 28.05
C ASP C 33 -3.19 -40.01 26.68
N GLY C 34 -3.62 -38.84 26.21
CA GLY C 34 -3.19 -38.29 24.95
C GLY C 34 -4.06 -38.66 23.76
N GLN C 35 -5.10 -39.47 23.96
CA GLN C 35 -5.98 -39.82 22.88
C GLN C 35 -6.94 -38.66 22.62
N MET C 36 -7.23 -38.44 21.33
CA MET C 36 -8.15 -37.40 20.85
C MET C 36 -9.14 -38.05 19.90
N PRO C 37 -10.31 -38.48 20.36
CA PRO C 37 -11.24 -39.22 19.48
C PRO C 37 -11.65 -38.48 18.21
N SER C 38 -11.75 -37.15 18.25
CA SER C 38 -12.20 -36.43 17.07
C SER C 38 -11.11 -36.28 16.02
N ASP C 39 -9.84 -36.59 16.35
CA ASP C 39 -8.77 -36.54 15.34
C ASP C 39 -8.83 -37.82 14.53
N LYS C 40 -9.32 -37.73 13.29
CA LYS C 40 -9.32 -38.89 12.40
C LYS C 40 -7.97 -39.08 11.71
N THR C 41 -7.09 -38.06 11.72
CA THR C 41 -5.69 -38.15 11.27
C THR C 41 -4.86 -38.95 12.26
N ILE C 42 -4.76 -40.27 12.12
CA ILE C 42 -4.03 -41.02 13.13
C ILE C 42 -2.54 -41.01 12.80
N GLY C 43 -1.73 -40.64 13.80
CA GLY C 43 -0.29 -40.54 13.65
C GLY C 43 0.21 -39.26 13.00
N GLY C 44 -0.68 -38.38 12.56
CA GLY C 44 -0.24 -37.16 11.92
C GLY C 44 -1.38 -36.22 11.59
N GLY C 45 -1.12 -35.33 10.64
CA GLY C 45 -2.08 -34.32 10.24
C GLY C 45 -1.44 -32.94 10.35
N ASP C 46 -1.93 -32.02 9.52
CA ASP C 46 -1.52 -30.62 9.54
C ASP C 46 -2.58 -29.72 10.14
N ASP C 47 -3.33 -30.22 11.12
CA ASP C 47 -4.37 -29.43 11.77
C ASP C 47 -3.78 -28.30 12.61
N SER C 48 -4.63 -27.31 12.91
CA SER C 48 -4.19 -26.18 13.72
C SER C 48 -3.65 -26.64 15.08
N PHE C 49 -4.32 -27.59 15.71
CA PHE C 49 -3.79 -27.96 17.01
C PHE C 49 -2.42 -28.63 16.90
N ASN C 50 -2.01 -29.07 15.71
CA ASN C 50 -0.72 -29.72 15.52
C ASN C 50 0.48 -28.80 15.66
N THR C 51 0.28 -27.47 15.68
CA THR C 51 1.36 -26.56 16.04
C THR C 51 1.85 -26.82 17.45
N PHE C 52 0.97 -27.27 18.36
CA PHE C 52 1.37 -27.51 19.74
C PHE C 52 1.44 -28.98 20.11
N PHE C 53 0.81 -29.88 19.34
CA PHE C 53 0.84 -31.31 19.64
C PHE C 53 1.38 -32.07 18.43
N SER C 54 2.32 -32.98 18.68
CA SER C 54 2.65 -33.99 17.69
C SER C 54 1.79 -35.22 17.97
N GLU C 55 1.82 -36.18 17.05
CA GLU C 55 1.03 -37.40 17.14
C GLU C 55 1.91 -38.63 16.90
N THR C 56 1.71 -39.67 17.73
CA THR C 56 2.30 -40.98 17.53
C THR C 56 1.36 -41.86 16.71
N GLY C 57 1.93 -42.94 16.15
CA GLY C 57 1.14 -43.91 15.41
C GLY C 57 0.01 -44.53 16.21
N ALA C 58 0.22 -44.72 17.52
CA ALA C 58 -0.74 -45.22 18.49
C ALA C 58 -1.82 -44.20 18.85
N GLY C 59 -1.90 -43.07 18.14
CA GLY C 59 -2.91 -42.05 18.34
C GLY C 59 -2.68 -41.08 19.48
N LYS C 60 -1.48 -41.07 20.08
CA LYS C 60 -1.23 -40.19 21.21
C LYS C 60 -0.78 -38.80 20.75
N HIS C 61 -1.40 -37.77 21.31
CA HIS C 61 -1.07 -36.38 21.03
C HIS C 61 -0.18 -35.86 22.14
N VAL C 62 1.04 -35.48 21.77
CA VAL C 62 2.12 -35.22 22.70
C VAL C 62 2.48 -33.74 22.61
N PRO C 63 2.49 -33.03 23.73
CA PRO C 63 2.92 -31.62 23.70
C PRO C 63 4.28 -31.47 23.05
N ARG C 64 4.43 -30.45 22.22
CA ARG C 64 5.75 -30.03 21.74
C ARG C 64 6.40 -29.17 22.83
N ALA C 65 6.88 -29.84 23.87
CA ALA C 65 7.26 -29.14 25.07
C ALA C 65 8.45 -29.80 25.74
N VAL C 66 9.24 -29.00 26.43
CA VAL C 66 10.30 -29.51 27.30
C VAL C 66 10.16 -28.79 28.62
N PHE C 67 10.22 -29.56 29.71
CA PHE C 67 10.26 -29.04 31.06
C PHE C 67 11.66 -29.25 31.58
N VAL C 68 12.28 -28.19 32.11
CA VAL C 68 13.63 -28.25 32.63
C VAL C 68 13.64 -27.63 34.02
N ASP C 69 14.21 -28.33 34.98
CA ASP C 69 14.45 -27.74 36.29
C ASP C 69 15.77 -28.27 36.82
N LEU C 70 16.46 -27.45 37.62
CA LEU C 70 17.76 -27.91 38.13
C LEU C 70 17.62 -28.77 39.37
N GLU C 71 16.41 -29.01 39.85
CA GLU C 71 16.12 -29.97 40.91
C GLU C 71 14.89 -30.76 40.50
N PRO C 72 14.67 -31.95 41.11
CA PRO C 72 13.64 -32.88 40.61
C PRO C 72 12.24 -32.70 41.19
N THR C 73 12.12 -31.96 42.30
CA THR C 73 10.87 -31.89 43.08
C THR C 73 9.64 -31.53 42.25
N VAL C 74 9.72 -30.45 41.49
CA VAL C 74 8.52 -29.97 40.82
C VAL C 74 8.21 -30.82 39.61
N ILE C 75 9.22 -31.17 38.82
CA ILE C 75 8.95 -32.02 37.66
C ILE C 75 8.56 -33.45 38.06
N ASP C 76 8.97 -33.93 39.25
CA ASP C 76 8.50 -35.25 39.68
C ASP C 76 6.99 -35.32 39.81
N GLU C 77 6.36 -34.23 40.27
CA GLU C 77 4.90 -34.20 40.34
C GLU C 77 4.25 -34.27 38.96
N VAL C 78 4.90 -33.75 37.93
CA VAL C 78 4.42 -34.00 36.57
C VAL C 78 4.61 -35.48 36.19
N ARG C 79 5.73 -36.08 36.57
CA ARG C 79 6.01 -37.47 36.22
C ARG C 79 5.01 -38.44 36.87
N THR C 80 4.40 -38.06 37.99
CA THR C 80 3.47 -38.93 38.71
C THR C 80 2.05 -38.38 38.73
N GLY C 81 1.79 -37.29 38.03
CA GLY C 81 0.51 -36.61 38.10
C GLY C 81 -0.52 -37.08 37.09
N THR C 82 -1.64 -36.37 37.10
CA THR C 82 -2.77 -36.72 36.25
C THR C 82 -2.37 -36.84 34.80
N TYR C 83 -1.42 -36.04 34.33
CA TYR C 83 -1.09 -35.99 32.91
C TYR C 83 0.26 -36.63 32.59
N ARG C 84 0.71 -37.58 33.42
CA ARG C 84 2.01 -38.20 33.21
C ARG C 84 2.10 -38.92 31.85
N GLN C 85 1.05 -39.63 31.44
CA GLN C 85 1.10 -40.33 30.16
C GLN C 85 1.19 -39.37 28.99
N LEU C 86 0.86 -38.10 29.19
CA LEU C 86 0.91 -37.13 28.10
C LEU C 86 2.34 -36.94 27.59
N PHE C 87 3.32 -36.93 28.49
CA PHE C 87 4.69 -36.56 28.15
C PHE C 87 5.60 -37.77 28.03
N HIS C 88 6.44 -37.77 27.01
CA HIS C 88 7.52 -38.74 26.93
C HIS C 88 8.52 -38.39 28.03
N PRO C 89 9.07 -39.40 28.72
CA PRO C 89 9.98 -39.11 29.83
C PRO C 89 11.13 -38.20 29.48
N GLU C 90 11.67 -38.28 28.26
CA GLU C 90 12.79 -37.43 27.84
C GLU C 90 12.41 -35.95 27.75
N GLN C 91 11.11 -35.63 27.70
CA GLN C 91 10.67 -34.24 27.68
C GLN C 91 10.77 -33.57 29.05
N LEU C 92 10.93 -34.35 30.13
CA LEU C 92 10.95 -33.87 31.52
C LEU C 92 12.36 -34.03 32.07
N ILE C 93 13.10 -32.93 32.19
CA ILE C 93 14.53 -32.96 32.50
C ILE C 93 14.78 -32.34 33.87
N THR C 94 15.54 -33.03 34.69
CA THR C 94 15.82 -32.55 36.03
C THR C 94 17.27 -32.82 36.35
N GLY C 95 17.88 -31.86 37.04
CA GLY C 95 19.14 -32.05 37.72
C GLY C 95 18.87 -32.45 39.16
N LYS C 96 19.86 -32.24 40.02
CA LYS C 96 19.74 -32.66 41.41
C LYS C 96 19.92 -31.54 42.41
N GLU C 97 20.66 -30.52 42.06
CA GLU C 97 20.90 -29.34 42.88
C GLU C 97 20.26 -28.13 42.21
N ASP C 98 19.31 -27.46 42.87
CA ASP C 98 18.72 -26.32 42.19
C ASP C 98 19.69 -25.13 42.22
N ALA C 99 19.22 -23.96 41.80
CA ALA C 99 20.09 -22.82 41.70
C ALA C 99 20.20 -22.06 43.02
N ALA C 100 19.47 -22.50 44.04
CA ALA C 100 19.49 -21.85 45.37
C ALA C 100 19.23 -20.34 45.28
N ASN C 101 18.24 -19.95 44.47
CA ASN C 101 17.83 -18.56 44.25
C ASN C 101 18.96 -17.70 43.67
N ASN C 102 19.94 -18.31 43.00
CA ASN C 102 21.16 -17.61 42.57
C ASN C 102 21.28 -17.69 41.05
N TYR C 103 21.12 -16.55 40.39
CA TYR C 103 21.29 -16.49 38.94
C TYR C 103 22.63 -17.11 38.49
N ALA C 104 23.71 -16.85 39.24
CA ALA C 104 25.01 -17.35 38.81
C ALA C 104 25.06 -18.89 38.82
N ARG C 105 24.32 -19.52 39.72
CA ARG C 105 24.24 -20.98 39.73
C ARG C 105 23.36 -21.49 38.60
N GLY C 106 22.26 -20.79 38.30
CA GLY C 106 21.44 -21.20 37.18
C GLY C 106 22.15 -21.00 35.87
N HIS C 107 22.90 -19.90 35.73
CA HIS C 107 23.53 -19.61 34.46
C HIS C 107 24.85 -20.35 34.29
N TYR C 108 25.64 -20.47 35.37
CA TYR C 108 26.99 -21.00 35.26
C TYR C 108 27.21 -22.32 35.99
N THR C 109 27.11 -22.33 37.31
CA THR C 109 27.70 -23.41 38.11
C THR C 109 26.92 -24.70 37.91
N ILE C 110 25.63 -24.67 38.21
CA ILE C 110 24.77 -25.82 38.03
C ILE C 110 24.22 -25.89 36.62
N GLY C 111 23.87 -24.73 36.03
CA GLY C 111 23.22 -24.75 34.72
C GLY C 111 24.08 -25.31 33.61
N LYS C 112 25.37 -24.98 33.62
CA LYS C 112 26.26 -25.44 32.56
C LYS C 112 26.40 -26.96 32.54
N GLU C 113 26.06 -27.67 33.62
CA GLU C 113 26.20 -29.13 33.63
C GLU C 113 25.08 -29.84 32.89
N ILE C 114 23.97 -29.15 32.61
CA ILE C 114 22.82 -29.79 32.00
C ILE C 114 22.39 -29.14 30.69
N ILE C 115 22.99 -28.01 30.30
CA ILE C 115 22.54 -27.24 29.14
C ILE C 115 22.64 -28.07 27.86
N ASP C 116 23.74 -28.82 27.69
CA ASP C 116 23.89 -29.62 26.46
C ASP C 116 22.79 -30.67 26.35
N LEU C 117 22.46 -31.33 27.46
CA LEU C 117 21.37 -32.30 27.44
C LEU C 117 20.06 -31.62 27.07
N VAL C 118 19.81 -30.43 27.62
CA VAL C 118 18.56 -29.73 27.33
C VAL C 118 18.49 -29.40 25.85
N LEU C 119 19.59 -28.93 25.26
CA LEU C 119 19.59 -28.63 23.83
C LEU C 119 19.48 -29.90 22.99
N ASP C 120 19.95 -31.04 23.50
CA ASP C 120 19.74 -32.29 22.76
C ASP C 120 18.27 -32.63 22.70
N ARG C 121 17.57 -32.49 23.83
CA ARG C 121 16.14 -32.78 23.85
C ARG C 121 15.35 -31.79 23.00
N ILE C 122 15.72 -30.51 23.04
CA ILE C 122 15.02 -29.55 22.19
C ILE C 122 15.26 -29.89 20.74
N ARG C 123 16.50 -30.23 20.39
CA ARG C 123 16.82 -30.61 19.02
C ARG C 123 15.97 -31.79 18.54
N LYS C 124 15.70 -32.77 19.41
CA LYS C 124 14.86 -33.90 19.01
C LYS C 124 13.44 -33.45 18.70
N LEU C 125 12.97 -32.42 19.40
CA LEU C 125 11.65 -31.89 19.10
C LEU C 125 11.67 -31.13 17.77
N ALA C 126 12.70 -30.31 17.56
CA ALA C 126 12.76 -29.51 16.33
C ALA C 126 12.84 -30.40 15.11
N ASP C 127 13.56 -31.51 15.21
CA ASP C 127 13.73 -32.42 14.09
C ASP C 127 12.43 -33.12 13.70
N GLN C 128 11.41 -33.10 14.57
CA GLN C 128 10.11 -33.61 14.19
C GLN C 128 9.20 -32.55 13.55
N CYS C 129 9.68 -31.32 13.39
CA CYS C 129 8.89 -30.23 12.85
C CYS C 129 9.19 -30.08 11.37
N THR C 130 8.13 -29.97 10.56
CA THR C 130 8.32 -29.70 9.14
C THR C 130 8.49 -28.21 8.84
N GLY C 131 7.92 -27.35 9.69
CA GLY C 131 7.99 -25.90 9.60
C GLY C 131 8.18 -25.10 10.89
N LEU C 132 9.14 -25.45 11.75
CA LEU C 132 9.27 -24.82 13.06
C LEU C 132 9.29 -23.29 12.96
N GLN C 133 8.34 -22.67 13.62
CA GLN C 133 8.18 -21.23 13.69
C GLN C 133 9.00 -20.63 14.83
N GLY C 134 9.02 -21.27 15.99
CA GLY C 134 9.83 -20.77 17.09
C GLY C 134 9.48 -21.40 18.43
N PHE C 135 9.90 -20.71 19.49
CA PHE C 135 9.89 -21.22 20.86
C PHE C 135 9.08 -20.28 21.74
N LEU C 136 8.40 -20.87 22.72
CA LEU C 136 7.74 -20.13 23.80
C LEU C 136 8.40 -20.54 25.09
N VAL C 137 9.01 -19.57 25.78
CA VAL C 137 9.84 -19.85 26.95
C VAL C 137 9.17 -19.28 28.19
N PHE C 138 8.88 -20.16 29.15
CA PHE C 138 8.16 -19.80 30.36
C PHE C 138 9.11 -19.88 31.55
N HIS C 139 9.12 -18.85 32.41
CA HIS C 139 10.05 -18.87 33.55
C HIS C 139 9.73 -17.70 34.47
N SER C 140 10.22 -17.77 35.68
CA SER C 140 10.15 -16.62 36.58
C SER C 140 11.39 -15.75 36.38
N PHE C 141 11.22 -14.45 36.66
CA PHE C 141 12.34 -13.52 36.80
C PHE C 141 13.14 -13.79 38.06
N GLY C 142 12.46 -14.23 39.12
CA GLY C 142 13.01 -14.24 40.45
C GLY C 142 13.77 -15.49 40.87
N GLY C 143 13.39 -16.66 40.33
CA GLY C 143 14.08 -17.88 40.69
C GLY C 143 15.50 -17.89 40.15
N GLY C 144 16.35 -18.72 40.78
CA GLY C 144 17.70 -18.90 40.27
C GLY C 144 17.74 -19.62 38.94
N THR C 145 16.83 -20.59 38.75
CA THR C 145 16.73 -21.33 37.50
C THR C 145 16.02 -20.51 36.43
N GLY C 146 14.81 -20.01 36.74
CA GLY C 146 14.08 -19.18 35.79
C GLY C 146 14.90 -18.03 35.24
N SER C 147 15.78 -17.45 36.05
CA SER C 147 16.58 -16.32 35.57
C SER C 147 17.88 -16.79 34.91
N GLY C 148 18.71 -17.51 35.65
CA GLY C 148 20.03 -17.85 35.14
C GLY C 148 20.02 -18.95 34.09
N PHE C 149 19.29 -20.05 34.34
CA PHE C 149 19.28 -21.08 33.31
C PHE C 149 18.55 -20.59 32.05
N THR C 150 17.44 -19.88 32.22
CA THR C 150 16.70 -19.37 31.05
C THR C 150 17.60 -18.53 30.16
N SER C 151 18.36 -17.61 30.76
CA SER C 151 19.16 -16.73 29.89
C SER C 151 20.28 -17.50 29.21
N LEU C 152 20.87 -18.49 29.89
CA LEU C 152 21.82 -19.40 29.26
C LEU C 152 21.19 -20.13 28.09
N LEU C 153 19.98 -20.64 28.28
CA LEU C 153 19.28 -21.34 27.21
C LEU C 153 18.97 -20.40 26.03
N MET C 154 18.50 -19.18 26.31
CA MET C 154 18.18 -18.24 25.23
C MET C 154 19.40 -17.90 24.40
N GLU C 155 20.56 -17.73 25.05
CA GLU C 155 21.83 -17.50 24.36
C GLU C 155 22.16 -18.69 23.47
N ARG C 156 22.04 -19.91 24.02
CA ARG C 156 22.37 -21.10 23.23
C ARG C 156 21.37 -21.30 22.09
N LEU C 157 20.10 -20.96 22.31
CA LEU C 157 19.10 -21.08 21.26
C LEU C 157 19.37 -20.11 20.10
N SER C 158 19.81 -18.88 20.39
CA SER C 158 20.19 -17.97 19.31
C SER C 158 21.32 -18.54 18.48
N VAL C 159 22.26 -19.22 19.13
CA VAL C 159 23.38 -19.81 18.39
C VAL C 159 22.89 -20.97 17.54
N ASP C 160 22.10 -21.87 18.12
CA ASP C 160 21.73 -23.12 17.49
C ASP C 160 20.55 -22.99 16.53
N TYR C 161 19.75 -21.93 16.66
CA TYR C 161 18.58 -21.73 15.80
C TYR C 161 18.52 -20.30 15.27
N GLY C 162 19.65 -19.79 14.80
CA GLY C 162 19.72 -18.46 14.22
C GLY C 162 18.81 -17.44 14.86
N LYS C 163 18.04 -16.72 14.04
CA LYS C 163 17.09 -15.77 14.60
C LYS C 163 15.65 -16.29 14.55
N LYS C 164 15.48 -17.62 14.47
CA LYS C 164 14.21 -18.27 14.75
C LYS C 164 13.52 -17.60 15.94
N SER C 165 12.21 -17.40 15.83
CA SER C 165 11.47 -16.60 16.79
C SER C 165 11.52 -17.19 18.22
N LYS C 166 11.76 -16.33 19.21
CA LYS C 166 11.74 -16.71 20.62
C LYS C 166 10.87 -15.73 21.41
N LEU C 167 9.78 -16.24 21.98
CA LEU C 167 8.85 -15.48 22.79
C LEU C 167 8.94 -15.93 24.25
N GLU C 168 8.66 -15.01 25.18
CA GLU C 168 8.79 -15.29 26.60
C GLU C 168 7.46 -15.03 27.30
N PHE C 169 7.16 -15.87 28.30
CA PHE C 169 6.20 -15.58 29.34
C PHE C 169 6.97 -15.49 30.66
N SER C 170 7.02 -14.29 31.23
CA SER C 170 7.95 -13.99 32.32
C SER C 170 7.20 -13.54 33.56
N ILE C 171 7.49 -14.18 34.68
CA ILE C 171 6.80 -13.91 35.93
C ILE C 171 7.61 -12.88 36.69
N TYR C 172 7.06 -11.70 36.80
CA TYR C 172 7.62 -10.58 37.49
C TYR C 172 7.33 -10.70 39.00
N PRO C 173 8.31 -10.47 39.87
CA PRO C 173 8.15 -10.79 41.29
C PRO C 173 7.23 -9.82 42.02
N ALA C 174 6.56 -10.35 43.04
CA ALA C 174 5.68 -9.66 43.96
C ALA C 174 5.98 -10.09 45.39
N PRO C 175 5.95 -9.17 46.36
CA PRO C 175 6.23 -9.55 47.75
C PRO C 175 5.25 -10.55 48.35
N GLN C 176 3.98 -10.55 47.90
CA GLN C 176 2.97 -11.45 48.48
C GLN C 176 3.32 -12.93 48.32
N VAL C 177 3.97 -13.32 47.21
CA VAL C 177 4.22 -14.75 47.00
C VAL C 177 5.67 -15.05 46.62
N SER C 178 6.54 -14.06 46.71
CA SER C 178 7.93 -14.27 46.38
C SER C 178 8.60 -15.18 47.41
N THR C 179 9.73 -15.76 47.01
CA THR C 179 10.46 -16.70 47.84
C THR C 179 11.86 -16.22 48.25
N ALA C 180 12.42 -15.19 47.61
CA ALA C 180 13.79 -14.82 47.92
C ALA C 180 13.92 -13.31 47.95
N VAL C 181 14.86 -12.84 48.77
CA VAL C 181 15.13 -11.42 48.89
C VAL C 181 15.97 -10.92 47.70
N VAL C 182 16.66 -11.81 46.98
CA VAL C 182 17.54 -11.40 45.90
C VAL C 182 16.82 -11.43 44.56
N GLU C 183 15.49 -11.54 44.57
CA GLU C 183 14.79 -11.58 43.28
C GLU C 183 15.06 -10.36 42.42
N PRO C 184 15.19 -9.14 42.97
CA PRO C 184 15.53 -8.00 42.09
C PRO C 184 16.85 -8.19 41.35
N TYR C 185 17.87 -8.75 41.99
CA TYR C 185 19.14 -9.01 41.32
C TYR C 185 18.93 -9.97 40.15
N ASN C 186 18.28 -11.11 40.41
CA ASN C 186 18.12 -12.12 39.37
C ASN C 186 17.30 -11.57 38.20
N SER C 187 16.27 -10.75 38.48
CA SER C 187 15.43 -10.14 37.43
C SER C 187 16.24 -9.24 36.49
N ILE C 188 17.03 -8.31 37.05
CA ILE C 188 17.84 -7.40 36.24
C ILE C 188 18.93 -8.17 35.48
N LEU C 189 19.57 -9.14 36.12
CA LEU C 189 20.58 -9.91 35.41
C LEU C 189 19.97 -10.65 34.20
N THR C 190 18.82 -11.31 34.39
CA THR C 190 18.26 -12.08 33.28
C THR C 190 17.60 -11.20 32.23
N THR C 191 16.97 -10.10 32.64
CA THR C 191 16.42 -9.18 31.65
C THR C 191 17.53 -8.64 30.75
N HIS C 192 18.67 -8.27 31.34
CA HIS C 192 19.79 -7.73 30.56
C HIS C 192 20.35 -8.77 29.59
N THR C 193 20.61 -10.00 30.07
CA THR C 193 21.21 -11.06 29.25
C THR C 193 20.30 -11.53 28.12
N THR C 194 18.99 -11.52 28.36
CA THR C 194 18.00 -12.07 27.44
C THR C 194 17.50 -11.05 26.43
N LEU C 195 17.74 -9.75 26.65
CA LEU C 195 17.06 -8.70 25.88
C LEU C 195 17.27 -8.85 24.35
N GLU C 196 18.51 -9.07 23.93
CA GLU C 196 18.90 -9.31 22.55
C GLU C 196 18.41 -10.65 22.01
N HIS C 197 18.09 -11.61 22.88
CA HIS C 197 17.75 -12.94 22.37
C HIS C 197 16.26 -13.18 22.32
N SER C 198 15.46 -12.23 22.75
CA SER C 198 14.02 -12.37 22.77
C SER C 198 13.38 -11.35 21.83
N ASP C 199 12.37 -11.79 21.08
CA ASP C 199 11.60 -10.99 20.13
C ASP C 199 10.36 -10.39 20.75
N CYS C 200 9.83 -11.04 21.77
CA CYS C 200 8.58 -10.62 22.35
C CYS C 200 8.46 -11.34 23.69
N ALA C 201 8.12 -10.59 24.74
CA ALA C 201 8.11 -11.13 26.10
C ALA C 201 6.87 -10.62 26.81
N PHE C 202 6.06 -11.53 27.36
CA PHE C 202 4.85 -11.17 28.08
C PHE C 202 5.12 -11.24 29.58
N MET C 203 5.22 -10.07 30.21
CA MET C 203 5.42 -10.02 31.63
C MET C 203 4.10 -10.24 32.34
N VAL C 204 4.11 -11.11 33.35
CA VAL C 204 2.97 -11.34 34.20
C VAL C 204 3.42 -10.97 35.60
N ASP C 205 2.83 -9.91 36.14
CA ASP C 205 3.13 -9.40 37.46
C ASP C 205 2.33 -10.20 38.47
N ASN C 206 3.02 -10.92 39.37
CA ASN C 206 2.32 -11.78 40.33
C ASN C 206 1.41 -10.99 41.26
N GLU C 207 1.74 -9.73 41.53
CA GLU C 207 0.87 -8.91 42.36
C GLU C 207 -0.43 -8.56 41.64
N ALA C 208 -0.34 -8.28 40.34
CA ALA C 208 -1.56 -8.04 39.56
C ALA C 208 -2.44 -9.29 39.53
N ILE C 209 -1.84 -10.46 39.29
CA ILE C 209 -2.64 -11.69 39.29
C ILE C 209 -3.19 -11.98 40.69
N TYR C 210 -2.37 -11.74 41.71
CA TYR C 210 -2.79 -11.95 43.10
C TYR C 210 -3.97 -11.07 43.46
N ASP C 211 -3.93 -9.79 43.06
CA ASP C 211 -5.03 -8.87 43.30
C ASP C 211 -6.31 -9.30 42.57
N ILE C 212 -6.17 -9.73 41.31
CA ILE C 212 -7.35 -10.14 40.54
C ILE C 212 -8.03 -11.33 41.18
N CYS C 213 -7.24 -12.31 41.66
CA CYS C 213 -7.85 -13.45 42.33
C CYS C 213 -8.58 -13.01 43.59
N ARG C 214 -7.99 -12.08 44.36
CA ARG C 214 -8.60 -11.59 45.60
C ARG C 214 -9.84 -10.76 45.32
N ARG C 215 -9.71 -9.75 44.45
CA ARG C 215 -10.82 -8.87 44.13
C ARG C 215 -11.94 -9.60 43.38
N ASN C 216 -11.62 -10.27 42.27
CA ASN C 216 -12.66 -10.73 41.36
C ASN C 216 -13.08 -12.17 41.56
N LEU C 217 -12.26 -12.99 42.21
CA LEU C 217 -12.66 -14.37 42.46
C LEU C 217 -12.94 -14.62 43.93
N ASP C 218 -12.80 -13.60 44.77
CA ASP C 218 -13.05 -13.69 46.20
C ASP C 218 -12.21 -14.79 46.85
N ILE C 219 -10.95 -14.92 46.42
CA ILE C 219 -10.00 -15.84 47.03
C ILE C 219 -9.22 -15.08 48.10
N GLU C 220 -9.34 -15.52 49.36
CA GLU C 220 -8.77 -14.77 50.48
C GLU C 220 -7.26 -14.65 50.38
N ARG C 221 -6.57 -15.76 50.16
CA ARG C 221 -5.11 -15.78 50.03
C ARG C 221 -4.74 -16.70 48.89
N PRO C 222 -4.59 -16.17 47.68
CA PRO C 222 -4.37 -17.03 46.52
C PRO C 222 -3.06 -17.82 46.61
N THR C 223 -3.11 -19.05 46.13
CA THR C 223 -1.96 -19.95 46.02
C THR C 223 -1.42 -19.89 44.60
N TYR C 224 -0.31 -20.58 44.36
CA TYR C 224 0.20 -20.71 43.01
C TYR C 224 -0.84 -21.29 42.09
N THR C 225 -1.60 -22.29 42.56
CA THR C 225 -2.60 -22.92 41.70
C THR C 225 -3.66 -21.92 41.27
N ASN C 226 -4.13 -21.05 42.18
CA ASN C 226 -5.06 -19.98 41.79
C ASN C 226 -4.46 -19.06 40.75
N LEU C 227 -3.22 -18.59 40.97
CA LEU C 227 -2.60 -17.68 40.02
C LEU C 227 -2.45 -18.33 38.65
N ASN C 228 -2.09 -19.63 38.63
CA ASN C 228 -1.71 -20.30 37.39
C ASN C 228 -2.92 -20.62 36.53
N ARG C 229 -4.05 -20.94 37.14
CA ARG C 229 -5.28 -21.14 36.36
C ARG C 229 -5.67 -19.86 35.63
N LEU C 230 -5.56 -18.71 36.30
CA LEU C 230 -5.79 -17.44 35.61
C LEU C 230 -4.71 -17.17 34.55
N ILE C 231 -3.44 -17.37 34.91
CA ILE C 231 -2.36 -17.13 33.96
C ILE C 231 -2.52 -18.01 32.73
N SER C 232 -2.93 -19.27 32.93
CA SER C 232 -3.06 -20.14 31.76
C SER C 232 -4.18 -19.66 30.85
N GLN C 233 -5.25 -19.08 31.42
CA GLN C 233 -6.29 -18.46 30.60
C GLN C 233 -5.71 -17.35 29.73
N ILE C 234 -4.83 -16.51 30.28
CA ILE C 234 -4.24 -15.45 29.47
C ILE C 234 -3.33 -16.06 28.40
N VAL C 235 -2.47 -16.99 28.81
CA VAL C 235 -1.60 -17.66 27.83
C VAL C 235 -2.44 -18.33 26.74
N SER C 236 -3.53 -18.99 27.13
CA SER C 236 -4.41 -19.60 26.12
C SER C 236 -4.98 -18.58 25.17
N SER C 237 -5.42 -17.42 25.66
CA SER C 237 -5.92 -16.39 24.75
C SER C 237 -4.86 -15.97 23.74
N ILE C 238 -3.62 -15.81 24.20
CA ILE C 238 -2.55 -15.37 23.31
C ILE C 238 -2.21 -16.44 22.27
N THR C 239 -2.19 -17.70 22.68
CA THR C 239 -1.83 -18.75 21.74
C THR C 239 -3.03 -19.29 20.95
N ALA C 240 -4.25 -18.88 21.27
CA ALA C 240 -5.44 -19.46 20.63
C ALA C 240 -5.37 -19.32 19.11
N SER C 241 -4.85 -18.19 18.61
CA SER C 241 -4.76 -17.98 17.17
C SER C 241 -3.82 -18.96 16.49
N LEU C 242 -2.83 -19.47 17.22
CA LEU C 242 -1.93 -20.48 16.66
C LEU C 242 -2.54 -21.87 16.68
N ARG C 243 -3.45 -22.14 17.60
CA ARG C 243 -3.95 -23.48 17.85
C ARG C 243 -5.31 -23.76 17.25
N PHE C 244 -6.04 -22.73 16.83
CA PHE C 244 -7.35 -22.93 16.24
C PHE C 244 -7.41 -22.28 14.88
N ASP C 245 -8.23 -22.85 14.02
CA ASP C 245 -8.58 -22.31 12.73
C ASP C 245 -9.65 -21.23 12.90
N GLY C 246 -9.76 -20.37 11.90
CA GLY C 246 -10.78 -19.35 11.95
C GLY C 246 -10.73 -18.31 10.85
N ALA C 247 -11.90 -18.02 10.29
CA ALA C 247 -12.00 -17.00 9.26
C ALA C 247 -11.53 -15.64 9.78
N LEU C 248 -11.93 -15.27 11.00
CA LEU C 248 -11.51 -14.03 11.63
C LEU C 248 -10.27 -14.20 12.51
N ASN C 249 -9.68 -15.38 12.52
CA ASN C 249 -8.47 -15.61 13.27
C ASN C 249 -7.32 -14.78 12.69
N VAL C 250 -6.56 -14.12 13.56
CA VAL C 250 -5.39 -13.34 13.19
C VAL C 250 -4.19 -13.94 13.89
N ASP C 251 -3.15 -14.25 13.12
CA ASP C 251 -2.00 -14.92 13.69
C ASP C 251 -1.26 -14.05 14.70
N LEU C 252 -0.80 -14.66 15.79
CA LEU C 252 -0.02 -13.94 16.79
C LEU C 252 1.16 -13.18 16.16
N THR C 253 1.83 -13.78 15.15
CA THR C 253 2.96 -13.11 14.51
C THR C 253 2.53 -11.84 13.77
N GLU C 254 1.29 -11.79 13.32
CA GLU C 254 0.77 -10.58 12.69
C GLU C 254 0.53 -9.47 13.72
N PHE C 255 0.05 -9.84 14.93
CA PHE C 255 -0.01 -8.85 16.02
C PHE C 255 1.39 -8.37 16.40
N GLN C 256 2.39 -9.28 16.38
CA GLN C 256 3.74 -8.89 16.76
C GLN C 256 4.29 -7.77 15.88
N THR C 257 4.01 -7.82 14.58
CA THR C 257 4.44 -6.79 13.66
C THR C 257 4.04 -5.43 14.19
N ASN C 258 2.82 -5.34 14.70
CA ASN C 258 2.32 -4.11 15.28
C ASN C 258 2.85 -3.86 16.70
N LEU C 259 3.14 -4.92 17.47
CA LEU C 259 3.48 -4.64 18.85
C LEU C 259 4.93 -4.21 19.03
N VAL C 260 5.79 -4.43 18.05
CA VAL C 260 7.24 -4.28 18.30
C VAL C 260 7.80 -3.25 17.32
N PRO C 261 7.80 -1.98 17.69
CA PRO C 261 8.27 -0.92 16.78
C PRO C 261 9.78 -0.83 16.68
N TYR C 262 10.51 -1.16 17.75
CA TYR C 262 11.96 -1.28 17.82
C TYR C 262 12.32 -2.55 18.57
N PRO C 263 13.43 -3.21 18.24
CA PRO C 263 13.69 -4.54 18.83
C PRO C 263 13.58 -4.56 20.35
N ARG C 264 14.08 -3.52 21.06
CA ARG C 264 14.07 -3.53 22.52
C ARG C 264 12.70 -3.23 23.10
N ILE C 265 11.81 -2.56 22.35
CA ILE C 265 10.47 -2.22 22.85
C ILE C 265 9.59 -3.42 22.48
N HIS C 266 9.72 -4.49 23.25
CA HIS C 266 9.01 -5.71 22.86
C HIS C 266 8.28 -6.36 24.04
N PHE C 267 7.72 -5.54 24.93
CA PHE C 267 7.07 -6.02 26.15
C PHE C 267 5.62 -5.57 26.16
N PRO C 268 4.72 -6.32 25.55
CA PRO C 268 3.32 -5.89 25.53
C PRO C 268 2.66 -6.06 26.89
N LEU C 269 1.75 -5.14 27.19
CA LEU C 269 0.88 -5.23 28.34
C LEU C 269 -0.34 -6.03 27.95
N ALA C 270 -0.65 -7.07 28.72
CA ALA C 270 -1.82 -7.90 28.51
C ALA C 270 -2.87 -7.54 29.54
N THR C 271 -4.12 -7.43 29.07
CA THR C 271 -5.27 -7.18 29.92
C THR C 271 -6.34 -8.19 29.53
N TYR C 272 -6.96 -8.82 30.52
CA TYR C 272 -7.87 -9.91 30.23
C TYR C 272 -9.22 -9.72 30.93
N ALA C 273 -10.31 -10.05 30.23
CA ALA C 273 -11.66 -9.93 30.80
C ALA C 273 -12.56 -10.93 30.09
N PRO C 274 -13.60 -11.43 30.76
CA PRO C 274 -14.00 -11.15 32.13
C PRO C 274 -13.44 -12.18 33.09
N VAL C 275 -13.04 -11.75 34.29
CA VAL C 275 -12.64 -12.65 35.36
C VAL C 275 -13.71 -12.51 36.42
N ILE C 276 -14.53 -13.54 36.55
CA ILE C 276 -15.75 -13.43 37.34
C ILE C 276 -16.01 -14.80 37.96
N SER C 277 -16.49 -14.79 39.20
CA SER C 277 -16.86 -16.02 39.90
C SER C 277 -18.13 -16.61 39.29
N ALA C 278 -18.31 -17.91 39.50
CA ALA C 278 -19.57 -18.53 39.09
C ALA C 278 -20.76 -17.83 39.74
N GLU C 279 -20.68 -17.55 41.05
CA GLU C 279 -21.79 -16.92 41.75
C GLU C 279 -22.21 -15.61 41.08
N LYS C 280 -21.24 -14.86 40.56
CA LYS C 280 -21.55 -13.55 39.99
C LYS C 280 -21.91 -13.61 38.51
N ALA C 281 -21.37 -14.58 37.75
CA ALA C 281 -21.74 -14.72 36.34
C ALA C 281 -23.18 -15.19 36.16
N TYR C 282 -23.77 -15.77 37.21
CA TYR C 282 -25.12 -16.34 37.11
C TYR C 282 -26.13 -15.25 36.80
N HIS C 283 -27.03 -15.53 35.85
CA HIS C 283 -28.00 -14.54 35.37
C HIS C 283 -27.35 -13.19 35.06
N GLU C 284 -26.10 -13.22 34.60
CA GLU C 284 -25.38 -11.98 34.28
C GLU C 284 -24.42 -12.24 33.11
N GLN C 285 -24.89 -11.98 31.89
CA GLN C 285 -24.06 -12.18 30.71
C GLN C 285 -23.35 -10.89 30.34
N LEU C 286 -22.04 -10.99 30.13
CA LEU C 286 -21.24 -9.81 29.80
C LEU C 286 -21.16 -9.70 28.28
N SER C 287 -21.52 -8.52 27.77
CA SER C 287 -21.56 -8.27 26.36
C SER C 287 -20.16 -7.98 25.81
N VAL C 288 -20.08 -7.88 24.48
CA VAL C 288 -18.82 -7.49 23.85
C VAL C 288 -18.38 -6.11 24.33
N ALA C 289 -19.32 -5.19 24.47
CA ALA C 289 -18.99 -3.83 24.93
C ALA C 289 -18.47 -3.85 26.37
N GLU C 290 -19.09 -4.66 27.23
CA GLU C 290 -18.64 -4.71 28.62
C GLU C 290 -17.25 -5.32 28.77
N ILE C 291 -16.98 -6.44 28.08
CA ILE C 291 -15.65 -7.04 28.27
C ILE C 291 -14.57 -6.20 27.62
N THR C 292 -14.90 -5.50 26.52
CA THR C 292 -13.96 -4.61 25.87
C THR C 292 -13.63 -3.43 26.78
N ASN C 293 -14.67 -2.82 27.36
CA ASN C 293 -14.48 -1.75 28.32
C ASN C 293 -13.56 -2.18 29.46
N ALA C 294 -13.74 -3.41 29.94
CA ALA C 294 -12.93 -3.87 31.07
C ALA C 294 -11.45 -3.94 30.74
N CYS C 295 -11.09 -4.02 29.44
CA CYS C 295 -9.68 -4.04 29.03
C CYS C 295 -8.99 -2.72 29.26
N PHE C 296 -9.74 -1.65 29.48
CA PHE C 296 -9.15 -0.35 29.77
C PHE C 296 -9.29 0.01 31.24
N GLU C 297 -9.65 -0.96 32.07
CA GLU C 297 -9.69 -0.76 33.50
C GLU C 297 -8.36 -1.28 34.05
N PRO C 298 -7.50 -0.44 34.61
CA PRO C 298 -6.18 -0.94 35.03
C PRO C 298 -6.21 -2.13 35.98
N ALA C 299 -7.27 -2.32 36.76
CA ALA C 299 -7.30 -3.46 37.68
C ALA C 299 -7.30 -4.81 36.98
N ASN C 300 -7.56 -4.84 35.68
CA ASN C 300 -7.57 -6.09 34.94
C ASN C 300 -6.26 -6.35 34.19
N GLN C 301 -5.20 -5.55 34.42
CA GLN C 301 -3.94 -5.73 33.70
C GLN C 301 -3.07 -6.83 34.32
N MET C 302 -2.31 -7.52 33.47
CA MET C 302 -1.33 -8.50 33.94
C MET C 302 -0.12 -7.84 34.61
N VAL C 303 0.08 -6.54 34.41
CA VAL C 303 1.20 -5.80 35.00
C VAL C 303 0.66 -4.51 35.60
N LYS C 304 0.93 -4.29 36.88
CA LYS C 304 0.53 -3.04 37.53
C LYS C 304 1.28 -1.85 36.93
N CYS C 305 0.52 -0.90 36.38
CA CYS C 305 1.09 0.33 35.84
C CYS C 305 -0.12 1.13 35.38
N ASP C 306 0.10 2.38 34.99
CA ASP C 306 -1.06 3.19 34.61
C ASP C 306 -0.96 3.66 33.17
N PRO C 307 -1.56 2.94 32.22
CA PRO C 307 -1.50 3.39 30.81
C PRO C 307 -2.17 4.75 30.58
N ARG C 308 -3.08 5.18 31.47
CA ARG C 308 -3.67 6.51 31.37
C ARG C 308 -2.62 7.61 31.49
N HIS C 309 -1.49 7.36 32.16
CA HIS C 309 -0.40 8.32 32.23
C HIS C 309 0.78 7.90 31.37
N GLY C 310 0.52 7.17 30.30
CA GLY C 310 1.57 6.84 29.34
C GLY C 310 1.04 7.03 27.94
N LYS C 311 1.80 6.58 26.94
CA LYS C 311 1.33 6.63 25.56
C LYS C 311 1.33 5.26 24.92
N TYR C 312 0.34 5.05 24.04
CA TYR C 312 0.18 3.82 23.30
C TYR C 312 0.96 3.85 21.99
N MET C 313 1.58 2.72 21.67
CA MET C 313 2.20 2.52 20.36
C MET C 313 1.52 1.43 19.57
N ALA C 314 0.58 0.72 20.18
CA ALA C 314 -0.17 -0.32 19.51
C ALA C 314 -1.28 -0.79 20.46
N CYS C 315 -2.34 -1.31 19.88
CA CYS C 315 -3.45 -1.83 20.65
C CYS C 315 -4.10 -2.94 19.84
N CYS C 316 -4.08 -4.15 20.41
CA CYS C 316 -4.61 -5.36 19.80
C CYS C 316 -5.67 -5.98 20.71
N LEU C 317 -6.73 -6.47 20.09
CA LEU C 317 -7.81 -7.15 20.81
C LEU C 317 -7.92 -8.57 20.29
N LEU C 318 -7.78 -9.54 21.20
CA LEU C 318 -7.91 -10.97 20.89
C LEU C 318 -9.16 -11.51 21.58
N TYR C 319 -10.24 -11.67 20.79
CA TYR C 319 -11.51 -12.20 21.26
C TYR C 319 -11.61 -13.70 21.04
N ARG C 320 -12.32 -14.36 21.96
CA ARG C 320 -12.66 -15.75 21.75
C ARG C 320 -14.11 -16.00 22.17
N GLY C 321 -14.86 -16.71 21.32
CA GLY C 321 -16.22 -17.06 21.66
C GLY C 321 -17.24 -16.37 20.79
N ASP C 322 -18.41 -16.06 21.34
CA ASP C 322 -19.54 -15.50 20.58
C ASP C 322 -19.37 -13.98 20.42
N VAL C 323 -18.61 -13.61 19.40
CA VAL C 323 -18.25 -12.22 19.09
C VAL C 323 -18.30 -12.03 17.59
N VAL C 324 -18.91 -10.94 17.13
CA VAL C 324 -18.88 -10.63 15.70
C VAL C 324 -18.28 -9.25 15.47
N PRO C 325 -17.63 -8.99 14.32
CA PRO C 325 -16.94 -7.69 14.17
C PRO C 325 -17.83 -6.50 14.41
N LYS C 326 -19.13 -6.61 14.13
CA LYS C 326 -20.02 -5.46 14.30
C LYS C 326 -20.06 -4.99 15.77
N ASP C 327 -20.23 -5.94 16.72
CA ASP C 327 -20.22 -5.60 18.14
C ASP C 327 -18.88 -4.99 18.57
N VAL C 328 -17.79 -5.59 18.10
CA VAL C 328 -16.45 -5.10 18.44
C VAL C 328 -16.28 -3.66 17.97
N ASN C 329 -16.63 -3.39 16.71
CA ASN C 329 -16.43 -2.04 16.18
C ASN C 329 -17.28 -1.02 16.93
N ALA C 330 -18.53 -1.38 17.24
CA ALA C 330 -19.36 -0.53 18.07
C ALA C 330 -18.72 -0.27 19.45
N ALA C 331 -18.21 -1.33 20.10
CA ALA C 331 -17.61 -1.14 21.42
C ALA C 331 -16.39 -0.24 21.36
N ILE C 332 -15.54 -0.41 20.34
CA ILE C 332 -14.33 0.42 20.22
C ILE C 332 -14.71 1.88 20.02
N ALA C 333 -15.70 2.15 19.17
CA ALA C 333 -16.07 3.53 18.85
C ALA C 333 -16.45 4.29 20.12
N THR C 334 -17.31 3.71 20.96
CA THR C 334 -17.70 4.39 22.18
C THR C 334 -16.52 4.54 23.13
N ILE C 335 -15.66 3.52 23.22
CA ILE C 335 -14.50 3.60 24.09
C ILE C 335 -13.59 4.75 23.68
N LYS C 336 -13.34 4.92 22.39
CA LYS C 336 -12.47 5.99 21.94
C LYS C 336 -12.95 7.34 22.46
N THR C 337 -14.26 7.59 22.37
CA THR C 337 -14.80 8.87 22.86
C THR C 337 -14.68 8.99 24.37
N LYS C 338 -14.88 7.90 25.11
CA LYS C 338 -15.00 7.97 26.57
C LYS C 338 -13.72 7.67 27.35
N ARG C 339 -12.61 7.31 26.71
CA ARG C 339 -11.45 6.89 27.49
C ARG C 339 -10.20 7.65 27.11
N SER C 340 -9.21 7.54 28.00
CA SER C 340 -7.92 8.23 27.86
C SER C 340 -6.98 7.30 27.10
N ILE C 341 -7.09 7.35 25.77
CA ILE C 341 -6.26 6.54 24.89
C ILE C 341 -5.48 7.50 24.01
N GLN C 342 -4.26 7.82 24.44
CA GLN C 342 -3.38 8.71 23.70
C GLN C 342 -2.29 7.88 23.05
N PHE C 343 -2.17 8.00 21.72
CA PHE C 343 -1.13 7.32 20.98
C PHE C 343 0.06 8.27 20.82
N VAL C 344 1.26 7.70 20.68
CA VAL C 344 2.41 8.49 20.24
C VAL C 344 2.12 9.00 18.82
N ASP C 345 2.72 10.13 18.46
CA ASP C 345 2.35 10.79 17.21
C ASP C 345 2.87 10.08 15.98
N TRP C 346 3.78 9.11 16.12
CA TRP C 346 4.34 8.44 14.96
C TRP C 346 3.70 7.08 14.67
N CYS C 347 2.59 6.74 15.29
CA CYS C 347 2.02 5.46 14.92
C CYS C 347 0.52 5.58 14.76
N PRO C 348 -0.10 4.80 13.89
CA PRO C 348 -1.54 4.92 13.67
C PRO C 348 -2.34 4.48 14.88
N THR C 349 -3.54 5.05 15.03
CA THR C 349 -4.36 4.79 16.21
C THR C 349 -5.35 3.62 16.10
N GLY C 350 -5.52 2.97 14.96
CA GLY C 350 -6.52 1.92 14.88
C GLY C 350 -6.19 0.74 15.80
N PHE C 351 -7.21 -0.05 16.11
CA PHE C 351 -7.07 -1.23 16.95
C PHE C 351 -7.12 -2.46 16.04
N LYS C 352 -6.13 -3.32 16.17
CA LYS C 352 -6.10 -4.57 15.43
C LYS C 352 -6.85 -5.66 16.21
N VAL C 353 -7.73 -6.37 15.51
CA VAL C 353 -8.74 -7.23 16.10
C VAL C 353 -8.59 -8.64 15.56
N GLY C 354 -8.62 -9.61 16.46
CA GLY C 354 -8.70 -11.01 16.09
C GLY C 354 -9.84 -11.65 16.84
N ILE C 355 -10.58 -12.53 16.16
CA ILE C 355 -11.69 -13.27 16.76
C ILE C 355 -11.50 -14.74 16.44
N ASN C 356 -11.44 -15.57 17.49
CA ASN C 356 -11.57 -17.03 17.38
C ASN C 356 -12.88 -17.45 18.00
N TYR C 357 -13.63 -18.28 17.31
CA TYR C 357 -14.97 -18.65 17.77
C TYR C 357 -14.97 -19.67 18.88
N GLN C 358 -13.91 -20.43 19.07
CA GLN C 358 -13.96 -21.42 20.14
C GLN C 358 -14.02 -20.68 21.47
N PRO C 359 -15.09 -20.82 22.25
CA PRO C 359 -15.21 -20.06 23.52
C PRO C 359 -14.29 -20.61 24.60
N PRO C 360 -14.02 -19.80 25.60
CA PRO C 360 -13.09 -20.20 26.66
C PRO C 360 -13.56 -21.43 27.41
N THR C 361 -12.59 -22.23 27.81
CA THR C 361 -12.75 -23.42 28.62
C THR C 361 -12.32 -23.10 30.05
N VAL C 362 -12.90 -23.79 31.03
CA VAL C 362 -12.38 -23.66 32.39
C VAL C 362 -12.07 -25.05 32.91
N VAL C 363 -11.01 -25.12 33.71
CA VAL C 363 -10.60 -26.35 34.38
C VAL C 363 -11.65 -26.72 35.42
N PRO C 364 -12.09 -27.97 35.48
CA PRO C 364 -13.07 -28.38 36.49
C PRO C 364 -12.55 -28.10 37.90
N GLY C 365 -13.46 -27.64 38.76
CA GLY C 365 -13.03 -27.32 40.10
C GLY C 365 -12.23 -26.05 40.21
N GLY C 366 -12.17 -25.23 39.15
CA GLY C 366 -11.53 -23.94 39.23
C GLY C 366 -12.43 -22.90 39.88
N ASP C 367 -11.97 -21.64 39.81
CA ASP C 367 -12.68 -20.50 40.37
C ASP C 367 -13.34 -19.62 39.33
N LEU C 368 -12.85 -19.63 38.09
CA LEU C 368 -13.45 -18.83 37.02
C LEU C 368 -14.80 -19.39 36.60
N ALA C 369 -15.76 -18.49 36.46
CA ALA C 369 -17.00 -18.83 35.76
C ALA C 369 -16.72 -19.11 34.29
N LYS C 370 -17.47 -20.06 33.74
CA LYS C 370 -17.45 -20.33 32.31
C LYS C 370 -18.29 -19.27 31.60
N VAL C 371 -17.69 -18.52 30.68
CA VAL C 371 -18.36 -17.42 29.99
C VAL C 371 -18.47 -17.71 28.49
N GLN C 372 -19.37 -16.96 27.86
CA GLN C 372 -19.64 -17.08 26.43
C GLN C 372 -18.62 -16.36 25.56
N ARG C 373 -17.99 -15.31 26.07
CA ARG C 373 -17.04 -14.57 25.27
C ARG C 373 -16.00 -13.97 26.18
N ALA C 374 -14.77 -13.93 25.70
CA ALA C 374 -13.69 -13.33 26.48
C ALA C 374 -12.79 -12.57 25.53
N VAL C 375 -11.93 -11.73 26.11
CA VAL C 375 -11.02 -10.94 25.30
C VAL C 375 -9.71 -10.75 26.07
N CYS C 376 -8.60 -10.84 25.36
CA CYS C 376 -7.31 -10.43 25.85
C CYS C 376 -6.83 -9.26 25.00
N MET C 377 -6.57 -8.12 25.63
CA MET C 377 -5.96 -7.00 24.93
C MET C 377 -4.45 -7.01 25.12
N LEU C 378 -3.73 -6.74 24.02
CA LEU C 378 -2.28 -6.63 24.02
C LEU C 378 -1.91 -5.23 23.57
N SER C 379 -1.36 -4.43 24.48
CA SER C 379 -1.02 -3.05 24.14
C SER C 379 0.46 -2.81 24.38
N ASN C 380 1.06 -2.07 23.48
CA ASN C 380 2.40 -1.52 23.66
C ASN C 380 2.21 -0.12 24.24
N THR C 381 2.42 0.01 25.55
CA THR C 381 2.31 1.29 26.22
C THR C 381 3.64 1.62 26.92
N THR C 382 4.01 2.89 26.87
CA THR C 382 5.16 3.35 27.62
C THR C 382 4.97 3.12 29.11
N ALA C 383 3.72 2.99 29.56
CA ALA C 383 3.48 2.76 30.99
C ALA C 383 4.13 1.48 31.51
N ILE C 384 4.35 0.48 30.65
CA ILE C 384 4.91 -0.75 31.18
C ILE C 384 6.30 -0.54 31.78
N ALA C 385 6.98 0.55 31.42
CA ALA C 385 8.29 0.83 31.98
C ALA C 385 8.25 1.12 33.48
N GLU C 386 7.10 1.50 34.03
CA GLU C 386 6.99 1.66 35.48
C GLU C 386 7.43 0.38 36.18
N ALA C 387 7.06 -0.77 35.62
CA ALA C 387 7.44 -2.04 36.23
C ALA C 387 8.95 -2.20 36.25
N TRP C 388 9.62 -1.75 35.18
CA TRP C 388 11.08 -1.71 35.20
C TRP C 388 11.60 -0.76 36.29
N ALA C 389 10.99 0.42 36.39
CA ALA C 389 11.39 1.41 37.40
C ALA C 389 11.29 0.86 38.82
N ARG C 390 10.17 0.20 39.16
CA ARG C 390 10.06 -0.38 40.51
C ARG C 390 11.15 -1.42 40.76
N LEU C 391 11.39 -2.30 39.79
CA LEU C 391 12.41 -3.34 39.98
C LEU C 391 13.82 -2.73 40.06
N ASP C 392 14.14 -1.79 39.16
CA ASP C 392 15.45 -1.14 39.17
C ASP C 392 15.70 -0.41 40.46
N HIS C 393 14.66 0.21 41.03
CA HIS C 393 14.84 0.87 42.32
C HIS C 393 15.19 -0.15 43.41
N LYS C 394 14.41 -1.23 43.52
CA LYS C 394 14.73 -2.27 44.50
C LYS C 394 16.14 -2.80 44.30
N PHE C 395 16.54 -3.00 43.04
CA PHE C 395 17.91 -3.42 42.76
C PHE C 395 18.93 -2.42 43.31
N ASP C 396 18.65 -1.11 43.17
CA ASP C 396 19.60 -0.06 43.55
C ASP C 396 19.77 0.04 45.06
N LEU C 397 18.68 -0.12 45.81
CA LEU C 397 18.78 -0.03 47.26
C LEU C 397 19.78 -1.04 47.79
N MET C 398 19.68 -2.29 47.31
CA MET C 398 20.57 -3.35 47.76
C MET C 398 21.96 -3.21 47.15
N TYR C 399 22.06 -2.90 45.85
CA TYR C 399 23.37 -2.90 45.22
C TYR C 399 24.28 -1.79 45.73
N ALA C 400 23.71 -0.66 46.20
CA ALA C 400 24.57 0.39 46.71
C ALA C 400 25.39 -0.07 47.90
N LYS C 401 24.83 -0.96 48.72
CA LYS C 401 25.59 -1.55 49.84
C LYS C 401 26.24 -2.86 49.45
N ARG C 402 26.12 -3.28 48.19
CA ARG C 402 26.57 -4.59 47.73
C ARG C 402 25.96 -5.76 48.53
N ALA C 403 24.78 -5.56 49.11
CA ALA C 403 24.16 -6.61 49.91
C ALA C 403 23.96 -7.89 49.09
N PHE C 404 24.39 -9.03 49.64
CA PHE C 404 24.25 -10.36 49.04
C PHE C 404 25.12 -10.57 47.80
N VAL C 405 25.86 -9.55 47.33
CA VAL C 405 26.60 -9.70 46.09
C VAL C 405 27.67 -10.79 46.20
N HIS C 406 28.13 -11.08 47.41
CA HIS C 406 29.18 -12.08 47.60
C HIS C 406 28.70 -13.48 47.21
N TRP C 407 27.37 -13.75 47.27
CA TRP C 407 26.87 -15.05 46.84
C TRP C 407 27.01 -15.24 45.33
N TYR C 408 26.98 -14.16 44.56
CA TYR C 408 27.15 -14.24 43.12
C TYR C 408 28.63 -14.27 42.73
N VAL C 409 29.42 -13.40 43.37
CA VAL C 409 30.86 -13.38 43.15
C VAL C 409 31.48 -14.73 43.50
N GLY C 410 31.01 -15.36 44.61
CA GLY C 410 31.51 -16.67 45.00
C GLY C 410 31.23 -17.77 43.97
N GLU C 411 30.28 -17.55 43.07
CA GLU C 411 30.02 -18.47 41.98
C GLU C 411 30.74 -18.08 40.69
N GLY C 412 31.61 -17.07 40.74
CA GLY C 412 32.40 -16.68 39.59
C GLY C 412 31.98 -15.41 38.89
N MET C 413 30.87 -14.78 39.28
CA MET C 413 30.47 -13.53 38.66
C MET C 413 31.31 -12.36 39.15
N GLU C 414 31.37 -11.32 38.31
CA GLU C 414 32.06 -10.07 38.62
C GLU C 414 31.08 -8.93 38.84
N GLU C 415 31.49 -7.96 39.66
CA GLU C 415 30.68 -6.77 39.91
C GLU C 415 30.31 -6.07 38.61
N GLY C 416 31.22 -6.09 37.63
CA GLY C 416 30.94 -5.43 36.36
C GLY C 416 29.74 -6.02 35.63
N GLU C 417 29.42 -7.29 35.89
CA GLU C 417 28.21 -7.86 35.28
C GLU C 417 26.96 -7.24 35.85
N PHE C 418 26.97 -6.93 37.13
CA PHE C 418 25.85 -6.24 37.76
C PHE C 418 25.68 -4.83 37.19
N SER C 419 26.75 -4.06 37.12
CA SER C 419 26.61 -2.69 36.66
C SER C 419 26.32 -2.65 35.17
N GLU C 420 26.92 -3.54 34.40
CA GLU C 420 26.58 -3.61 33.00
C GLU C 420 25.09 -3.91 32.83
N ALA C 421 24.56 -4.85 33.64
CA ALA C 421 23.14 -5.18 33.56
C ALA C 421 22.26 -4.01 34.00
N ARG C 422 22.66 -3.29 35.04
CA ARG C 422 21.85 -2.17 35.51
C ARG C 422 21.87 -0.99 34.53
N GLU C 423 22.97 -0.82 33.82
CA GLU C 423 23.07 0.25 32.84
C GLU C 423 22.17 -0.01 31.64
N ASP C 424 22.12 -1.27 31.21
CA ASP C 424 21.20 -1.64 30.13
C ASP C 424 19.75 -1.35 30.53
N MET C 425 19.40 -1.67 31.79
CA MET C 425 18.05 -1.37 32.29
C MET C 425 17.79 0.14 32.32
N ALA C 426 18.78 0.91 32.75
CA ALA C 426 18.63 2.36 32.70
C ALA C 426 18.42 2.83 31.27
N ALA C 427 19.18 2.27 30.34
CA ALA C 427 18.98 2.65 28.95
C ALA C 427 17.63 2.16 28.42
N LEU C 428 17.15 1.00 28.91
CA LEU C 428 15.79 0.58 28.53
C LEU C 428 14.75 1.57 29.06
N GLU C 429 14.84 1.95 30.34
CA GLU C 429 13.88 2.91 30.86
C GLU C 429 13.93 4.21 30.05
N LYS C 430 15.13 4.58 29.60
CA LYS C 430 15.27 5.79 28.78
C LYS C 430 14.71 5.58 27.36
N ASP C 431 14.92 4.40 26.77
CA ASP C 431 14.28 4.08 25.49
C ASP C 431 12.77 4.32 25.55
N TYR C 432 12.12 3.81 26.61
CA TYR C 432 10.67 3.99 26.78
C TYR C 432 10.29 5.45 26.93
N GLU C 433 11.13 6.29 27.56
CA GLU C 433 10.84 7.71 27.63
C GLU C 433 10.89 8.35 26.24
N GLU C 434 11.94 8.02 25.47
CA GLU C 434 12.17 8.62 24.15
C GLU C 434 11.08 8.27 23.12
N VAL C 435 10.57 7.04 23.14
CA VAL C 435 9.55 6.71 22.14
C VAL C 435 8.27 7.48 22.41
N GLY C 436 8.11 8.05 23.60
CA GLY C 436 6.88 8.72 23.97
C GLY C 436 6.92 10.21 23.70
N VAL C 437 8.08 10.74 23.34
CA VAL C 437 8.23 12.17 23.08
C VAL C 437 7.78 12.47 21.65
N ASP C 438 7.09 13.60 21.47
CA ASP C 438 6.61 13.99 20.14
C ASP C 438 7.76 14.19 19.16
N SER C 439 7.45 13.94 17.89
CA SER C 439 8.37 14.21 16.79
C SER C 439 8.58 15.72 16.64
N VAL C 440 9.59 16.08 15.85
CA VAL C 440 9.97 17.49 15.62
C VAL C 440 9.61 17.96 14.21
N MET D 1 16.42 -36.10 46.89
CA MET D 1 16.84 -35.93 48.28
C MET D 1 17.98 -34.94 48.39
N ARG D 2 17.92 -34.11 49.41
CA ARG D 2 18.89 -33.07 49.70
C ARG D 2 19.28 -33.29 51.15
N GLU D 3 20.31 -34.11 51.37
CA GLU D 3 20.63 -34.59 52.71
C GLU D 3 21.43 -33.58 53.51
N ILE D 4 21.06 -33.43 54.78
CA ILE D 4 21.86 -32.75 55.78
C ILE D 4 22.56 -33.81 56.61
N VAL D 5 23.83 -33.58 56.92
CA VAL D 5 24.57 -34.44 57.85
C VAL D 5 24.69 -33.67 59.16
N HIS D 6 24.20 -34.28 60.25
CA HIS D 6 24.18 -33.69 61.57
C HIS D 6 25.34 -34.21 62.40
N ILE D 7 26.00 -33.31 63.12
CA ILE D 7 27.14 -33.60 64.00
C ILE D 7 26.90 -32.93 65.33
N GLN D 8 27.11 -33.67 66.43
CA GLN D 8 27.04 -33.14 67.80
C GLN D 8 28.32 -33.45 68.56
N ALA D 9 28.86 -32.45 69.25
CA ALA D 9 30.20 -32.53 69.83
C ALA D 9 30.25 -31.94 71.23
N GLY D 10 30.95 -32.65 72.14
CA GLY D 10 31.22 -32.13 73.46
C GLY D 10 30.07 -32.33 74.42
N GLN D 11 30.24 -31.78 75.63
CA GLN D 11 29.20 -31.97 76.62
C GLN D 11 27.86 -31.44 76.09
N CYS D 12 27.77 -30.12 75.87
CA CYS D 12 26.51 -29.50 75.46
C CYS D 12 26.02 -30.01 74.10
N GLY D 13 26.94 -30.19 73.15
CA GLY D 13 26.51 -30.55 71.81
C GLY D 13 25.67 -31.81 71.77
N ASN D 14 26.08 -32.84 72.51
CA ASN D 14 25.35 -34.10 72.45
C ASN D 14 24.02 -34.05 73.19
N GLN D 15 23.92 -33.24 74.24
CA GLN D 15 22.66 -33.13 74.96
C GLN D 15 21.58 -32.52 74.07
N ILE D 16 21.84 -31.31 73.53
CA ILE D 16 20.84 -30.69 72.67
C ILE D 16 20.66 -31.48 71.38
N GLY D 17 21.69 -32.21 70.93
CA GLY D 17 21.52 -33.04 69.75
C GLY D 17 20.45 -34.11 69.93
N ALA D 18 20.53 -34.85 71.05
CA ALA D 18 19.55 -35.89 71.32
C ALA D 18 18.13 -35.34 71.39
N LYS D 19 17.94 -34.22 72.10
CA LYS D 19 16.60 -33.63 72.21
C LYS D 19 16.07 -33.22 70.83
N PHE D 20 16.92 -32.64 69.97
CA PHE D 20 16.47 -32.30 68.62
C PHE D 20 15.98 -33.54 67.89
N TRP D 21 16.73 -34.63 67.98
CA TRP D 21 16.31 -35.86 67.31
C TRP D 21 15.07 -36.46 67.97
N GLU D 22 14.95 -36.35 69.29
CA GLU D 22 13.70 -36.74 69.93
C GLU D 22 12.52 -35.96 69.36
N VAL D 23 12.65 -34.62 69.32
CA VAL D 23 11.50 -33.78 68.98
C VAL D 23 11.11 -33.95 67.52
N ILE D 24 12.10 -33.99 66.60
CA ILE D 24 11.72 -34.11 65.20
C ILE D 24 11.34 -35.56 64.85
N SER D 25 11.94 -36.55 65.53
CA SER D 25 11.47 -37.92 65.31
C SER D 25 10.01 -38.04 65.73
N ASP D 26 9.66 -37.45 66.86
CA ASP D 26 8.26 -37.41 67.28
C ASP D 26 7.39 -36.69 66.26
N GLU D 27 7.86 -35.55 65.73
CA GLU D 27 7.06 -34.80 64.77
C GLU D 27 6.94 -35.54 63.43
N HIS D 28 7.95 -36.34 63.06
CA HIS D 28 7.90 -37.11 61.81
C HIS D 28 7.42 -38.55 62.01
N GLY D 29 7.12 -38.95 63.25
CA GLY D 29 6.62 -40.29 63.48
C GLY D 29 7.64 -41.41 63.41
N ILE D 30 8.78 -41.22 64.06
CA ILE D 30 9.82 -42.25 64.21
C ILE D 30 9.98 -42.53 65.69
N ASP D 31 10.01 -43.82 66.06
CA ASP D 31 10.18 -44.23 67.45
C ASP D 31 11.65 -44.56 67.73
N PRO D 32 12.01 -44.92 68.95
CA PRO D 32 13.43 -45.20 69.24
C PRO D 32 14.02 -46.34 68.41
N THR D 33 13.20 -47.23 67.85
CA THR D 33 13.74 -48.32 67.04
C THR D 33 13.98 -47.93 65.58
N GLY D 34 13.50 -46.77 65.15
CA GLY D 34 13.67 -46.34 63.78
C GLY D 34 12.55 -46.71 62.83
N SER D 35 11.45 -47.24 63.35
CA SER D 35 10.32 -47.63 62.51
C SER D 35 9.33 -46.47 62.40
N TYR D 36 8.57 -46.45 61.32
CA TYR D 36 7.62 -45.36 61.07
C TYR D 36 6.22 -45.78 61.50
N HIS D 37 5.78 -45.29 62.65
CA HIS D 37 4.40 -45.38 63.07
C HIS D 37 3.87 -43.95 63.03
N GLY D 38 3.49 -43.51 61.84
CA GLY D 38 3.19 -42.12 61.61
C GLY D 38 1.77 -41.95 61.09
N ASP D 39 1.16 -40.81 61.44
CA ASP D 39 -0.22 -40.56 61.06
C ASP D 39 -0.30 -40.05 59.62
N SER D 40 0.30 -38.90 59.34
CA SER D 40 0.35 -38.32 58.01
C SER D 40 1.66 -38.68 57.31
N ASP D 41 1.66 -38.52 56.00
CA ASP D 41 2.84 -38.78 55.17
C ASP D 41 3.61 -37.51 54.79
N LEU D 42 3.02 -36.33 54.99
CA LEU D 42 3.83 -35.11 54.98
C LEU D 42 5.10 -35.30 55.81
N GLN D 43 5.03 -36.22 56.78
CA GLN D 43 6.16 -36.52 57.63
C GLN D 43 7.26 -37.24 56.87
N LEU D 44 6.91 -37.98 55.83
CA LEU D 44 7.84 -38.82 55.10
C LEU D 44 8.24 -38.25 53.74
N GLU D 45 7.57 -37.19 53.27
CA GLU D 45 7.83 -36.69 51.93
C GLU D 45 9.25 -36.16 51.80
N ARG D 46 9.72 -35.43 52.80
CA ARG D 46 11.09 -34.93 52.82
C ARG D 46 11.91 -35.54 53.95
N ILE D 47 11.53 -36.73 54.42
CA ILE D 47 12.18 -37.38 55.55
C ILE D 47 13.65 -37.67 55.28
N ASN D 48 14.03 -37.79 54.00
CA ASN D 48 15.41 -38.09 53.62
C ASN D 48 16.36 -36.92 53.88
N VAL D 49 15.84 -35.72 54.15
CA VAL D 49 16.69 -34.59 54.49
C VAL D 49 17.52 -34.91 55.73
N TYR D 50 16.90 -35.55 56.74
CA TYR D 50 17.55 -35.82 58.01
C TYR D 50 17.71 -37.30 58.36
N TYR D 51 17.07 -38.22 57.66
CA TYR D 51 17.09 -39.62 58.05
C TYR D 51 17.60 -40.47 56.90
N ASN D 52 18.52 -41.38 57.20
CA ASN D 52 18.86 -42.45 56.29
C ASN D 52 17.79 -43.52 56.34
N GLU D 53 17.47 -44.09 55.19
CA GLU D 53 16.51 -45.20 55.19
C GLU D 53 17.25 -46.52 55.29
N ALA D 54 16.75 -47.40 56.14
CA ALA D 54 17.38 -48.68 56.37
C ALA D 54 16.44 -49.80 55.95
N THR D 55 17.04 -50.95 55.68
CA THR D 55 16.27 -52.14 55.36
C THR D 55 15.28 -52.43 56.47
N GLY D 56 14.13 -52.99 56.09
CA GLY D 56 13.06 -53.15 57.05
C GLY D 56 12.41 -51.85 57.44
N ASN D 57 12.48 -50.84 56.57
CA ASN D 57 11.95 -49.50 56.85
C ASN D 57 12.39 -49.00 58.22
N LYS D 58 13.71 -48.98 58.41
CA LYS D 58 14.28 -48.29 59.54
C LYS D 58 14.78 -46.93 59.07
N TYR D 59 14.65 -45.93 59.93
CA TYR D 59 15.14 -44.60 59.65
C TYR D 59 16.23 -44.31 60.66
N VAL D 60 17.44 -44.11 60.17
CA VAL D 60 18.57 -43.82 61.04
C VAL D 60 18.92 -42.35 60.85
N PRO D 61 18.92 -41.55 61.91
CA PRO D 61 19.34 -40.16 61.75
C PRO D 61 20.72 -40.15 61.11
N ARG D 62 20.92 -39.20 60.20
CA ARG D 62 22.25 -39.02 59.61
C ARG D 62 23.08 -38.19 60.59
N ALA D 63 23.35 -38.80 61.74
CA ALA D 63 23.91 -38.11 62.89
C ALA D 63 25.18 -38.77 63.37
N ILE D 64 26.17 -37.95 63.73
CA ILE D 64 27.47 -38.41 64.20
C ILE D 64 27.71 -37.82 65.58
N LEU D 65 28.08 -38.68 66.53
CA LEU D 65 28.25 -38.28 67.92
C LEU D 65 29.73 -38.31 68.30
N VAL D 66 30.22 -37.20 68.86
CA VAL D 66 31.65 -37.01 69.13
C VAL D 66 31.80 -36.42 70.54
N ASP D 67 32.84 -36.87 71.26
CA ASP D 67 33.23 -36.28 72.54
C ASP D 67 34.62 -36.80 72.92
N LEU D 68 35.40 -35.96 73.61
CA LEU D 68 36.73 -36.33 74.10
C LEU D 68 36.68 -37.03 75.45
N GLU D 69 35.48 -37.37 75.91
CA GLU D 69 35.21 -38.00 77.17
C GLU D 69 34.14 -39.01 76.80
N PRO D 70 34.25 -40.24 77.31
CA PRO D 70 33.34 -41.30 76.86
C PRO D 70 32.01 -41.28 77.58
N GLY D 71 31.89 -40.48 78.64
CA GLY D 71 30.72 -40.55 79.49
C GLY D 71 29.44 -40.18 78.77
N THR D 72 29.40 -38.99 78.16
CA THR D 72 28.14 -38.48 77.62
C THR D 72 27.65 -39.33 76.45
N MET D 73 28.55 -40.06 75.78
CA MET D 73 28.10 -41.02 74.79
C MET D 73 27.16 -42.06 75.39
N ASP D 74 27.50 -42.57 76.58
CA ASP D 74 26.70 -43.63 77.20
C ASP D 74 25.30 -43.14 77.54
N SER D 75 25.19 -41.94 78.10
CA SER D 75 23.88 -41.38 78.43
C SER D 75 23.02 -41.22 77.18
N VAL D 76 23.64 -40.86 76.06
CA VAL D 76 22.91 -40.71 74.81
C VAL D 76 22.30 -42.05 74.39
N ARG D 77 23.11 -43.11 74.39
CA ARG D 77 22.60 -44.41 74.00
C ARG D 77 21.55 -44.89 74.99
N SER D 78 21.77 -44.66 76.29
CA SER D 78 20.75 -44.96 77.28
C SER D 78 19.56 -44.02 77.20
N GLY D 79 19.76 -42.78 76.78
CA GLY D 79 18.70 -41.82 76.74
C GLY D 79 17.61 -42.24 75.78
N PRO D 80 16.47 -41.54 75.82
CA PRO D 80 15.35 -41.92 74.95
C PRO D 80 15.79 -41.84 73.49
N PHE D 81 15.41 -42.84 72.70
CA PHE D 81 15.76 -42.93 71.30
C PHE D 81 17.23 -43.29 71.09
N GLY D 82 17.94 -43.71 72.15
CA GLY D 82 19.37 -44.00 72.00
C GLY D 82 19.65 -45.13 71.02
N GLN D 83 18.69 -46.04 70.83
CA GLN D 83 18.85 -47.15 69.91
C GLN D 83 18.60 -46.77 68.46
N ILE D 84 18.16 -45.54 68.20
CA ILE D 84 17.87 -45.17 66.81
C ILE D 84 19.15 -44.82 66.08
N PHE D 85 20.17 -44.35 66.78
CA PHE D 85 21.39 -43.95 66.13
C PHE D 85 22.19 -45.17 65.69
N ARG D 86 22.91 -44.99 64.61
CA ARG D 86 23.79 -46.01 64.08
C ARG D 86 25.03 -46.13 64.97
N PRO D 87 25.35 -47.33 65.48
CA PRO D 87 26.42 -47.43 66.49
C PRO D 87 27.80 -47.02 66.01
N ASP D 88 28.09 -47.19 64.71
CA ASP D 88 29.38 -46.75 64.19
C ASP D 88 29.58 -45.25 64.25
N ASN D 89 28.51 -44.46 64.36
CA ASN D 89 28.60 -43.00 64.29
C ASN D 89 28.95 -42.37 65.65
N PHE D 90 29.30 -43.18 66.66
CA PHE D 90 29.86 -42.73 67.93
C PHE D 90 31.39 -42.67 67.87
N VAL D 91 31.96 -41.51 68.15
CA VAL D 91 33.42 -41.34 68.21
C VAL D 91 33.75 -40.66 69.54
N PHE D 92 34.59 -41.30 70.36
CA PHE D 92 34.86 -40.83 71.71
C PHE D 92 36.34 -40.96 72.04
N GLY D 93 36.82 -40.03 72.87
CA GLY D 93 38.17 -40.02 73.39
C GLY D 93 38.23 -40.41 74.85
N GLN D 94 39.33 -40.00 75.50
CA GLN D 94 39.50 -40.26 76.94
C GLN D 94 39.85 -38.98 77.71
N GLY D 98 39.09 -31.26 78.12
CA GLY D 98 39.14 -30.99 79.55
C GLY D 98 38.84 -29.54 79.90
N ASN D 99 37.89 -28.97 79.16
CA ASN D 99 37.47 -27.58 79.25
C ASN D 99 38.52 -26.59 78.74
N ASN D 100 39.48 -27.06 77.95
CA ASN D 100 40.56 -26.23 77.43
C ASN D 100 40.42 -26.24 75.90
N TRP D 101 40.08 -25.08 75.34
CA TRP D 101 39.90 -24.97 73.89
C TRP D 101 41.11 -25.53 73.15
N ALA D 102 42.32 -25.21 73.62
CA ALA D 102 43.52 -25.67 72.94
C ALA D 102 43.57 -27.18 72.87
N LYS D 103 43.20 -27.86 73.95
CA LYS D 103 43.19 -29.32 73.95
C LYS D 103 42.19 -29.86 72.94
N GLY D 104 40.99 -29.26 72.86
CA GLY D 104 40.01 -29.72 71.89
C GLY D 104 40.42 -29.41 70.46
N HIS D 105 41.06 -28.27 70.24
CA HIS D 105 41.34 -27.87 68.86
C HIS D 105 42.71 -28.33 68.37
N TYR D 106 43.74 -28.25 69.22
CA TYR D 106 45.11 -28.41 68.74
C TYR D 106 45.79 -29.70 69.16
N THR D 107 45.60 -30.17 70.39
CA THR D 107 46.38 -31.32 70.85
C THR D 107 45.50 -32.54 71.08
N GLU D 108 44.57 -32.49 72.03
CA GLU D 108 43.70 -33.64 72.27
C GLU D 108 42.73 -33.84 71.11
N GLY D 109 42.05 -32.77 70.68
CA GLY D 109 41.05 -32.90 69.64
C GLY D 109 41.65 -33.31 68.31
N ALA D 110 42.85 -32.81 68.00
CA ALA D 110 43.54 -33.17 66.77
C ALA D 110 43.81 -34.68 66.73
N GLU D 111 44.16 -35.26 67.86
CA GLU D 111 44.45 -36.69 67.92
C GLU D 111 43.26 -37.51 67.46
N LEU D 112 42.05 -37.03 67.71
CA LEU D 112 40.85 -37.78 67.40
C LEU D 112 40.14 -37.32 66.13
N VAL D 113 40.48 -36.15 65.58
CA VAL D 113 39.65 -35.56 64.52
C VAL D 113 39.68 -36.38 63.23
N ASP D 114 40.83 -37.00 62.91
CA ASP D 114 40.90 -37.82 61.70
C ASP D 114 39.89 -38.97 61.74
N SER D 115 39.68 -39.56 62.92
CA SER D 115 38.72 -40.65 63.08
C SER D 115 37.29 -40.19 62.82
N VAL D 116 36.94 -38.97 63.26
CA VAL D 116 35.60 -38.43 63.03
C VAL D 116 35.37 -38.21 61.54
N LEU D 117 36.36 -37.63 60.85
CA LEU D 117 36.18 -37.36 59.44
C LEU D 117 35.89 -38.63 58.67
N ASP D 118 36.48 -39.75 59.08
CA ASP D 118 36.19 -41.00 58.41
C ASP D 118 34.70 -41.30 58.46
N VAL D 119 34.08 -41.03 59.62
CA VAL D 119 32.64 -41.24 59.76
C VAL D 119 31.85 -40.21 58.94
N VAL D 120 32.30 -38.95 58.92
CA VAL D 120 31.63 -37.94 58.10
C VAL D 120 31.64 -38.37 56.65
N ARG D 121 32.80 -38.84 56.18
CA ARG D 121 32.94 -39.27 54.79
C ARG D 121 31.96 -40.39 54.45
N LYS D 122 31.83 -41.37 55.33
CA LYS D 122 30.96 -42.51 55.06
C LYS D 122 29.53 -42.05 54.86
N GLU D 123 29.00 -41.24 55.79
CA GLU D 123 27.64 -40.74 55.61
C GLU D 123 27.53 -39.83 54.39
N SER D 124 28.58 -39.06 54.08
CA SER D 124 28.48 -38.14 52.95
C SER D 124 28.48 -38.88 51.61
N GLU D 125 29.27 -39.96 51.48
CA GLU D 125 29.35 -40.66 50.20
C GLU D 125 28.06 -41.39 49.83
N SER D 126 27.20 -41.67 50.80
CA SER D 126 25.91 -42.28 50.54
C SER D 126 24.83 -41.26 50.15
N CYS D 127 25.18 -39.97 50.07
CA CYS D 127 24.20 -38.92 49.83
C CYS D 127 24.00 -38.70 48.33
N ASP D 128 22.73 -38.60 47.93
CA ASP D 128 22.43 -38.31 46.53
C ASP D 128 22.88 -36.90 46.18
N CYS D 129 22.58 -35.92 47.03
CA CYS D 129 23.11 -34.57 46.85
C CYS D 129 23.20 -33.88 48.22
N LEU D 130 24.40 -33.91 48.81
CA LEU D 130 24.64 -33.34 50.13
C LEU D 130 24.40 -31.83 50.16
N GLN D 131 23.51 -31.38 51.05
CA GLN D 131 23.40 -29.94 51.30
C GLN D 131 24.59 -29.43 52.09
N GLY D 132 24.99 -30.16 53.11
CA GLY D 132 25.96 -29.65 54.05
C GLY D 132 25.68 -30.22 55.42
N PHE D 133 26.16 -29.49 56.41
CA PHE D 133 26.25 -30.00 57.76
C PHE D 133 25.59 -29.03 58.72
N GLN D 134 25.14 -29.58 59.86
CA GLN D 134 24.71 -28.76 60.98
C GLN D 134 25.36 -29.33 62.23
N LEU D 135 26.01 -28.47 63.01
CA LEU D 135 26.75 -28.85 64.19
C LEU D 135 26.08 -28.24 65.41
N THR D 136 25.83 -29.07 66.43
CA THR D 136 25.36 -28.58 67.72
C THR D 136 26.51 -28.65 68.69
N HIS D 137 26.72 -27.58 69.45
CA HIS D 137 27.84 -27.54 70.39
C HIS D 137 27.70 -26.31 71.25
N SER D 138 28.40 -26.32 72.38
CA SER D 138 28.59 -25.12 73.17
C SER D 138 29.91 -24.47 72.79
N LEU D 139 30.00 -23.17 73.01
CA LEU D 139 31.26 -22.47 72.81
C LEU D 139 32.08 -22.31 74.08
N GLY D 140 31.58 -22.79 75.23
CA GLY D 140 32.23 -22.51 76.51
C GLY D 140 33.05 -23.62 77.13
N GLY D 141 32.85 -24.85 76.67
CA GLY D 141 33.60 -26.00 77.13
C GLY D 141 34.86 -26.16 76.31
N GLY D 142 35.37 -27.40 76.27
CA GLY D 142 36.55 -27.70 75.50
C GLY D 142 36.35 -28.53 74.25
N THR D 143 35.43 -29.51 74.32
CA THR D 143 35.29 -30.44 73.20
C THR D 143 34.41 -29.86 72.10
N GLY D 144 33.15 -29.56 72.45
CA GLY D 144 32.26 -28.96 71.47
C GLY D 144 32.81 -27.66 70.90
N SER D 145 33.44 -26.84 71.76
CA SER D 145 33.99 -25.56 71.31
C SER D 145 35.25 -25.75 70.47
N GLY D 146 36.29 -26.31 71.08
CA GLY D 146 37.58 -26.39 70.39
C GLY D 146 37.58 -27.46 69.30
N MET D 147 37.18 -28.67 69.65
CA MET D 147 37.18 -29.73 68.64
C MET D 147 36.08 -29.51 67.60
N GLY D 148 34.95 -28.95 68.00
CA GLY D 148 33.89 -28.65 67.04
C GLY D 148 34.35 -27.70 65.95
N THR D 149 35.05 -26.63 66.34
CA THR D 149 35.56 -25.68 65.35
C THR D 149 36.71 -26.27 64.53
N LEU D 150 37.49 -27.19 65.10
CA LEU D 150 38.49 -27.89 64.29
C LEU D 150 37.81 -28.77 63.26
N LEU D 151 36.75 -29.45 63.66
CA LEU D 151 35.98 -30.28 62.74
C LEU D 151 35.38 -29.45 61.61
N ILE D 152 34.92 -28.24 61.92
CA ILE D 152 34.38 -27.36 60.88
C ILE D 152 35.46 -27.06 59.83
N SER D 153 36.66 -26.68 60.30
CA SER D 153 37.77 -26.40 59.37
C SER D 153 38.12 -27.62 58.54
N LYS D 154 38.16 -28.80 59.15
CA LYS D 154 38.57 -29.98 58.40
C LYS D 154 37.47 -30.40 57.44
N ILE D 155 36.21 -30.34 57.85
CA ILE D 155 35.10 -30.62 56.94
C ILE D 155 35.05 -29.59 55.82
N ARG D 156 35.26 -28.31 56.18
CA ARG D 156 35.21 -27.25 55.18
C ARG D 156 36.32 -27.42 54.16
N GLU D 157 37.48 -27.90 54.59
CA GLU D 157 38.57 -28.17 53.66
C GLU D 157 38.19 -29.25 52.66
N GLU D 158 37.48 -30.29 53.12
CA GLU D 158 37.10 -31.40 52.24
C GLU D 158 35.79 -31.18 51.48
N TYR D 159 34.90 -30.32 51.97
CA TYR D 159 33.65 -30.02 51.29
C TYR D 159 33.51 -28.50 51.18
N PRO D 160 34.41 -27.86 50.42
CA PRO D 160 34.39 -26.40 50.37
C PRO D 160 33.14 -25.84 49.68
N ASP D 161 32.39 -26.69 48.96
CA ASP D 161 31.19 -26.26 48.26
C ASP D 161 29.92 -26.76 48.95
N ARG D 162 30.01 -27.15 50.21
CA ARG D 162 28.82 -27.49 50.99
C ARG D 162 28.58 -26.42 52.04
N ILE D 163 27.35 -26.33 52.53
CA ILE D 163 27.00 -25.33 53.52
C ILE D 163 27.35 -25.85 54.91
N MET D 164 27.99 -25.01 55.72
CA MET D 164 28.30 -25.32 57.11
C MET D 164 27.43 -24.43 58.00
N ASN D 165 26.51 -25.07 58.72
CA ASN D 165 25.55 -24.42 59.61
C ASN D 165 25.78 -24.95 61.02
N THR D 166 25.73 -24.07 62.02
CA THR D 166 25.90 -24.52 63.39
C THR D 166 24.80 -23.95 64.28
N PHE D 167 24.49 -24.70 65.34
CA PHE D 167 23.73 -24.25 66.50
C PHE D 167 24.74 -24.14 67.63
N SER D 168 25.14 -22.92 67.98
CA SER D 168 26.23 -22.66 68.91
C SER D 168 25.68 -22.08 70.20
N VAL D 169 25.98 -22.75 71.31
CA VAL D 169 25.48 -22.35 72.64
C VAL D 169 26.53 -21.48 73.33
N MET D 170 26.20 -20.17 73.50
CA MET D 170 27.04 -19.14 74.13
C MET D 170 26.99 -19.26 75.65
N PRO D 171 28.14 -19.10 76.32
CA PRO D 171 28.17 -19.25 77.78
C PRO D 171 27.61 -18.05 78.53
N SER D 172 27.06 -18.35 79.71
CA SER D 172 26.61 -17.31 80.63
C SER D 172 27.08 -17.62 82.04
N PRO D 173 27.58 -16.62 82.77
CA PRO D 173 27.81 -16.83 84.20
C PRO D 173 26.56 -17.27 84.94
N LYS D 174 25.38 -16.89 84.45
CA LYS D 174 24.13 -17.32 85.08
C LYS D 174 23.90 -18.81 85.00
N VAL D 175 24.64 -19.55 84.16
CA VAL D 175 24.45 -20.99 84.03
C VAL D 175 25.68 -21.76 84.49
N SER D 176 26.87 -21.28 84.19
CA SER D 176 28.09 -21.99 84.56
C SER D 176 29.09 -20.98 85.11
N ASP D 177 29.84 -21.40 86.12
CA ASP D 177 30.82 -20.56 86.80
C ASP D 177 32.23 -20.74 86.29
N THR D 178 32.48 -21.77 85.46
CA THR D 178 33.82 -21.97 84.91
C THR D 178 34.36 -20.66 84.38
N VAL D 179 35.53 -20.27 84.87
CA VAL D 179 36.04 -18.95 84.54
C VAL D 179 36.57 -18.81 83.13
N VAL D 180 36.98 -19.91 82.49
CA VAL D 180 37.66 -19.78 81.21
C VAL D 180 36.66 -19.81 80.05
N GLU D 181 35.36 -19.80 80.36
CA GLU D 181 34.34 -19.72 79.31
C GLU D 181 34.54 -18.55 78.36
N PRO D 182 34.77 -17.31 78.83
CA PRO D 182 34.95 -16.20 77.88
C PRO D 182 36.14 -16.38 76.95
N TYR D 183 37.21 -17.03 77.40
CA TYR D 183 38.30 -17.38 76.49
C TYR D 183 37.83 -18.37 75.44
N ASN D 184 37.21 -19.47 75.88
CA ASN D 184 36.77 -20.50 74.95
C ASN D 184 35.74 -19.96 73.96
N ALA D 185 34.81 -19.12 74.43
CA ALA D 185 33.81 -18.58 73.53
C ALA D 185 34.45 -17.69 72.48
N THR D 186 35.37 -16.83 72.90
CA THR D 186 36.01 -15.91 71.96
C THR D 186 36.81 -16.66 70.90
N LEU D 187 37.52 -17.71 71.30
CA LEU D 187 38.31 -18.48 70.36
C LEU D 187 37.42 -19.20 69.34
N SER D 188 36.26 -19.70 69.78
CA SER D 188 35.34 -20.35 68.87
C SER D 188 34.72 -19.36 67.90
N VAL D 189 34.26 -18.22 68.41
CA VAL D 189 33.67 -17.22 67.53
C VAL D 189 34.67 -16.86 66.43
N HIS D 190 35.95 -16.70 66.79
CA HIS D 190 37.00 -16.42 65.82
C HIS D 190 36.99 -17.44 64.69
N GLN D 191 36.75 -18.71 65.04
CA GLN D 191 36.62 -19.74 64.02
C GLN D 191 35.30 -19.63 63.26
N LEU D 192 34.19 -19.37 63.98
CA LEU D 192 32.87 -19.40 63.34
C LEU D 192 32.72 -18.27 62.32
N VAL D 193 33.26 -17.10 62.63
CA VAL D 193 33.17 -15.96 61.72
C VAL D 193 33.81 -16.30 60.37
N GLU D 194 34.92 -17.06 60.38
CA GLU D 194 35.63 -17.37 59.15
C GLU D 194 35.09 -18.61 58.44
N ASN D 195 34.53 -19.58 59.17
CA ASN D 195 34.38 -20.90 58.60
C ASN D 195 32.97 -21.48 58.61
N THR D 196 31.95 -20.74 59.03
CA THR D 196 30.57 -21.18 58.87
C THR D 196 29.81 -20.21 57.98
N ASP D 197 28.75 -20.74 57.35
CA ASP D 197 27.83 -19.96 56.55
C ASP D 197 26.64 -19.42 57.35
N GLU D 198 26.24 -20.08 58.44
CA GLU D 198 25.09 -19.67 59.24
C GLU D 198 25.28 -20.17 60.65
N THR D 199 25.03 -19.33 61.64
CA THR D 199 25.09 -19.76 63.03
C THR D 199 23.90 -19.24 63.81
N TYR D 200 23.20 -20.15 64.47
CA TYR D 200 22.17 -19.80 65.43
C TYR D 200 22.81 -19.56 66.80
N CYS D 201 22.75 -18.32 67.27
CA CYS D 201 23.29 -17.99 68.59
C CYS D 201 22.29 -18.40 69.65
N ILE D 202 22.52 -19.53 70.28
CA ILE D 202 21.64 -20.03 71.32
C ILE D 202 22.30 -19.67 72.64
N ASP D 203 21.77 -18.64 73.28
CA ASP D 203 22.44 -17.95 74.37
C ASP D 203 21.94 -18.49 75.71
N ASN D 204 22.84 -19.06 76.48
CA ASN D 204 22.44 -19.58 77.79
C ASN D 204 21.94 -18.46 78.70
N GLU D 205 22.44 -17.25 78.51
CA GLU D 205 21.92 -16.12 79.30
C GLU D 205 20.42 -15.92 79.02
N ALA D 206 20.05 -15.84 77.75
CA ALA D 206 18.64 -15.67 77.41
C ALA D 206 17.80 -16.88 77.84
N LEU D 207 18.33 -18.09 77.65
CA LEU D 207 17.58 -19.27 78.06
C LEU D 207 17.32 -19.27 79.55
N TYR D 208 18.34 -18.91 80.34
CA TYR D 208 18.15 -18.77 81.78
C TYR D 208 17.15 -17.67 82.09
N ASP D 209 17.35 -16.49 81.50
CA ASP D 209 16.46 -15.37 81.77
C ASP D 209 15.02 -15.72 81.42
N ILE D 210 14.81 -16.50 80.37
CA ILE D 210 13.46 -16.91 80.02
C ILE D 210 12.89 -17.82 81.11
N CYS D 211 13.69 -18.80 81.55
CA CYS D 211 13.26 -19.72 82.59
C CYS D 211 13.01 -19.00 83.91
N PHE D 212 13.93 -18.14 84.33
CA PHE D 212 13.81 -17.45 85.62
C PHE D 212 12.67 -16.44 85.60
N ARG D 213 12.70 -15.47 84.67
CA ARG D 213 11.69 -14.43 84.65
C ARG D 213 10.40 -14.92 84.01
N THR D 214 10.45 -15.34 82.75
CA THR D 214 9.22 -15.74 82.07
C THR D 214 8.67 -17.03 82.64
N LEU D 215 9.52 -18.04 82.83
CA LEU D 215 9.05 -19.32 83.30
C LEU D 215 9.13 -19.48 84.82
N LYS D 216 9.60 -18.45 85.54
CA LYS D 216 9.62 -18.41 87.01
C LYS D 216 10.20 -19.70 87.64
N LEU D 217 11.42 -20.03 87.22
CA LEU D 217 12.21 -21.09 87.85
C LEU D 217 13.35 -20.48 88.63
N THR D 218 13.34 -20.66 89.96
CA THR D 218 14.38 -20.04 90.79
C THR D 218 15.74 -20.58 90.41
N THR D 219 15.84 -21.90 90.24
CA THR D 219 17.09 -22.56 89.85
C THR D 219 16.79 -23.43 88.63
N PRO D 220 16.86 -22.86 87.43
CA PRO D 220 16.62 -23.67 86.23
C PRO D 220 17.82 -24.55 85.92
N THR D 221 17.52 -25.77 85.49
CA THR D 221 18.52 -26.77 85.15
C THR D 221 18.89 -26.75 83.67
N TYR D 222 19.96 -27.48 83.33
CA TYR D 222 20.28 -27.67 81.92
C TYR D 222 19.15 -28.40 81.20
N GLY D 223 18.34 -29.15 81.94
CA GLY D 223 17.15 -29.73 81.34
C GLY D 223 16.08 -28.70 81.00
N ASP D 224 15.93 -27.69 81.86
CA ASP D 224 14.96 -26.62 81.60
C ASP D 224 15.38 -25.79 80.41
N LEU D 225 16.68 -25.45 80.35
CA LEU D 225 17.21 -24.65 79.25
C LEU D 225 17.03 -25.35 77.91
N ASN D 226 17.29 -26.66 77.86
CA ASN D 226 17.29 -27.38 76.60
C ASN D 226 15.88 -27.62 76.06
N HIS D 227 14.86 -27.53 76.91
CA HIS D 227 13.49 -27.62 76.42
C HIS D 227 13.17 -26.45 75.50
N LEU D 228 13.64 -25.25 75.86
CA LEU D 228 13.58 -24.11 74.95
C LEU D 228 14.36 -24.38 73.67
N VAL D 229 15.55 -24.98 73.79
CA VAL D 229 16.41 -25.18 72.62
C VAL D 229 15.75 -26.12 71.63
N SER D 230 15.13 -27.19 72.12
CA SER D 230 14.51 -28.15 71.22
C SER D 230 13.34 -27.51 70.46
N ALA D 231 12.53 -26.69 71.14
CA ALA D 231 11.42 -26.04 70.46
C ALA D 231 11.92 -25.13 69.35
N THR D 232 12.99 -24.38 69.62
CA THR D 232 13.58 -23.50 68.63
C THR D 232 14.15 -24.29 67.46
N MET D 233 14.92 -25.33 67.76
CA MET D 233 15.53 -26.11 66.70
C MET D 233 14.49 -26.76 65.83
N SER D 234 13.39 -27.23 66.44
CA SER D 234 12.28 -27.74 65.64
C SER D 234 11.71 -26.64 64.74
N GLY D 235 11.55 -25.43 65.28
CA GLY D 235 10.98 -24.35 64.50
C GLY D 235 11.84 -23.94 63.30
N VAL D 236 13.13 -23.68 63.55
CA VAL D 236 13.97 -23.14 62.47
C VAL D 236 14.24 -24.16 61.37
N THR D 237 14.12 -25.46 61.64
CA THR D 237 14.27 -26.50 60.64
C THR D 237 12.97 -26.85 59.91
N THR D 238 11.85 -26.25 60.28
CA THR D 238 10.53 -26.62 59.74
C THR D 238 10.53 -26.66 58.21
N CYS D 239 10.99 -25.59 57.57
CA CYS D 239 10.92 -25.51 56.12
C CYS D 239 11.98 -26.36 55.43
N LEU D 240 12.92 -26.94 56.17
CA LEU D 240 13.83 -27.94 55.64
C LEU D 240 13.18 -29.33 55.61
N ARG D 241 12.27 -29.60 56.55
CA ARG D 241 11.73 -30.93 56.81
C ARG D 241 10.36 -31.19 56.18
N PHE D 242 9.58 -30.15 55.86
CA PHE D 242 8.20 -30.36 55.41
C PHE D 242 7.95 -29.72 54.04
N PRO D 243 6.99 -30.27 53.28
CA PRO D 243 6.59 -29.61 52.03
C PRO D 243 5.72 -28.39 52.32
N GLY D 244 5.93 -27.32 51.57
CA GLY D 244 5.26 -26.05 51.81
C GLY D 244 5.34 -25.20 50.57
N GLN D 245 4.95 -23.93 50.69
CA GLN D 245 5.10 -23.08 49.51
C GLN D 245 6.57 -22.82 49.15
N LEU D 246 7.53 -22.97 50.07
CA LEU D 246 8.95 -22.80 49.70
C LEU D 246 9.75 -24.07 49.97
N ASN D 247 10.58 -24.45 48.98
CA ASN D 247 11.51 -25.59 49.02
C ASN D 247 12.79 -25.19 49.73
N ALA D 248 12.69 -24.95 51.02
CA ALA D 248 13.88 -24.44 51.70
C ALA D 248 14.94 -25.52 51.85
N ASP D 249 16.19 -25.08 51.78
CA ASP D 249 17.39 -25.85 52.09
C ASP D 249 18.42 -24.91 52.69
N LEU D 250 19.54 -25.48 53.14
CA LEU D 250 20.54 -24.70 53.86
C LEU D 250 21.16 -23.61 52.97
N ARG D 251 21.28 -23.86 51.66
CA ARG D 251 21.90 -22.84 50.83
C ARG D 251 20.95 -21.67 50.61
N LYS D 252 19.67 -21.95 50.37
CA LYS D 252 18.69 -20.88 50.19
C LYS D 252 18.50 -20.07 51.47
N LEU D 253 18.59 -20.72 52.63
CA LEU D 253 18.58 -19.98 53.89
C LEU D 253 19.76 -19.02 53.98
N ALA D 254 20.96 -19.50 53.66
CA ALA D 254 22.14 -18.64 53.72
C ALA D 254 22.02 -17.47 52.73
N VAL D 255 21.62 -17.76 51.49
CA VAL D 255 21.59 -16.73 50.46
C VAL D 255 20.65 -15.60 50.85
N ASN D 256 19.51 -15.94 51.44
CA ASN D 256 18.49 -14.95 51.71
C ASN D 256 18.63 -14.29 53.07
N MET D 257 19.38 -14.90 54.00
CA MET D 257 19.59 -14.34 55.32
C MET D 257 20.93 -13.63 55.48
N VAL D 258 21.93 -13.94 54.66
CA VAL D 258 23.28 -13.43 54.94
C VAL D 258 23.70 -12.40 53.90
N PRO D 259 23.48 -11.11 54.15
CA PRO D 259 23.84 -10.08 53.15
C PRO D 259 25.35 -9.86 53.01
N PHE D 260 26.13 -10.20 54.03
CA PHE D 260 27.59 -10.09 53.97
C PHE D 260 28.17 -11.29 54.70
N PRO D 261 29.24 -11.91 54.17
CA PRO D 261 29.61 -13.27 54.62
C PRO D 261 29.79 -13.41 56.12
N ARG D 262 30.37 -12.40 56.77
CA ARG D 262 30.68 -12.46 58.20
C ARG D 262 29.45 -12.25 59.08
N LEU D 263 28.42 -11.55 58.57
CA LEU D 263 27.25 -11.25 59.39
C LEU D 263 26.22 -12.40 59.26
N HIS D 264 26.60 -13.54 59.84
CA HIS D 264 25.81 -14.75 59.70
C HIS D 264 25.42 -15.36 61.05
N PHE D 265 25.20 -14.52 62.06
CA PHE D 265 24.82 -14.97 63.39
C PHE D 265 23.39 -14.53 63.66
N PHE D 266 22.51 -15.50 63.88
CA PHE D 266 21.07 -15.27 63.91
C PHE D 266 20.58 -15.27 65.34
N MET D 267 19.62 -14.39 65.62
CA MET D 267 18.82 -14.42 66.83
C MET D 267 17.58 -15.28 66.57
N PRO D 268 17.44 -16.44 67.19
CA PRO D 268 16.18 -17.17 67.10
C PRO D 268 15.16 -16.65 68.11
N GLY D 269 13.89 -16.83 67.77
CA GLY D 269 12.82 -16.47 68.67
C GLY D 269 11.73 -17.51 68.59
N PHE D 270 10.98 -17.64 69.69
CA PHE D 270 9.90 -18.60 69.78
C PHE D 270 8.74 -17.97 70.53
N ALA D 271 7.52 -18.38 70.17
CA ALA D 271 6.29 -17.98 70.83
C ALA D 271 5.24 -19.07 70.62
N PRO D 272 4.36 -19.29 71.59
CA PRO D 272 4.34 -18.65 72.92
C PRO D 272 5.36 -19.29 73.86
N LEU D 273 5.94 -18.51 74.78
CA LEU D 273 6.75 -19.07 75.87
C LEU D 273 5.96 -19.11 77.19
N LEU D 284 -3.13 -18.87 71.88
CA LEU D 284 -2.85 -17.47 71.52
C LEU D 284 -3.58 -17.00 70.25
N THR D 285 -3.66 -15.69 70.06
CA THR D 285 -4.18 -15.11 68.83
C THR D 285 -3.04 -14.85 67.82
N VAL D 286 -3.38 -14.89 66.54
CA VAL D 286 -2.40 -14.59 65.49
C VAL D 286 -1.74 -13.24 65.70
N PRO D 287 -2.45 -12.16 66.02
CA PRO D 287 -1.76 -10.90 66.35
C PRO D 287 -0.82 -11.03 67.53
N GLU D 288 -1.19 -11.81 68.54
CA GLU D 288 -0.35 -12.00 69.72
C GLU D 288 0.92 -12.79 69.40
N LEU D 289 0.77 -13.90 68.67
CA LEU D 289 1.97 -14.65 68.25
C LEU D 289 2.98 -13.73 67.60
N THR D 290 2.53 -12.92 66.65
CA THR D 290 3.41 -12.00 65.96
C THR D 290 4.02 -11.01 66.94
N GLN D 291 3.18 -10.44 67.82
CA GLN D 291 3.64 -9.41 68.74
C GLN D 291 4.68 -9.98 69.70
N GLN D 292 4.43 -11.19 70.23
CA GLN D 292 5.38 -11.84 71.13
C GLN D 292 6.66 -12.24 70.42
N MET D 293 6.55 -12.74 69.19
CA MET D 293 7.70 -13.27 68.47
C MET D 293 8.74 -12.19 68.22
N PHE D 294 8.31 -10.94 68.02
CA PHE D 294 9.22 -9.81 67.86
C PHE D 294 9.60 -9.18 69.18
N ASP D 295 9.09 -9.72 70.29
CA ASP D 295 9.38 -9.22 71.63
C ASP D 295 10.75 -9.69 72.11
N SER D 296 11.48 -8.79 72.75
CA SER D 296 12.79 -9.16 73.29
C SER D 296 12.72 -10.35 74.25
N LYS D 297 11.62 -10.49 74.99
CA LYS D 297 11.47 -11.57 75.96
C LYS D 297 11.31 -12.96 75.35
N ASN D 298 11.11 -13.06 74.02
CA ASN D 298 11.01 -14.35 73.35
C ASN D 298 12.26 -14.72 72.55
N MET D 299 13.30 -13.90 72.63
CA MET D 299 14.55 -14.15 71.92
C MET D 299 15.42 -15.17 72.64
N MET D 300 16.04 -16.07 71.88
CA MET D 300 16.97 -17.03 72.44
C MET D 300 18.39 -16.51 72.48
N ALA D 301 18.60 -15.26 72.09
CA ALA D 301 19.87 -14.57 72.23
C ALA D 301 19.61 -13.30 73.04
N ALA D 302 20.41 -13.07 74.08
CA ALA D 302 20.09 -12.02 75.05
C ALA D 302 20.40 -10.66 74.44
N CYS D 303 19.57 -10.27 73.47
CA CYS D 303 19.71 -9.00 72.77
C CYS D 303 18.34 -8.39 72.62
N ASP D 304 18.26 -7.06 72.68
CA ASP D 304 17.00 -6.36 72.39
C ASP D 304 17.00 -5.90 70.93
N PRO D 305 16.07 -6.36 70.09
CA PRO D 305 16.06 -5.94 68.68
C PRO D 305 15.87 -4.44 68.50
N ARG D 306 15.16 -3.77 69.42
CA ARG D 306 14.98 -2.32 69.33
C ARG D 306 16.25 -1.55 69.65
N HIS D 307 17.33 -2.24 69.96
CA HIS D 307 18.65 -1.64 70.11
C HIS D 307 19.48 -1.77 68.85
N GLY D 308 18.87 -2.21 67.75
CA GLY D 308 19.54 -2.45 66.50
C GLY D 308 18.54 -2.45 65.35
N ARG D 309 18.94 -3.01 64.21
CA ARG D 309 18.09 -3.05 63.05
C ARG D 309 18.15 -4.44 62.42
N TYR D 310 17.04 -4.87 61.84
CA TYR D 310 16.97 -6.16 61.18
C TYR D 310 17.52 -6.05 59.76
N LEU D 311 18.59 -6.81 59.47
CA LEU D 311 18.98 -6.97 58.08
C LEU D 311 18.00 -7.88 57.34
N THR D 312 17.74 -9.06 57.91
CA THR D 312 16.80 -10.01 57.32
C THR D 312 16.07 -10.74 58.43
N VAL D 313 14.89 -11.25 58.10
CA VAL D 313 14.10 -12.01 59.05
C VAL D 313 13.38 -13.14 58.32
N ALA D 314 13.39 -14.33 58.92
CA ALA D 314 12.60 -15.46 58.50
C ALA D 314 11.66 -15.83 59.63
N ALA D 315 10.38 -15.96 59.32
CA ALA D 315 9.34 -16.24 60.31
C ALA D 315 8.60 -17.50 59.85
N ILE D 316 8.33 -18.39 60.81
CA ILE D 316 7.66 -19.66 60.54
C ILE D 316 6.49 -19.77 61.49
N PHE D 317 5.30 -19.95 60.93
CA PHE D 317 4.10 -20.15 61.72
C PHE D 317 3.69 -21.62 61.56
N ARG D 318 3.54 -22.32 62.69
CA ARG D 318 3.22 -23.74 62.70
C ARG D 318 1.89 -23.99 63.40
N GLY D 319 1.03 -24.73 62.73
CA GLY D 319 -0.29 -25.00 63.24
C GLY D 319 -1.33 -24.60 62.22
N ARG D 320 -2.58 -24.59 62.67
CA ARG D 320 -3.72 -24.32 61.82
C ARG D 320 -4.20 -22.91 62.05
N MET D 321 -4.32 -22.13 60.99
CA MET D 321 -4.68 -20.72 61.16
C MET D 321 -4.93 -20.10 59.80
N SER D 322 -5.54 -18.92 59.81
CA SER D 322 -5.80 -18.21 58.57
C SER D 322 -4.50 -17.57 58.10
N MET D 323 -3.97 -18.05 56.98
CA MET D 323 -2.79 -17.45 56.40
C MET D 323 -3.04 -16.03 55.91
N LYS D 324 -4.28 -15.70 55.58
CA LYS D 324 -4.61 -14.31 55.30
C LYS D 324 -4.32 -13.44 56.51
N GLU D 325 -4.71 -13.91 57.70
CA GLU D 325 -4.47 -13.15 58.92
C GLU D 325 -2.99 -13.08 59.25
N VAL D 326 -2.26 -14.17 59.02
CA VAL D 326 -0.81 -14.11 59.20
C VAL D 326 -0.20 -13.06 58.29
N ASP D 327 -0.62 -13.03 57.02
CA ASP D 327 -0.08 -12.06 56.07
C ASP D 327 -0.29 -10.62 56.54
N GLU D 328 -1.51 -10.31 57.00
CA GLU D 328 -1.84 -8.96 57.47
C GLU D 328 -1.05 -8.60 58.73
N GLN D 329 -0.93 -9.53 59.67
CA GLN D 329 -0.23 -9.25 60.91
C GLN D 329 1.26 -9.04 60.67
N MET D 330 1.86 -9.83 59.77
CA MET D 330 3.27 -9.63 59.44
C MET D 330 3.50 -8.31 58.73
N LEU D 331 2.61 -7.96 57.79
CA LEU D 331 2.66 -6.61 57.22
C LEU D 331 2.46 -5.57 58.30
N ASN D 332 1.58 -5.85 59.26
CA ASN D 332 1.27 -4.87 60.29
C ASN D 332 2.49 -4.60 61.17
N VAL D 333 3.15 -5.66 61.63
CA VAL D 333 4.29 -5.48 62.54
C VAL D 333 5.43 -4.74 61.84
N GLN D 334 5.62 -5.00 60.55
CA GLN D 334 6.66 -4.28 59.80
C GLN D 334 6.32 -2.80 59.65
N ASN D 335 5.07 -2.46 59.34
CA ASN D 335 4.72 -1.06 59.15
C ASN D 335 4.86 -0.26 60.43
N LYS D 336 4.46 -0.86 61.55
CA LYS D 336 4.48 -0.20 62.85
C LYS D 336 5.88 -0.18 63.45
N ASN D 337 6.78 -1.05 62.98
CA ASN D 337 8.14 -1.13 63.50
C ASN D 337 9.15 -0.87 62.39
N SER D 338 8.76 -0.07 61.41
CA SER D 338 9.52 0.09 60.17
C SER D 338 10.94 0.60 60.41
N SER D 339 11.15 1.33 61.51
CA SER D 339 12.47 1.87 61.85
C SER D 339 13.48 0.79 62.16
N TYR D 340 13.03 -0.38 62.62
CA TYR D 340 13.93 -1.45 63.02
C TYR D 340 14.24 -2.44 61.90
N PHE D 341 13.84 -2.15 60.66
CA PHE D 341 14.19 -2.96 59.49
C PHE D 341 14.97 -2.07 58.53
N VAL D 342 16.15 -2.53 58.09
CA VAL D 342 16.96 -1.68 57.22
C VAL D 342 16.21 -1.42 55.92
N GLU D 343 16.17 -0.16 55.52
CA GLU D 343 15.46 0.26 54.32
C GLU D 343 16.18 -0.08 53.02
N TRP D 344 17.48 -0.38 53.05
CA TRP D 344 18.23 -0.68 51.83
C TRP D 344 18.18 -2.16 51.45
N ILE D 345 17.37 -2.96 52.15
CA ILE D 345 17.06 -4.34 51.75
C ILE D 345 15.55 -4.47 51.66
N PRO D 346 14.96 -4.29 50.48
CA PRO D 346 13.49 -4.34 50.37
C PRO D 346 12.96 -5.72 50.71
N ASN D 347 11.79 -5.77 51.32
CA ASN D 347 11.08 -7.03 51.56
C ASN D 347 11.98 -8.03 52.28
N ASN D 348 12.66 -7.57 53.32
CA ASN D 348 13.64 -8.42 53.99
C ASN D 348 13.03 -9.35 55.02
N VAL D 349 11.70 -9.44 55.14
CA VAL D 349 11.03 -10.36 56.06
C VAL D 349 10.21 -11.34 55.23
N LYS D 350 10.48 -12.63 55.40
CA LYS D 350 9.72 -13.64 54.68
C LYS D 350 9.11 -14.61 55.68
N THR D 351 7.84 -14.95 55.45
CA THR D 351 7.08 -15.79 56.37
C THR D 351 6.75 -17.12 55.71
N ALA D 352 6.80 -18.19 56.49
CA ALA D 352 6.40 -19.51 56.02
C ALA D 352 5.40 -20.09 56.99
N VAL D 353 4.51 -20.92 56.48
CA VAL D 353 3.45 -21.50 57.29
C VAL D 353 3.46 -23.00 57.03
N CYS D 354 3.41 -23.77 58.11
CA CYS D 354 3.36 -25.23 58.06
C CYS D 354 2.25 -25.68 58.99
N ASP D 355 1.51 -26.70 58.55
CA ASP D 355 0.30 -27.12 59.24
C ASP D 355 0.56 -27.86 60.54
N ILE D 356 1.62 -28.66 60.61
CA ILE D 356 1.92 -29.40 61.83
C ILE D 356 2.54 -28.47 62.88
N PRO D 357 1.95 -28.37 64.07
CA PRO D 357 2.60 -27.60 65.14
C PRO D 357 3.56 -28.46 65.92
N PRO D 358 4.41 -27.87 66.76
CA PRO D 358 5.27 -28.69 67.63
C PRO D 358 4.43 -29.37 68.70
N ARG D 359 5.04 -30.33 69.37
CA ARG D 359 4.34 -31.09 70.41
C ARG D 359 3.84 -30.15 71.51
N GLY D 360 2.56 -30.31 71.86
CA GLY D 360 1.96 -29.60 72.98
C GLY D 360 1.33 -28.27 72.62
N LEU D 361 1.52 -27.78 71.41
CA LEU D 361 1.05 -26.48 70.98
C LEU D 361 0.10 -26.64 69.80
N LYS D 362 -1.00 -25.89 69.84
CA LYS D 362 -1.88 -25.78 68.68
C LYS D 362 -1.34 -24.80 67.64
N MET D 363 -0.61 -23.77 68.08
CA MET D 363 -0.07 -22.71 67.24
C MET D 363 1.26 -22.23 67.83
N SER D 364 2.25 -22.05 66.98
CA SER D 364 3.53 -21.53 67.44
C SER D 364 4.10 -20.65 66.35
N ALA D 365 5.04 -19.80 66.74
CA ALA D 365 5.77 -18.96 65.80
C ALA D 365 7.24 -19.06 66.13
N THR D 366 8.06 -19.37 65.13
CA THR D 366 9.50 -19.39 65.32
C THR D 366 10.10 -18.29 64.44
N PHE D 367 11.08 -17.59 65.01
CA PHE D 367 11.63 -16.37 64.45
C PHE D 367 13.12 -16.57 64.25
N ILE D 368 13.62 -16.19 63.08
CA ILE D 368 15.05 -16.22 62.77
C ILE D 368 15.42 -14.83 62.29
N GLY D 369 16.18 -14.10 63.11
CA GLY D 369 16.53 -12.74 62.78
C GLY D 369 18.03 -12.57 62.60
N ASN D 370 18.43 -11.91 61.52
CA ASN D 370 19.78 -11.40 61.37
C ASN D 370 19.73 -9.92 61.73
N SER D 371 19.96 -9.63 63.00
CA SER D 371 19.84 -8.30 63.59
C SER D 371 21.20 -7.79 64.04
N THR D 372 21.47 -6.50 63.77
CA THR D 372 22.70 -5.86 64.26
C THR D 372 22.74 -5.78 65.78
N ALA D 373 21.61 -6.02 66.46
CA ALA D 373 21.58 -6.07 67.92
C ALA D 373 22.30 -7.30 68.46
N ILE D 374 22.60 -8.29 67.62
CA ILE D 374 23.40 -9.42 68.04
C ILE D 374 24.76 -8.96 68.58
N GLN D 375 25.21 -7.75 68.20
CA GLN D 375 26.48 -7.23 68.71
C GLN D 375 26.48 -7.14 70.25
N GLU D 376 25.31 -6.99 70.86
CA GLU D 376 25.26 -6.97 72.32
C GLU D 376 25.75 -8.29 72.90
N LEU D 377 25.35 -9.41 72.31
CA LEU D 377 25.84 -10.71 72.73
C LEU D 377 27.37 -10.76 72.68
N PHE D 378 27.93 -10.40 71.52
CA PHE D 378 29.39 -10.46 71.38
C PHE D 378 30.07 -9.43 72.28
N LYS D 379 29.46 -8.25 72.48
CA LYS D 379 30.03 -7.27 73.40
C LYS D 379 30.17 -7.84 74.81
N ARG D 380 29.15 -8.57 75.27
CA ARG D 380 29.16 -9.15 76.61
C ARG D 380 30.35 -10.10 76.79
N ILE D 381 30.59 -10.95 75.80
CA ILE D 381 31.72 -11.87 75.85
C ILE D 381 33.03 -11.12 75.75
N SER D 382 33.06 -10.06 74.95
CA SER D 382 34.28 -9.28 74.83
C SER D 382 34.71 -8.69 76.17
N GLU D 383 33.73 -8.31 77.02
CA GLU D 383 34.03 -7.73 78.33
C GLU D 383 34.68 -8.77 79.23
N GLN D 384 34.06 -9.94 79.33
CA GLN D 384 34.59 -11.03 80.14
C GLN D 384 35.95 -11.48 79.63
N PHE D 385 36.14 -11.45 78.32
CA PHE D 385 37.45 -11.78 77.75
C PHE D 385 38.52 -10.79 78.19
N THR D 386 38.37 -9.51 77.86
CA THR D 386 39.43 -8.55 78.18
C THR D 386 39.62 -8.39 79.67
N ALA D 387 38.59 -8.64 80.47
CA ALA D 387 38.75 -8.58 81.91
C ALA D 387 39.88 -9.51 82.35
N MET D 388 40.00 -10.66 81.70
CA MET D 388 41.09 -11.58 82.02
C MET D 388 42.36 -11.31 81.23
N PHE D 389 42.25 -11.04 79.93
CA PHE D 389 43.44 -10.98 79.08
C PHE D 389 44.34 -9.79 79.43
N ARG D 390 43.76 -8.63 79.77
CA ARG D 390 44.59 -7.48 80.12
C ARG D 390 45.32 -7.69 81.43
N ARG D 391 44.95 -8.72 82.19
CA ARG D 391 45.72 -9.24 83.31
C ARG D 391 46.62 -10.39 82.91
N LYS D 392 46.61 -10.80 81.64
CA LYS D 392 47.32 -11.99 81.18
C LYS D 392 46.95 -13.23 81.99
N ALA D 393 45.77 -13.22 82.62
CA ALA D 393 45.39 -14.28 83.55
C ALA D 393 45.02 -15.57 82.82
N PHE D 394 45.52 -16.70 83.34
CA PHE D 394 45.22 -18.08 82.91
C PHE D 394 45.77 -18.45 81.56
N LEU D 395 46.57 -17.57 80.91
CA LEU D 395 47.08 -17.88 79.58
C LEU D 395 47.88 -19.18 79.57
N HIS D 396 48.45 -19.57 80.71
CA HIS D 396 49.34 -20.73 80.73
C HIS D 396 48.62 -22.02 80.34
N TRP D 397 47.32 -22.15 80.67
CA TRP D 397 46.56 -23.30 80.19
C TRP D 397 46.63 -23.40 78.67
N TYR D 398 46.84 -22.26 78.01
CA TYR D 398 46.86 -22.23 76.55
C TYR D 398 48.27 -22.10 76.00
N THR D 399 49.07 -21.13 76.48
CA THR D 399 50.45 -21.04 76.03
C THR D 399 51.21 -22.31 76.37
N GLY D 400 50.76 -23.03 77.40
CA GLY D 400 51.36 -24.32 77.71
C GLY D 400 51.12 -25.36 76.63
N GLU D 401 50.10 -25.15 75.79
CA GLU D 401 49.84 -26.04 74.67
C GLU D 401 50.52 -25.59 73.38
N GLY D 402 51.32 -24.53 73.44
CA GLY D 402 51.99 -24.02 72.26
C GLY D 402 51.36 -22.79 71.66
N MET D 403 50.32 -22.24 72.29
CA MET D 403 49.63 -21.09 71.74
C MET D 403 50.40 -19.81 72.06
N ASP D 404 50.23 -18.80 71.21
CA ASP D 404 50.94 -17.55 71.30
C ASP D 404 49.98 -16.47 71.78
N GLU D 405 50.50 -15.50 72.55
CA GLU D 405 49.64 -14.39 72.95
C GLU D 405 48.94 -13.78 71.75
N MET D 406 49.68 -13.59 70.63
CA MET D 406 49.11 -12.92 69.47
C MET D 406 47.82 -13.58 69.03
N GLU D 407 47.70 -14.89 69.22
CA GLU D 407 46.48 -15.61 68.84
C GLU D 407 45.27 -15.12 69.62
N PHE D 408 45.42 -14.90 70.92
CA PHE D 408 44.32 -14.34 71.71
C PHE D 408 44.00 -12.92 71.29
N THR D 409 45.03 -12.13 71.00
CA THR D 409 44.81 -10.76 70.54
C THR D 409 44.05 -10.76 69.23
N GLU D 410 44.41 -11.67 68.33
CA GLU D 410 43.81 -11.75 67.00
C GLU D 410 42.36 -12.21 67.07
N ALA D 411 42.10 -13.28 67.85
CA ALA D 411 40.72 -13.73 67.99
C ALA D 411 39.87 -12.65 68.64
N GLU D 412 40.42 -11.97 69.66
CA GLU D 412 39.73 -10.83 70.24
C GLU D 412 39.47 -9.76 69.18
N SER D 413 40.50 -9.46 68.38
CA SER D 413 40.41 -8.40 67.39
C SER D 413 39.39 -8.72 66.30
N ASN D 414 39.33 -9.98 65.85
CA ASN D 414 38.34 -10.37 64.86
C ASN D 414 36.91 -10.22 65.40
N MET D 415 36.67 -10.65 66.64
CA MET D 415 35.34 -10.47 67.22
C MET D 415 35.02 -9.00 67.44
N ASN D 416 36.02 -8.19 67.79
CA ASN D 416 35.78 -6.75 67.83
C ASN D 416 35.35 -6.25 66.45
N ASP D 417 35.99 -6.75 65.39
CA ASP D 417 35.64 -6.34 64.03
C ASP D 417 34.19 -6.71 63.67
N LEU D 418 33.74 -7.90 64.06
CA LEU D 418 32.37 -8.31 63.79
C LEU D 418 31.36 -7.32 64.38
N VAL D 419 31.58 -6.86 65.63
CA VAL D 419 30.67 -5.89 66.24
C VAL D 419 30.70 -4.57 65.48
N SER D 420 31.89 -4.08 65.10
CA SER D 420 31.96 -2.86 64.31
C SER D 420 31.16 -3.02 63.02
N GLU D 421 31.37 -4.14 62.31
CA GLU D 421 30.67 -4.34 61.05
C GLU D 421 29.17 -4.40 61.28
N TYR D 422 28.71 -5.07 62.34
CA TYR D 422 27.29 -5.06 62.67
C TYR D 422 26.83 -3.63 62.97
N GLN D 423 27.67 -2.83 63.64
CA GLN D 423 27.33 -1.43 63.91
C GLN D 423 27.33 -0.57 62.63
N GLN D 424 28.22 -0.87 61.69
CA GLN D 424 28.32 -0.13 60.43
C GLN D 424 27.05 -0.20 59.60
N TYR D 425 26.43 -1.38 59.52
CA TYR D 425 25.22 -1.49 58.72
C TYR D 425 23.96 -1.11 59.48
N GLN D 426 24.04 -1.05 60.79
CA GLN D 426 22.94 -0.51 61.58
C GLN D 426 22.80 0.98 61.36
N ASP D 427 23.89 1.65 61.02
CA ASP D 427 23.91 3.09 60.85
C ASP D 427 23.76 3.50 59.39
N ALA D 428 24.05 2.59 58.46
CA ALA D 428 23.87 2.89 57.05
C ALA D 428 22.41 3.25 56.76
N THR D 429 22.24 4.06 55.71
CA THR D 429 20.93 4.57 55.27
C THR D 429 20.85 4.44 53.74
N ALA D 430 19.62 4.46 53.23
CA ALA D 430 19.46 4.38 51.77
C ALA D 430 19.90 5.67 51.07
N ASP D 431 19.58 6.84 51.62
CA ASP D 431 19.85 8.09 50.87
C ASP D 431 21.13 8.77 51.34
N MET E 4 -19.70 31.27 -73.36
CA MET E 4 -19.56 29.89 -72.86
C MET E 4 -19.34 28.93 -74.03
N GLU E 5 -18.13 28.38 -74.14
CA GLU E 5 -17.69 27.62 -75.32
C GLU E 5 -17.53 26.14 -74.99
N VAL E 6 -18.12 25.28 -75.84
CA VAL E 6 -18.06 23.82 -75.71
C VAL E 6 -17.02 23.28 -76.68
N ILE E 7 -16.23 22.30 -76.24
CA ILE E 7 -15.07 21.84 -77.00
C ILE E 7 -14.78 20.39 -76.66
N GLU E 8 -14.02 19.75 -77.56
CA GLU E 8 -13.45 18.43 -77.32
C GLU E 8 -14.52 17.37 -77.12
N LEU E 9 -15.69 17.52 -77.74
CA LEU E 9 -16.80 16.59 -77.52
C LEU E 9 -16.48 15.20 -78.11
N ASN E 10 -16.50 14.17 -77.25
CA ASN E 10 -16.30 12.78 -77.65
C ASN E 10 -17.52 11.98 -77.24
N LYS E 11 -18.08 11.23 -78.20
CA LYS E 11 -19.28 10.44 -77.99
C LYS E 11 -18.98 8.97 -78.24
N CYS E 12 -19.59 8.12 -77.43
CA CYS E 12 -19.50 6.67 -77.59
C CYS E 12 -20.78 6.10 -77.01
N THR E 13 -20.98 4.78 -77.19
CA THR E 13 -22.26 4.22 -76.80
C THR E 13 -22.46 4.20 -75.29
N SER E 14 -21.40 4.41 -74.50
CA SER E 14 -21.50 4.42 -73.04
C SER E 14 -21.72 5.80 -72.45
N GLY E 15 -21.46 6.86 -73.20
CA GLY E 15 -21.53 8.20 -72.67
C GLY E 15 -20.85 9.19 -73.58
N GLN E 16 -20.61 10.39 -73.04
CA GLN E 16 -19.85 11.39 -73.77
C GLN E 16 -19.13 12.29 -72.77
N SER E 17 -18.10 12.95 -73.27
CA SER E 17 -17.34 13.90 -72.48
C SER E 17 -17.08 15.13 -73.33
N PHE E 18 -16.74 16.22 -72.66
CA PHE E 18 -16.58 17.52 -73.32
C PHE E 18 -16.08 18.51 -72.28
N GLU E 19 -15.70 19.69 -72.75
CA GLU E 19 -15.17 20.74 -71.90
C GLU E 19 -15.91 22.03 -72.18
N VAL E 20 -16.04 22.88 -71.16
CA VAL E 20 -16.71 24.16 -71.32
C VAL E 20 -15.91 25.25 -70.61
N ILE E 21 -15.56 26.31 -71.35
CA ILE E 21 -14.79 27.45 -70.88
C ILE E 21 -15.77 28.61 -70.70
N LEU E 22 -16.06 28.96 -69.45
CA LEU E 22 -16.84 30.17 -69.23
C LEU E 22 -16.02 31.42 -69.58
N LYS E 23 -14.71 31.37 -69.33
CA LYS E 23 -13.82 32.52 -69.44
C LYS E 23 -12.38 32.03 -69.55
N PRO E 24 -11.55 32.64 -70.39
CA PRO E 24 -10.15 32.19 -70.52
C PRO E 24 -9.30 32.67 -69.35
N PRO E 25 -8.03 32.29 -69.30
CA PRO E 25 -7.16 32.74 -68.21
C PRO E 25 -6.91 34.25 -68.27
N SER E 26 -6.46 34.79 -67.14
CA SER E 26 -6.23 36.23 -67.00
C SER E 26 -4.74 36.53 -66.75
N PRO E 43 14.54 10.06 -52.69
CA PRO E 43 15.11 9.02 -51.82
C PRO E 43 15.42 7.73 -52.59
N SER E 44 16.54 7.08 -52.29
CA SER E 44 16.93 5.84 -52.94
C SER E 44 16.60 4.63 -52.07
N LEU E 45 16.71 3.45 -52.67
CA LEU E 45 16.52 2.23 -51.88
C LEU E 45 17.53 2.17 -50.74
N GLU E 46 18.74 2.69 -50.97
CA GLU E 46 19.76 2.66 -49.94
C GLU E 46 19.53 3.72 -48.85
N GLU E 47 19.10 4.93 -49.24
CA GLU E 47 18.78 5.92 -48.21
C GLU E 47 17.61 5.46 -47.35
N ILE E 48 16.61 4.82 -47.96
CA ILE E 48 15.51 4.22 -47.20
C ILE E 48 16.05 3.15 -46.25
N GLN E 49 16.94 2.29 -46.75
CA GLN E 49 17.55 1.28 -45.90
C GLN E 49 18.29 1.91 -44.72
N LYS E 50 18.94 3.05 -44.94
CA LYS E 50 19.70 3.69 -43.89
C LYS E 50 18.81 4.22 -42.79
N LYS E 51 17.73 4.91 -43.14
CA LYS E 51 16.85 5.47 -42.12
C LYS E 51 16.15 4.38 -41.31
N LEU E 52 15.68 3.31 -41.97
CA LEU E 52 15.04 2.20 -41.27
C LEU E 52 16.00 1.52 -40.30
N GLU E 53 17.27 1.33 -40.71
CA GLU E 53 18.24 0.69 -39.83
C GLU E 53 18.71 1.63 -38.71
N ALA E 54 18.81 2.94 -38.97
CA ALA E 54 19.10 3.87 -37.90
C ALA E 54 18.08 3.73 -36.78
N ALA E 55 16.79 3.71 -37.14
CA ALA E 55 15.74 3.60 -36.14
C ALA E 55 15.81 2.28 -35.39
N GLU E 56 16.23 1.20 -36.06
CA GLU E 56 16.39 -0.05 -35.34
C GLU E 56 17.56 0.00 -34.37
N GLU E 57 18.57 0.81 -34.66
CA GLU E 57 19.69 0.95 -33.74
C GLU E 57 19.31 1.75 -32.50
N ARG E 58 18.51 2.80 -32.67
CA ARG E 58 18.01 3.54 -31.51
C ARG E 58 17.16 2.64 -30.63
N ARG E 59 16.32 1.80 -31.24
CA ARG E 59 15.52 0.85 -30.47
C ARG E 59 16.41 -0.12 -29.71
N LYS E 60 17.43 -0.66 -30.39
CA LYS E 60 18.31 -1.63 -29.76
C LYS E 60 19.13 -1.00 -28.63
N TYR E 61 19.59 0.25 -28.83
CA TYR E 61 20.31 0.97 -27.79
C TYR E 61 19.46 1.15 -26.54
N GLN E 62 18.23 1.66 -26.71
CA GLN E 62 17.36 1.94 -25.57
C GLN E 62 16.98 0.66 -24.84
N GLU E 63 16.81 -0.44 -25.57
CA GLU E 63 16.53 -1.71 -24.92
C GLU E 63 17.77 -2.25 -24.20
N ALA E 64 18.97 -1.95 -24.71
CA ALA E 64 20.19 -2.36 -24.03
C ALA E 64 20.43 -1.54 -22.77
N GLU E 65 20.02 -0.27 -22.77
CA GLU E 65 20.04 0.53 -21.55
C GLU E 65 19.06 -0.03 -20.51
N LEU E 66 17.87 -0.45 -20.94
CA LEU E 66 16.91 -1.03 -20.01
C LEU E 66 17.45 -2.27 -19.34
N LEU E 67 18.00 -3.19 -20.13
CA LEU E 67 18.45 -4.46 -19.59
C LEU E 67 19.68 -4.26 -18.70
N LYS E 68 20.56 -3.33 -19.10
CA LYS E 68 21.71 -2.98 -18.28
C LYS E 68 21.29 -2.43 -16.93
N HIS E 69 20.27 -1.57 -16.92
CA HIS E 69 19.73 -1.04 -15.67
C HIS E 69 19.03 -2.14 -14.88
N LEU E 70 18.34 -3.07 -15.55
CA LEU E 70 17.78 -4.19 -14.81
C LEU E 70 18.87 -5.12 -14.26
N ALA E 71 20.05 -5.11 -14.88
CA ALA E 71 21.15 -5.92 -14.38
C ALA E 71 21.75 -5.33 -13.09
N GLU E 72 21.73 -4.00 -12.96
CA GLU E 72 22.11 -3.38 -11.70
C GLU E 72 21.13 -3.76 -10.61
N LYS E 73 19.84 -3.86 -10.95
CA LYS E 73 18.86 -4.24 -9.95
C LYS E 73 19.09 -5.68 -9.46
N ARG E 74 19.45 -6.61 -10.38
CA ARG E 74 19.79 -7.97 -9.95
C ARG E 74 20.99 -7.97 -9.02
N GLU E 75 22.01 -7.16 -9.35
CA GLU E 75 23.18 -7.05 -8.49
C GLU E 75 22.78 -6.60 -7.09
N HIS E 76 21.93 -5.58 -7.00
CA HIS E 76 21.49 -5.10 -5.71
C HIS E 76 20.66 -6.14 -4.95
N GLU E 77 19.88 -6.94 -5.66
CA GLU E 77 19.07 -7.97 -5.02
C GLU E 77 19.95 -9.01 -4.33
N ARG E 78 21.00 -9.50 -5.00
CA ARG E 78 21.77 -10.49 -4.28
C ARG E 78 22.64 -9.86 -3.20
N GLU E 79 23.04 -8.59 -3.34
CA GLU E 79 23.76 -7.93 -2.26
C GLU E 79 22.89 -7.77 -1.02
N VAL E 80 21.58 -7.59 -1.21
CA VAL E 80 20.70 -7.49 -0.06
C VAL E 80 20.62 -8.82 0.66
N ILE E 81 20.47 -9.92 -0.08
CA ILE E 81 20.34 -11.21 0.59
C ILE E 81 21.67 -11.64 1.19
N GLN E 82 22.80 -11.33 0.53
CA GLN E 82 24.10 -11.61 1.12
C GLN E 82 24.29 -10.81 2.41
N LYS E 83 23.82 -9.56 2.44
CA LYS E 83 23.94 -8.77 3.65
C LYS E 83 23.11 -9.38 4.77
N ALA E 84 21.88 -9.79 4.47
CA ALA E 84 21.07 -10.45 5.49
C ALA E 84 21.76 -11.70 6.05
N ILE E 85 22.38 -12.50 5.17
CA ILE E 85 23.08 -13.69 5.60
C ILE E 85 24.28 -13.31 6.47
N GLU E 86 24.96 -12.23 6.12
CA GLU E 86 26.16 -11.82 6.84
C GLU E 86 25.82 -11.30 8.25
N GLU E 87 24.75 -10.51 8.38
CA GLU E 87 24.35 -10.05 9.71
C GLU E 87 23.89 -11.21 10.59
N ASN E 88 23.07 -12.10 10.05
CA ASN E 88 22.60 -13.23 10.86
C ASN E 88 23.78 -14.10 11.30
N ASN E 89 24.73 -14.35 10.39
CA ASN E 89 25.93 -15.12 10.73
C ASN E 89 26.74 -14.40 11.80
N ASN E 90 26.94 -13.09 11.64
CA ASN E 90 27.76 -12.35 12.60
C ASN E 90 27.11 -12.36 13.98
N PHE E 91 25.79 -12.21 14.05
CA PHE E 91 25.09 -12.29 15.33
C PHE E 91 25.30 -13.66 15.97
N ILE E 92 25.08 -14.74 15.21
CA ILE E 92 25.35 -16.07 15.76
C ILE E 92 26.79 -16.16 16.26
N LYS E 93 27.75 -15.65 15.47
CA LYS E 93 29.16 -15.76 15.82
C LYS E 93 29.49 -15.05 17.13
N MET E 94 28.94 -13.85 17.32
CA MET E 94 29.27 -13.03 18.48
C MET E 94 28.59 -13.57 19.74
N ALA E 95 27.38 -14.08 19.60
CA ALA E 95 26.74 -14.74 20.73
C ALA E 95 27.54 -15.96 21.17
N LYS E 96 28.01 -16.78 20.23
CA LYS E 96 28.78 -17.97 20.57
C LYS E 96 30.09 -17.60 21.26
N GLU E 97 30.79 -16.58 20.74
CA GLU E 97 32.04 -16.13 21.35
C GLU E 97 31.79 -15.43 22.68
N LYS E 98 30.66 -14.74 22.82
CA LYS E 98 30.40 -14.02 24.06
C LYS E 98 30.21 -14.97 25.21
N LEU E 99 29.41 -16.01 25.02
CA LEU E 99 29.23 -16.91 26.14
C LEU E 99 30.43 -17.82 26.35
N ALA E 100 31.19 -18.14 25.30
CA ALA E 100 32.42 -18.90 25.51
C ALA E 100 33.40 -18.13 26.37
N GLN E 101 33.54 -16.84 26.11
CA GLN E 101 34.36 -16.00 26.96
C GLN E 101 33.77 -15.85 28.36
N LYS E 102 32.44 -15.73 28.48
CA LYS E 102 31.80 -15.60 29.79
C LYS E 102 31.98 -16.86 30.65
N MET E 103 31.80 -18.04 30.04
CA MET E 103 31.93 -19.26 30.84
C MET E 103 33.38 -19.50 31.23
N GLU E 104 34.31 -19.09 30.38
CA GLU E 104 35.72 -19.27 30.69
C GLU E 104 36.12 -18.42 31.88
N SER E 105 35.79 -17.12 31.85
CA SER E 105 36.15 -16.28 32.98
C SER E 105 35.34 -16.62 34.22
N ASN E 106 34.11 -17.12 34.06
CA ASN E 106 33.38 -17.55 35.24
C ASN E 106 34.06 -18.74 35.90
N LYS E 107 34.54 -19.70 35.10
CA LYS E 107 35.21 -20.86 35.65
C LYS E 107 36.52 -20.46 36.33
N GLU E 108 37.32 -19.60 35.69
CA GLU E 108 38.53 -19.10 36.34
C GLU E 108 38.19 -18.45 37.68
N ASN E 109 37.24 -17.51 37.69
CA ASN E 109 36.98 -16.74 38.90
C ASN E 109 36.50 -17.63 40.04
N ARG E 110 35.61 -18.58 39.76
CA ARG E 110 35.13 -19.45 40.81
C ARG E 110 36.27 -20.29 41.36
N GLU E 111 37.15 -20.78 40.48
CA GLU E 111 38.27 -21.59 40.92
C GLU E 111 39.25 -20.78 41.75
N ALA E 112 39.50 -19.54 41.35
CA ALA E 112 40.37 -18.69 42.16
C ALA E 112 39.80 -18.48 43.55
N HIS E 113 38.49 -18.31 43.66
CA HIS E 113 37.85 -18.16 44.97
C HIS E 113 37.94 -19.44 45.80
N LEU E 114 37.74 -20.60 45.17
CA LEU E 114 37.90 -21.83 45.94
C LEU E 114 39.37 -22.07 46.30
N ALA E 115 40.28 -21.72 45.39
CA ALA E 115 41.70 -21.92 45.67
C ALA E 115 42.16 -21.07 46.85
N ALA E 116 41.69 -19.83 46.91
CA ALA E 116 42.01 -18.96 48.04
C ALA E 116 41.43 -19.52 49.33
N MET E 117 40.25 -20.12 49.26
CA MET E 117 39.62 -20.67 50.46
C MET E 117 40.43 -21.85 51.01
N LEU E 118 40.85 -22.75 50.13
CA LEU E 118 41.70 -23.85 50.57
C LEU E 118 43.06 -23.34 51.05
N GLU E 119 43.67 -22.41 50.32
CA GLU E 119 44.98 -21.91 50.72
C GLU E 119 44.97 -21.34 52.14
N ARG E 120 43.85 -20.74 52.57
CA ARG E 120 43.79 -20.26 53.94
C ARG E 120 43.48 -21.39 54.93
N LEU E 121 42.69 -22.38 54.51
CA LEU E 121 42.50 -23.54 55.37
C LEU E 121 43.81 -24.30 55.56
N GLN E 122 44.61 -24.42 54.51
CA GLN E 122 45.88 -25.12 54.64
C GLN E 122 46.82 -24.38 55.57
N GLU E 123 46.83 -23.04 55.49
CA GLU E 123 47.60 -22.27 56.45
C GLU E 123 47.16 -22.57 57.88
N LYS E 124 45.89 -22.95 58.08
CA LYS E 124 45.45 -23.34 59.41
C LYS E 124 46.07 -24.66 59.85
N ASP E 125 46.38 -25.54 58.91
CA ASP E 125 47.08 -26.78 59.27
C ASP E 125 48.56 -26.53 59.54
N LYS E 126 49.17 -25.62 58.77
CA LYS E 126 50.54 -25.23 59.05
C LYS E 126 50.66 -24.64 60.46
N HIS E 127 49.72 -23.77 60.83
CA HIS E 127 49.73 -23.16 62.15
C HIS E 127 49.47 -24.17 63.26
N ALA E 128 48.61 -25.15 63.00
CA ALA E 128 48.31 -26.14 64.02
C ALA E 128 49.50 -27.06 64.27
N GLU E 129 50.25 -27.39 63.21
CA GLU E 129 51.49 -28.14 63.41
C GLU E 129 52.47 -27.37 64.27
N GLU E 130 52.68 -26.09 63.95
CA GLU E 130 53.58 -25.26 64.73
C GLU E 130 53.16 -25.21 66.20
N VAL E 131 51.86 -25.17 66.47
CA VAL E 131 51.38 -25.11 67.84
C VAL E 131 51.82 -26.34 68.63
N ARG E 132 51.66 -27.53 68.03
CA ARG E 132 52.11 -28.75 68.69
C ARG E 132 53.62 -28.77 68.83
N LYS E 133 54.35 -28.29 67.82
CA LYS E 133 55.80 -28.20 67.95
C LYS E 133 56.19 -27.39 69.16
N ASN E 134 55.62 -26.19 69.30
CA ASN E 134 55.97 -25.35 70.44
C ASN E 134 55.65 -26.02 71.77
N LYS E 135 54.58 -26.82 71.82
CA LYS E 135 54.29 -27.59 73.04
C LYS E 135 55.40 -28.59 73.34
N GLU E 136 55.92 -29.26 72.31
CA GLU E 136 57.03 -30.21 72.53
C GLU E 136 58.26 -29.49 73.06
N LEU E 137 58.62 -28.36 72.43
CA LEU E 137 59.76 -27.59 72.91
C LEU E 137 59.60 -27.22 74.39
N LYS E 138 58.36 -27.08 74.86
CA LYS E 138 58.12 -26.73 76.25
C LYS E 138 58.42 -27.88 77.21
N GLU E 139 58.68 -29.08 76.71
CA GLU E 139 59.00 -30.24 77.56
C GLU E 139 60.50 -30.36 77.84
N MET F 1 -26.57 24.77 -19.74
CA MET F 1 -25.94 26.08 -19.73
C MET F 1 -25.04 26.26 -20.93
N TYR F 2 -25.30 27.33 -21.70
CA TYR F 2 -24.51 27.67 -22.88
C TYR F 2 -23.16 28.25 -22.48
N THR F 3 -22.18 28.10 -23.39
CA THR F 3 -20.80 28.50 -23.15
C THR F 3 -20.31 29.42 -24.27
N PHE F 4 -19.36 30.28 -23.94
CA PHE F 4 -18.83 31.20 -24.94
C PHE F 4 -17.40 31.58 -24.59
N VAL F 5 -16.67 32.08 -25.59
CA VAL F 5 -15.30 32.53 -25.45
C VAL F 5 -15.17 33.92 -26.04
N VAL F 6 -14.24 34.70 -25.48
CA VAL F 6 -14.02 36.08 -25.87
C VAL F 6 -12.60 36.19 -26.40
N ARG F 7 -12.46 36.56 -27.66
CA ARG F 7 -11.15 36.59 -28.30
C ARG F 7 -10.77 37.96 -28.84
N ASP F 8 -11.55 39.00 -28.53
CA ASP F 8 -11.19 40.39 -28.84
C ASP F 8 -11.51 41.20 -27.60
N GLU F 9 -10.51 41.43 -26.76
CA GLU F 9 -10.75 42.12 -25.50
C GLU F 9 -10.99 43.61 -25.69
N ASN F 10 -10.61 44.18 -26.83
CA ASN F 10 -10.72 45.61 -27.10
C ASN F 10 -12.06 46.00 -27.73
N SER F 11 -13.08 45.16 -27.62
CA SER F 11 -14.40 45.46 -28.20
C SER F 11 -15.30 45.94 -27.07
N SER F 12 -15.61 47.24 -27.07
CA SER F 12 -16.59 47.75 -26.12
C SER F 12 -17.94 47.04 -26.27
N VAL F 13 -18.38 46.85 -27.53
CA VAL F 13 -19.71 46.28 -27.79
C VAL F 13 -19.82 44.88 -27.21
N TYR F 14 -18.84 44.02 -27.48
CA TYR F 14 -18.97 42.65 -27.00
C TYR F 14 -18.42 42.46 -25.58
N ALA F 15 -17.66 43.42 -25.04
CA ALA F 15 -17.42 43.41 -23.60
C ALA F 15 -18.74 43.59 -22.85
N GLU F 16 -19.60 44.49 -23.31
CA GLU F 16 -20.92 44.59 -22.70
C GLU F 16 -21.78 43.38 -22.99
N VAL F 17 -21.63 42.77 -24.17
CA VAL F 17 -22.38 41.56 -24.47
C VAL F 17 -21.96 40.42 -23.56
N SER F 18 -20.67 40.32 -23.24
CA SER F 18 -20.21 39.30 -22.28
C SER F 18 -20.86 39.49 -20.92
N ARG F 19 -20.77 40.72 -20.39
CA ARG F 19 -21.36 41.02 -19.09
C ARG F 19 -22.84 40.61 -19.07
N LEU F 20 -23.57 40.93 -20.14
CA LEU F 20 -24.98 40.58 -20.21
C LEU F 20 -25.18 39.06 -20.23
N LEU F 21 -24.34 38.32 -20.97
CA LEU F 21 -24.54 36.88 -21.07
C LEU F 21 -24.38 36.22 -19.70
N LEU F 22 -23.31 36.58 -18.99
CA LEU F 22 -23.08 36.03 -17.65
C LEU F 22 -24.24 36.31 -16.71
N ALA F 23 -24.76 37.55 -16.71
CA ALA F 23 -25.78 37.97 -15.76
C ALA F 23 -27.13 37.28 -15.98
N THR F 24 -27.26 36.38 -16.95
CA THR F 24 -28.48 35.60 -17.06
C THR F 24 -28.38 34.27 -16.33
N GLY F 25 -27.22 33.97 -15.74
CA GLY F 25 -26.99 32.69 -15.12
C GLY F 25 -27.07 31.50 -16.05
N GLN F 26 -27.33 31.72 -17.34
CA GLN F 26 -27.44 30.65 -18.32
C GLN F 26 -26.26 30.58 -19.27
N TRP F 27 -25.29 31.48 -19.15
CA TRP F 27 -24.10 31.50 -20.00
C TRP F 27 -22.87 31.49 -19.10
N LYS F 28 -21.90 30.62 -19.42
CA LYS F 28 -20.60 30.63 -18.76
C LYS F 28 -19.51 30.86 -19.78
N ARG F 29 -18.53 31.67 -19.40
CA ARG F 29 -17.40 32.01 -20.26
C ARG F 29 -16.28 30.98 -20.07
N LEU F 30 -15.85 30.36 -21.17
CA LEU F 30 -14.70 29.48 -21.18
C LEU F 30 -13.45 30.29 -21.52
N ARG F 31 -12.30 29.61 -21.56
CA ARG F 31 -11.05 30.28 -21.89
C ARG F 31 -10.90 30.40 -23.41
N LYS F 32 -10.11 31.39 -23.83
CA LYS F 32 -10.03 31.76 -25.24
C LYS F 32 -9.86 30.54 -26.14
N ASP F 33 -8.96 29.64 -25.75
CA ASP F 33 -8.55 28.50 -26.55
C ASP F 33 -9.37 27.24 -26.29
N ASN F 34 -10.33 27.28 -25.38
CA ASN F 34 -11.21 26.14 -25.21
C ASN F 34 -12.11 26.03 -26.45
N PRO F 35 -12.13 24.89 -27.15
CA PRO F 35 -12.92 24.80 -28.39
C PRO F 35 -14.34 24.30 -28.18
N ARG F 36 -14.71 23.96 -26.95
CA ARG F 36 -16.06 23.44 -26.67
C ARG F 36 -17.01 24.56 -26.29
N PHE F 37 -17.05 25.58 -27.15
CA PHE F 37 -17.91 26.75 -26.98
C PHE F 37 -19.13 26.65 -27.88
N ASN F 38 -20.21 27.30 -27.45
CA ASN F 38 -21.34 27.57 -28.32
C ASN F 38 -21.16 28.87 -29.11
N LEU F 39 -20.52 29.85 -28.50
CA LEU F 39 -20.45 31.20 -29.04
C LEU F 39 -19.00 31.63 -29.09
N MET F 40 -18.58 32.19 -30.22
CA MET F 40 -17.28 32.82 -30.33
C MET F 40 -17.48 34.30 -30.63
N LEU F 41 -17.03 35.15 -29.71
CA LEU F 41 -16.87 36.57 -29.97
C LEU F 41 -15.43 36.71 -30.44
N GLY F 42 -15.23 36.68 -31.76
CA GLY F 42 -13.91 36.45 -32.30
C GLY F 42 -13.05 37.69 -32.41
N GLU F 43 -11.76 37.43 -32.58
CA GLU F 43 -10.79 38.47 -32.89
C GLU F 43 -11.14 39.14 -34.23
N ARG F 44 -10.55 40.32 -34.44
CA ARG F 44 -10.88 41.10 -35.63
C ARG F 44 -10.12 40.68 -36.89
N ASN F 45 -8.96 40.05 -36.76
CA ASN F 45 -8.21 39.66 -37.95
C ASN F 45 -7.75 38.21 -37.85
N ARG F 46 -7.70 37.56 -39.01
CA ARG F 46 -7.35 36.15 -39.12
C ARG F 46 -8.21 35.31 -38.18
N LEU F 47 -9.49 35.67 -38.07
CA LEU F 47 -10.40 34.87 -37.28
C LEU F 47 -10.47 33.48 -37.91
N PRO F 48 -10.33 32.42 -37.14
CA PRO F 48 -10.17 31.04 -37.70
C PRO F 48 -11.49 30.36 -38.07
N PHE F 49 -12.12 30.84 -39.15
CA PHE F 49 -13.43 30.31 -39.54
C PHE F 49 -13.38 28.82 -39.85
N GLY F 50 -12.27 28.34 -40.43
CA GLY F 50 -12.17 26.94 -40.79
C GLY F 50 -12.13 25.98 -39.61
N ARG F 51 -12.06 26.49 -38.38
CA ARG F 51 -12.09 25.61 -37.21
C ARG F 51 -13.44 25.66 -36.50
N LEU F 52 -14.44 26.33 -37.08
CA LEU F 52 -15.78 26.39 -36.51
C LEU F 52 -16.67 25.30 -37.09
N GLY F 53 -17.64 24.86 -36.28
CA GLY F 53 -18.62 23.92 -36.75
C GLY F 53 -18.14 22.50 -36.91
N HIS F 54 -16.98 22.17 -36.37
CA HIS F 54 -16.48 20.79 -36.32
C HIS F 54 -16.42 20.26 -34.90
N GLU F 55 -17.33 20.69 -34.02
CA GLU F 55 -17.36 20.20 -32.65
C GLU F 55 -18.63 19.41 -32.44
N PRO F 56 -18.59 18.09 -32.52
CA PRO F 56 -19.83 17.31 -32.39
C PRO F 56 -20.48 17.60 -31.05
N GLY F 57 -21.81 17.62 -31.04
CA GLY F 57 -22.55 17.97 -29.84
C GLY F 57 -22.68 19.45 -29.54
N LEU F 58 -22.08 20.34 -30.34
CA LEU F 58 -22.14 21.78 -30.09
C LEU F 58 -22.62 22.48 -31.35
N VAL F 59 -23.72 23.21 -31.22
CA VAL F 59 -24.13 24.20 -32.22
C VAL F 59 -23.27 25.45 -32.01
N GLN F 60 -22.54 25.86 -33.06
CA GLN F 60 -21.59 26.95 -32.92
C GLN F 60 -21.99 28.17 -33.75
N LEU F 61 -21.87 29.34 -33.12
CA LEU F 61 -22.26 30.63 -33.66
C LEU F 61 -21.11 31.60 -33.45
N VAL F 62 -20.89 32.50 -34.41
CA VAL F 62 -19.79 33.46 -34.31
C VAL F 62 -20.29 34.84 -34.73
N ASN F 63 -19.72 35.88 -34.12
CA ASN F 63 -20.18 37.26 -34.32
C ASN F 63 -19.49 37.96 -35.49
N TYR F 64 -19.08 37.22 -36.52
CA TYR F 64 -18.58 37.81 -37.76
C TYR F 64 -18.99 36.93 -38.93
N TYR F 65 -19.25 37.59 -40.06
CA TYR F 65 -19.44 36.92 -41.34
C TYR F 65 -18.11 36.84 -42.08
N ARG F 66 -17.66 35.63 -42.34
CA ARG F 66 -16.53 35.44 -43.23
C ARG F 66 -16.86 36.04 -44.60
N GLY F 67 -15.94 36.85 -45.13
CA GLY F 67 -16.12 37.50 -46.40
C GLY F 67 -16.77 38.87 -46.33
N ALA F 68 -17.29 39.27 -45.19
CA ALA F 68 -17.89 40.60 -45.08
C ALA F 68 -16.84 41.71 -45.11
N ASP F 69 -15.54 41.37 -45.08
CA ASP F 69 -14.54 42.42 -45.24
C ASP F 69 -14.59 43.07 -46.60
N LYS F 70 -15.15 42.39 -47.61
CA LYS F 70 -15.19 42.99 -48.94
C LYS F 70 -15.99 44.29 -48.91
N LEU F 71 -16.98 44.36 -48.02
CA LEU F 71 -17.77 45.58 -47.86
C LEU F 71 -17.08 46.57 -46.94
N CYS F 72 -16.23 46.11 -46.02
CA CYS F 72 -15.78 46.89 -44.87
C CYS F 72 -14.33 47.38 -44.97
N ARG F 73 -13.74 47.40 -46.16
CA ARG F 73 -12.44 48.01 -46.40
C ARG F 73 -12.60 48.98 -47.57
N LYS F 74 -11.93 50.13 -47.48
CA LYS F 74 -12.21 51.21 -48.43
C LYS F 74 -12.09 50.72 -49.87
N ALA F 75 -10.98 50.08 -50.21
CA ALA F 75 -10.74 49.73 -51.61
C ALA F 75 -11.51 48.51 -52.08
N SER F 76 -11.96 47.65 -51.18
CA SER F 76 -12.77 46.52 -51.64
C SER F 76 -14.22 46.95 -51.91
N LEU F 77 -14.73 47.88 -51.09
CA LEU F 77 -16.08 48.40 -51.31
C LEU F 77 -16.22 49.02 -52.69
N VAL F 78 -15.25 49.87 -53.08
CA VAL F 78 -15.29 50.44 -54.42
C VAL F 78 -15.28 49.32 -55.47
N LYS F 79 -14.39 48.32 -55.28
CA LYS F 79 -14.37 47.20 -56.21
C LYS F 79 -15.73 46.53 -56.31
N LEU F 80 -16.37 46.32 -55.15
CA LEU F 80 -17.68 45.65 -55.14
C LEU F 80 -18.76 46.50 -55.81
N ILE F 81 -18.79 47.80 -55.53
CA ILE F 81 -19.83 48.65 -56.10
C ILE F 81 -19.69 48.72 -57.63
N LYS F 82 -18.47 48.83 -58.13
CA LYS F 82 -18.33 49.04 -59.56
C LYS F 82 -18.45 47.74 -60.36
N THR F 83 -18.15 46.59 -59.76
CA THR F 83 -18.15 45.33 -60.50
C THR F 83 -19.42 44.50 -60.32
N SER F 84 -20.21 44.76 -59.28
CA SER F 84 -21.41 43.96 -59.04
C SER F 84 -22.59 44.55 -59.78
N PRO F 85 -23.23 43.82 -60.70
CA PRO F 85 -24.35 44.41 -61.45
C PRO F 85 -25.47 44.91 -60.56
N GLU F 86 -25.59 44.34 -59.35
CA GLU F 86 -26.61 44.77 -58.40
C GLU F 86 -26.43 46.23 -58.02
N LEU F 87 -25.20 46.64 -57.84
CA LEU F 87 -24.82 48.01 -57.53
C LEU F 87 -24.15 48.53 -58.79
N SER F 88 -24.90 49.20 -59.65
CA SER F 88 -24.30 49.52 -60.93
C SER F 88 -23.11 50.47 -60.74
N GLU F 89 -22.39 50.71 -61.83
CA GLU F 89 -21.29 51.67 -61.82
C GLU F 89 -21.81 53.11 -61.86
N CYS F 91 -24.88 53.61 -60.18
CA CYS F 91 -25.24 53.62 -58.76
C CYS F 91 -25.27 55.05 -58.24
N THR F 92 -26.47 55.50 -57.85
CA THR F 92 -26.74 56.90 -57.58
C THR F 92 -26.35 57.35 -56.17
N TRP F 93 -25.96 56.45 -55.28
CA TRP F 93 -25.81 56.82 -53.88
C TRP F 93 -24.42 56.59 -53.31
N PHE F 94 -23.44 56.27 -54.14
CA PHE F 94 -22.04 56.16 -53.74
C PHE F 94 -21.24 57.23 -54.43
N PRO F 95 -20.45 58.02 -53.71
CA PRO F 95 -19.61 59.02 -54.37
C PRO F 95 -18.65 58.34 -55.33
N GLU F 96 -18.37 59.02 -56.44
CA GLU F 96 -17.40 58.53 -57.43
C GLU F 96 -16.05 58.27 -56.76
N SER F 97 -15.47 57.09 -57.02
CA SER F 97 -14.32 56.63 -56.24
C SER F 97 -13.31 55.92 -57.13
N TYR F 98 -12.06 55.91 -56.68
CA TYR F 98 -10.96 55.28 -57.42
C TYR F 98 -9.94 54.70 -56.46
N VAL F 99 -9.30 53.61 -56.87
CA VAL F 99 -8.22 53.00 -56.13
C VAL F 99 -6.89 53.34 -56.81
N ILE F 100 -5.91 53.74 -56.01
CA ILE F 100 -4.58 54.10 -56.52
C ILE F 100 -3.55 53.51 -55.57
N TYR F 101 -2.47 52.99 -56.13
CA TYR F 101 -1.44 52.28 -55.37
C TYR F 101 -0.13 53.06 -55.35
N PRO F 102 0.51 53.23 -54.18
CA PRO F 102 1.82 53.89 -54.12
C PRO F 102 2.97 52.91 -54.41
N THR F 103 3.55 53.04 -55.60
CA THR F 103 4.79 52.36 -55.93
C THR F 103 5.76 53.39 -56.47
N VAL F 130 -5.15 56.89 -62.72
CA VAL F 130 -5.97 56.33 -63.79
C VAL F 130 -7.30 57.09 -63.98
N PHE F 131 -7.61 58.01 -63.05
CA PHE F 131 -8.91 58.67 -62.98
C PHE F 131 -8.85 60.04 -63.69
N LEU F 132 -8.76 59.98 -65.02
CA LEU F 132 -8.61 61.18 -65.84
C LEU F 132 -9.98 61.73 -66.26
N ALA F 133 -10.80 62.03 -65.25
CA ALA F 133 -12.06 62.71 -65.46
C ALA F 133 -12.11 64.09 -64.83
N ALA F 134 -11.18 64.41 -63.91
CA ALA F 134 -11.06 65.80 -63.47
C ALA F 134 -10.80 66.71 -64.66
N TYR F 135 -10.06 66.21 -65.66
CA TYR F 135 -9.86 66.97 -66.89
C TYR F 135 -11.18 67.16 -67.64
N ASN F 136 -12.02 66.13 -67.66
CA ASN F 136 -13.37 66.28 -68.20
C ASN F 136 -14.23 67.18 -67.31
N ARG F 137 -13.83 67.38 -66.05
CA ARG F 137 -14.48 68.39 -65.23
C ARG F 137 -14.32 69.78 -65.84
N ARG F 138 -13.12 70.07 -66.38
CA ARG F 138 -12.87 71.33 -67.06
C ARG F 138 -13.22 72.50 -66.14
N ARG F 139 -12.93 72.34 -64.85
CA ARG F 139 -13.25 73.35 -63.86
C ARG F 139 -12.75 72.91 -62.48
N GLY F 144 -16.30 72.09 -58.78
CA GLY F 144 -15.70 71.59 -57.55
C GLY F 144 -14.85 70.36 -57.81
N ASN F 145 -13.65 70.33 -57.22
CA ASN F 145 -12.75 69.18 -57.35
C ASN F 145 -12.08 68.87 -56.02
N VAL F 146 -12.82 68.86 -54.93
CA VAL F 146 -12.26 68.43 -53.67
C VAL F 146 -12.33 66.91 -53.59
N TRP F 147 -11.31 66.29 -53.01
CA TRP F 147 -11.23 64.85 -52.90
C TRP F 147 -10.59 64.49 -51.57
N ILE F 148 -10.66 63.20 -51.22
CA ILE F 148 -10.21 62.73 -49.92
C ILE F 148 -9.41 61.44 -50.10
N ALA F 149 -8.75 61.01 -49.01
CA ALA F 149 -7.94 59.79 -48.98
C ALA F 149 -8.76 58.57 -48.55
N LEU F 161 -5.76 64.58 -45.44
CA LEU F 161 -6.00 63.72 -46.59
C LEU F 161 -6.70 64.49 -47.75
N ILE F 162 -7.50 65.52 -47.42
CA ILE F 162 -8.29 66.23 -48.44
C ILE F 162 -7.39 67.11 -49.30
N SER F 163 -7.87 67.45 -50.49
CA SER F 163 -7.08 68.28 -51.41
C SER F 163 -7.97 68.74 -52.56
N SER F 164 -7.46 69.74 -53.30
CA SER F 164 -8.12 70.29 -54.48
C SER F 164 -7.34 70.06 -55.76
N GLU F 165 -6.06 69.71 -55.67
CA GLU F 165 -5.20 69.44 -56.80
C GLU F 165 -4.79 67.97 -56.79
N ALA F 166 -4.81 67.34 -57.97
CA ALA F 166 -4.53 65.91 -58.04
C ALA F 166 -3.19 65.56 -57.40
N SER F 167 -2.16 66.36 -57.69
CA SER F 167 -0.83 66.06 -57.18
C SER F 167 -0.79 66.13 -55.66
N GLU F 168 -1.43 67.16 -55.08
CA GLU F 168 -1.38 67.33 -53.63
C GLU F 168 -1.76 66.04 -52.91
N LEU F 169 -2.75 65.33 -53.44
CA LEU F 169 -3.18 64.07 -52.87
C LEU F 169 -2.25 62.93 -53.27
N LEU F 170 -1.97 62.80 -54.56
CA LEU F 170 -1.17 61.67 -55.06
C LEU F 170 0.14 61.53 -54.30
N ASP F 171 0.80 62.65 -53.99
CA ASP F 171 2.05 62.58 -53.23
C ASP F 171 1.82 62.24 -51.76
N PHE F 172 0.59 62.41 -51.25
CA PHE F 172 0.29 62.05 -49.87
C PHE F 172 0.18 60.54 -49.70
N ILE F 173 -0.28 59.82 -50.74
CA ILE F 173 -0.43 58.38 -50.61
C ILE F 173 0.92 57.67 -50.72
N ASP F 174 1.86 58.25 -51.48
CA ASP F 174 3.16 57.61 -51.66
C ASP F 174 4.06 57.80 -50.44
N GLU F 175 3.90 58.92 -49.72
CA GLU F 175 4.69 59.17 -48.52
C GLU F 175 4.27 58.29 -47.35
N GLN F 176 3.19 57.52 -47.50
CA GLN F 176 2.71 56.59 -46.47
C GLN F 176 3.15 55.16 -46.75
N GLY F 177 2.78 54.61 -47.92
CA GLY F 177 3.29 53.31 -48.32
C GLY F 177 2.25 52.28 -48.74
N GLN F 178 1.10 52.25 -48.07
CA GLN F 178 0.06 51.26 -48.35
C GLN F 178 -0.97 51.83 -49.32
N VAL F 179 -2.07 51.10 -49.50
CA VAL F 179 -3.07 51.48 -50.51
C VAL F 179 -4.00 52.54 -49.93
N HIS F 180 -4.28 53.56 -50.73
CA HIS F 180 -5.30 54.55 -50.43
C HIS F 180 -6.29 54.62 -51.58
N VAL F 181 -7.44 55.24 -51.32
CA VAL F 181 -8.46 55.50 -52.31
C VAL F 181 -8.81 56.98 -52.23
N ILE F 182 -9.14 57.57 -53.38
CA ILE F 182 -9.54 58.98 -53.41
C ILE F 182 -10.91 59.08 -54.05
N GLN F 183 -11.70 60.03 -53.54
CA GLN F 183 -13.13 60.07 -53.74
C GLN F 183 -13.58 61.53 -53.68
N LYS F 184 -14.64 61.84 -54.42
CA LYS F 184 -15.15 63.20 -54.45
C LYS F 184 -15.62 63.62 -53.07
N TYR F 185 -15.24 64.84 -52.66
CA TYR F 185 -15.78 65.44 -51.45
C TYR F 185 -17.19 65.94 -51.71
N LEU F 186 -18.04 65.88 -50.68
CA LEU F 186 -19.39 66.42 -50.78
C LEU F 186 -19.31 67.92 -50.52
N GLU F 187 -19.32 68.69 -51.63
CA GLU F 187 -18.98 70.11 -51.53
C GLU F 187 -20.13 70.93 -50.96
N LYS F 188 -21.37 70.50 -51.14
CA LYS F 188 -22.48 71.15 -50.45
C LYS F 188 -23.16 70.12 -49.57
N PRO F 189 -22.68 69.93 -48.34
CA PRO F 189 -23.40 69.09 -47.39
C PRO F 189 -24.61 69.85 -46.84
N LEU F 190 -25.43 69.11 -46.10
CA LEU F 190 -26.45 69.74 -45.28
C LEU F 190 -25.78 70.24 -44.01
N LEU F 191 -26.06 71.49 -43.64
CA LEU F 191 -25.41 72.12 -42.50
C LEU F 191 -26.45 72.51 -41.46
N LEU F 192 -26.25 72.06 -40.22
CA LEU F 192 -27.16 72.36 -39.13
C LEU F 192 -27.07 73.83 -38.73
N GLU F 193 -28.22 74.40 -38.35
CA GLU F 193 -28.29 75.76 -37.83
C GLU F 193 -28.93 75.74 -36.45
N PRO F 194 -28.37 76.44 -35.44
CA PRO F 194 -27.22 77.36 -35.51
C PRO F 194 -25.86 76.66 -35.62
N GLY F 195 -24.85 77.39 -36.11
CA GLY F 195 -23.49 76.91 -36.16
C GLY F 195 -22.96 76.67 -37.56
N HIS F 196 -23.83 76.49 -38.54
CA HIS F 196 -23.43 76.21 -39.92
C HIS F 196 -22.62 74.91 -40.04
N ARG F 197 -22.85 73.95 -39.14
CA ARG F 197 -21.95 72.82 -38.95
C ARG F 197 -22.19 71.73 -40.02
N LYS F 198 -21.27 70.77 -40.03
CA LYS F 198 -21.28 69.61 -40.93
C LYS F 198 -21.33 68.34 -40.08
N PHE F 199 -21.76 67.24 -40.68
CA PHE F 199 -22.02 66.02 -39.91
C PHE F 199 -22.01 64.80 -40.83
N ASP F 200 -21.95 63.63 -40.20
CA ASP F 200 -22.17 62.35 -40.85
C ASP F 200 -23.10 61.54 -39.97
N ILE F 201 -23.81 60.58 -40.59
CA ILE F 201 -24.77 59.75 -39.87
C ILE F 201 -24.22 58.34 -39.79
N ARG F 202 -24.11 57.83 -38.56
CA ARG F 202 -23.83 56.42 -38.37
C ARG F 202 -25.14 55.69 -38.15
N SER F 203 -25.29 54.56 -38.83
CA SER F 203 -26.35 53.62 -38.54
C SER F 203 -25.73 52.30 -38.16
N TRP F 204 -26.25 51.69 -37.11
CA TRP F 204 -25.86 50.35 -36.73
C TRP F 204 -26.85 49.34 -37.31
N VAL F 205 -26.34 48.29 -37.94
CA VAL F 205 -27.16 47.27 -38.58
C VAL F 205 -26.68 45.92 -38.10
N LEU F 206 -27.62 45.08 -37.67
CA LEU F 206 -27.35 43.75 -37.16
C LEU F 206 -27.92 42.73 -38.16
N VAL F 207 -27.05 41.87 -38.68
CA VAL F 207 -27.47 40.81 -39.61
C VAL F 207 -27.37 39.51 -38.83
N ASP F 208 -28.49 38.81 -38.69
CA ASP F 208 -28.53 37.58 -37.89
C ASP F 208 -28.19 36.37 -38.74
N HIS F 209 -28.09 35.23 -38.06
CA HIS F 209 -27.71 33.98 -38.71
C HIS F 209 -28.67 33.58 -39.82
N LEU F 210 -29.91 34.05 -39.77
CA LEU F 210 -30.90 33.79 -40.82
C LEU F 210 -30.84 34.81 -41.95
N TYR F 211 -29.89 35.75 -41.87
CA TYR F 211 -29.75 36.87 -42.79
C TYR F 211 -30.97 37.78 -42.81
N ASN F 212 -31.61 37.96 -41.66
CA ASN F 212 -32.43 39.15 -41.43
C ASN F 212 -31.53 40.37 -41.23
N ILE F 213 -31.90 41.47 -41.86
CA ILE F 213 -31.19 42.73 -41.71
C ILE F 213 -31.98 43.62 -40.78
N TYR F 214 -31.40 43.91 -39.61
CA TYR F 214 -32.04 44.72 -38.57
C TYR F 214 -31.30 46.04 -38.43
N LEU F 215 -31.99 47.14 -38.75
CA LEU F 215 -31.49 48.48 -38.51
C LEU F 215 -31.92 48.93 -37.10
N TYR F 216 -30.94 49.16 -36.23
CA TYR F 216 -31.22 49.77 -34.94
C TYR F 216 -31.89 51.13 -35.14
N ARG F 217 -33.01 51.36 -34.42
CA ARG F 217 -33.79 52.56 -34.65
C ARG F 217 -33.07 53.84 -34.18
N GLU F 218 -32.17 53.73 -33.22
CA GLU F 218 -31.36 54.87 -32.81
C GLU F 218 -30.15 54.99 -33.73
N GLY F 219 -30.05 56.10 -34.45
CA GLY F 219 -28.82 56.49 -35.09
C GLY F 219 -28.13 57.56 -34.28
N VAL F 220 -27.01 58.06 -34.82
CA VAL F 220 -26.37 59.23 -34.25
C VAL F 220 -25.75 60.04 -35.37
N LEU F 221 -25.92 61.36 -35.28
CA LEU F 221 -25.17 62.32 -36.07
C LEU F 221 -23.91 62.72 -35.31
N ARG F 222 -22.79 62.71 -36.02
CA ARG F 222 -21.53 63.20 -35.48
C ARG F 222 -21.30 64.60 -36.03
N THR F 223 -21.47 65.61 -35.17
CA THR F 223 -21.36 67.01 -35.56
C THR F 223 -19.92 67.48 -35.47
N SER F 224 -19.65 68.62 -36.13
CA SER F 224 -18.38 69.32 -36.01
C SER F 224 -18.65 70.77 -35.63
N SER F 225 -17.88 71.28 -34.67
CA SER F 225 -18.05 72.62 -34.14
C SER F 225 -17.22 73.67 -34.88
N GLN F 234 -6.52 72.35 -45.04
CA GLN F 234 -5.88 71.78 -43.86
C GLN F 234 -6.83 71.87 -42.67
N ASP F 235 -8.06 72.28 -42.95
CA ASP F 235 -9.07 72.60 -41.93
C ASP F 235 -9.79 71.31 -41.53
N LYS F 236 -9.12 70.51 -40.70
CA LYS F 236 -9.70 69.26 -40.22
C LYS F 236 -10.62 69.46 -39.02
N THR F 237 -10.73 70.68 -38.48
CA THR F 237 -11.49 70.89 -37.25
C THR F 237 -12.99 70.81 -37.49
N CYS F 238 -13.49 71.32 -38.62
CA CYS F 238 -14.92 71.26 -38.92
C CYS F 238 -15.18 70.70 -40.31
N HIS F 239 -14.34 69.77 -40.77
CA HIS F 239 -14.60 69.01 -42.00
C HIS F 239 -14.50 67.50 -41.86
N LEU F 240 -13.75 66.99 -40.88
CA LEU F 240 -13.70 65.57 -40.57
C LEU F 240 -14.45 65.40 -39.25
N THR F 241 -15.56 64.66 -39.29
CA THR F 241 -16.58 64.73 -38.26
C THR F 241 -16.41 63.72 -37.13
N ASN F 242 -15.28 63.00 -37.08
CA ASN F 242 -15.05 62.06 -36.00
C ASN F 242 -15.06 62.76 -34.66
N HIS F 243 -15.98 62.35 -33.78
CA HIS F 243 -16.02 62.87 -32.42
C HIS F 243 -14.79 62.47 -31.61
N CYS F 244 -14.00 61.52 -32.11
CA CYS F 244 -12.64 61.35 -31.61
C CYS F 244 -11.77 62.55 -31.98
N ILE F 245 -11.93 63.08 -33.19
CA ILE F 245 -11.23 64.29 -33.61
C ILE F 245 -11.96 65.54 -33.11
N GLY F 254 -19.35 71.81 -28.39
CA GLY F 254 -19.41 70.83 -27.33
C GLY F 254 -20.60 71.08 -26.40
N TYR F 256 -23.28 73.19 -27.92
CA TYR F 256 -24.52 72.69 -28.54
C TYR F 256 -25.08 71.43 -27.86
N GLU F 257 -24.53 70.28 -28.24
CA GLU F 257 -25.01 68.97 -27.80
C GLU F 257 -23.86 68.19 -27.19
N GLU F 258 -24.17 67.44 -26.12
CA GLU F 258 -23.15 66.77 -25.34
C GLU F 258 -22.28 65.89 -26.24
N GLY F 259 -20.96 66.11 -26.16
CA GLY F 259 -20.00 65.28 -26.85
C GLY F 259 -20.02 65.33 -28.36
N ASN F 260 -20.74 66.29 -28.95
CA ASN F 260 -20.82 66.40 -30.41
C ASN F 260 -21.63 65.26 -31.03
N GLU F 261 -22.72 64.87 -30.37
CA GLU F 261 -23.61 63.85 -30.90
C GLU F 261 -25.06 64.33 -30.78
N MET F 262 -25.72 64.47 -31.92
CA MET F 262 -27.15 64.75 -31.99
C MET F 262 -27.86 63.44 -32.33
N PHE F 263 -28.76 63.01 -31.45
CA PHE F 263 -29.52 61.80 -31.73
C PHE F 263 -30.76 62.13 -32.57
N PHE F 264 -31.46 61.08 -33.00
CA PHE F 264 -32.47 61.24 -34.06
C PHE F 264 -33.63 62.13 -33.64
N GLU F 265 -34.01 62.10 -32.35
CA GLU F 265 -35.16 62.89 -31.90
C GLU F 265 -34.93 64.39 -32.13
N GLU F 266 -33.76 64.88 -31.74
CA GLU F 266 -33.42 66.27 -32.03
C GLU F 266 -33.29 66.52 -33.53
N PHE F 267 -32.63 65.61 -34.25
CA PHE F 267 -32.38 65.87 -35.67
C PHE F 267 -33.71 65.91 -36.44
N ASN F 268 -34.63 65.00 -36.13
CA ASN F 268 -35.95 65.06 -36.74
C ASN F 268 -36.67 66.36 -36.39
N GLN F 269 -36.61 66.78 -35.12
CA GLN F 269 -37.20 68.07 -34.74
C GLN F 269 -36.60 69.19 -35.59
N TYR F 270 -35.29 69.15 -35.80
CA TYR F 270 -34.66 70.13 -36.68
C TYR F 270 -35.29 70.11 -38.08
N LEU F 271 -35.43 68.91 -38.67
CA LEU F 271 -35.87 68.82 -40.05
C LEU F 271 -37.28 69.32 -40.23
N MET F 272 -38.11 69.20 -39.20
CA MET F 272 -39.45 69.78 -39.27
C MET F 272 -39.43 71.31 -39.10
N ASP F 273 -38.63 71.81 -38.16
CA ASP F 273 -38.55 73.26 -37.96
C ASP F 273 -37.96 73.96 -39.17
N ALA F 274 -36.72 73.60 -39.53
CA ALA F 274 -35.98 74.30 -40.59
C ALA F 274 -36.52 73.94 -41.97
N LEU F 275 -36.35 72.69 -42.39
CA LEU F 275 -37.00 72.17 -43.58
C LEU F 275 -38.41 71.73 -43.21
N ASN F 276 -39.25 71.49 -44.21
CA ASN F 276 -40.58 71.02 -43.83
C ASN F 276 -40.74 69.52 -44.11
N THR F 277 -39.99 68.70 -43.38
CA THR F 277 -40.04 67.25 -43.60
C THR F 277 -39.64 66.51 -42.32
N THR F 278 -39.47 65.21 -42.47
CA THR F 278 -39.14 64.36 -41.34
C THR F 278 -37.85 63.60 -41.66
N LEU F 279 -37.20 63.13 -40.61
CA LEU F 279 -36.06 62.23 -40.78
C LEU F 279 -36.45 61.02 -41.64
N GLU F 280 -37.67 60.50 -41.43
CA GLU F 280 -38.08 59.26 -42.08
C GLU F 280 -38.16 59.44 -43.60
N ASN F 281 -38.87 60.48 -44.05
CA ASN F 281 -39.09 60.62 -45.49
C ASN F 281 -37.82 61.09 -46.20
N SER F 282 -37.12 62.07 -45.64
CA SER F 282 -36.11 62.79 -46.42
C SER F 282 -34.77 62.07 -46.44
N ILE F 283 -34.46 61.26 -45.43
CA ILE F 283 -33.15 60.63 -45.31
C ILE F 283 -33.23 59.12 -45.15
N LEU F 284 -34.10 58.65 -44.25
CA LEU F 284 -34.02 57.27 -43.77
C LEU F 284 -34.49 56.26 -44.81
N LEU F 285 -35.49 56.60 -45.62
CA LEU F 285 -35.83 55.73 -46.74
C LEU F 285 -34.58 55.41 -47.54
N GLN F 286 -33.83 56.46 -47.92
CA GLN F 286 -32.58 56.27 -48.65
C GLN F 286 -31.61 55.36 -47.89
N ILE F 287 -31.53 55.54 -46.57
CA ILE F 287 -30.58 54.75 -45.80
C ILE F 287 -30.98 53.29 -45.82
N LYS F 288 -32.26 53.01 -45.55
CA LYS F 288 -32.73 51.63 -45.56
C LYS F 288 -32.50 51.00 -46.92
N HIS F 289 -32.75 51.76 -47.98
CA HIS F 289 -32.48 51.27 -49.32
C HIS F 289 -31.01 50.94 -49.52
N ILE F 290 -30.12 51.79 -49.02
CA ILE F 290 -28.69 51.54 -49.21
C ILE F 290 -28.24 50.32 -48.42
N ILE F 291 -28.63 50.24 -47.15
CA ILE F 291 -28.26 49.08 -46.35
C ILE F 291 -28.74 47.79 -47.01
N ARG F 292 -30.01 47.77 -47.41
CA ARG F 292 -30.59 46.58 -48.02
C ARG F 292 -29.83 46.21 -49.29
N SER F 293 -29.52 47.20 -50.13
CA SER F 293 -28.82 46.92 -51.38
C SER F 293 -27.45 46.31 -51.13
N CYS F 294 -26.68 46.90 -50.20
CA CYS F 294 -25.33 46.41 -49.94
C CYS F 294 -25.36 45.00 -49.38
N LEU F 295 -26.25 44.72 -48.45
CA LEU F 295 -26.20 43.42 -47.79
C LEU F 295 -26.84 42.35 -48.64
N MET F 296 -27.85 42.70 -49.44
CA MET F 296 -28.42 41.74 -50.38
C MET F 296 -27.41 41.37 -51.46
N CYS F 297 -26.58 42.33 -51.87
CA CYS F 297 -25.60 42.05 -52.92
C CYS F 297 -24.59 41.00 -52.49
N ILE F 298 -24.06 41.09 -51.26
CA ILE F 298 -23.05 40.12 -50.86
C ILE F 298 -23.64 38.87 -50.20
N GLU F 299 -24.97 38.78 -50.06
CA GLU F 299 -25.55 37.67 -49.32
C GLU F 299 -25.11 36.30 -49.84
N PRO F 300 -25.09 36.03 -51.17
CA PRO F 300 -24.72 34.68 -51.62
C PRO F 300 -23.28 34.34 -51.29
N ALA F 301 -22.39 35.34 -51.22
CA ALA F 301 -21.00 35.05 -50.90
C ALA F 301 -20.77 34.75 -49.42
N ILE F 302 -21.64 35.22 -48.50
CA ILE F 302 -21.28 35.15 -47.08
C ILE F 302 -22.33 34.46 -46.23
N SER F 303 -23.52 34.21 -46.79
CA SER F 303 -24.58 33.59 -46.02
C SER F 303 -24.09 32.29 -45.38
N THR F 304 -24.57 31.97 -44.17
CA THR F 304 -24.30 30.69 -43.53
C THR F 304 -25.55 29.82 -43.41
N LYS F 305 -26.51 29.99 -44.32
CA LYS F 305 -27.77 29.25 -44.20
C LYS F 305 -27.55 27.74 -44.20
N HIS F 306 -26.71 27.23 -45.09
CA HIS F 306 -26.48 25.78 -45.15
C HIS F 306 -25.08 25.40 -44.70
N LEU F 307 -24.49 26.19 -43.81
CA LEU F 307 -23.13 25.96 -43.36
C LEU F 307 -23.16 25.21 -42.03
N HIS F 308 -22.04 24.58 -41.70
CA HIS F 308 -21.93 23.79 -40.47
C HIS F 308 -21.71 24.67 -39.24
N TYR F 309 -21.34 25.93 -39.42
CA TYR F 309 -21.40 26.93 -38.35
C TYR F 309 -22.22 28.10 -38.86
N GLN F 310 -22.72 28.92 -37.94
CA GLN F 310 -23.53 30.08 -38.30
C GLN F 310 -22.85 31.37 -37.85
N SER F 311 -23.16 32.45 -38.57
CA SER F 311 -22.60 33.77 -38.33
C SER F 311 -23.71 34.79 -38.12
N PHE F 312 -23.43 35.79 -37.29
CA PHE F 312 -24.09 37.09 -37.35
C PHE F 312 -23.02 38.18 -37.30
N GLN F 313 -23.41 39.41 -37.64
CA GLN F 313 -22.45 40.51 -37.51
C GLN F 313 -23.17 41.85 -37.39
N LEU F 314 -22.52 42.75 -36.64
CA LEU F 314 -22.94 44.13 -36.42
C LEU F 314 -22.09 45.05 -37.30
N PHE F 315 -22.75 45.94 -38.04
CA PHE F 315 -22.06 46.84 -38.94
C PHE F 315 -22.35 48.27 -38.55
N GLY F 316 -21.43 49.16 -38.92
CA GLY F 316 -21.65 50.58 -38.83
C GLY F 316 -21.62 51.17 -40.21
N PHE F 317 -22.74 51.70 -40.66
CA PHE F 317 -22.83 52.35 -41.96
C PHE F 317 -22.70 53.85 -41.73
N ASP F 318 -21.85 54.52 -42.52
CA ASP F 318 -21.59 55.95 -42.37
C ASP F 318 -22.14 56.66 -43.60
N PHE F 319 -23.10 57.55 -43.38
CA PHE F 319 -23.74 58.29 -44.46
C PHE F 319 -23.47 59.80 -44.33
N MET F 320 -23.47 60.46 -45.48
CA MET F 320 -23.37 61.91 -45.56
C MET F 320 -24.58 62.41 -46.33
N VAL F 321 -25.26 63.41 -45.76
CA VAL F 321 -26.45 63.99 -46.36
C VAL F 321 -26.05 65.30 -47.03
N ASP F 322 -26.53 65.52 -48.25
CA ASP F 322 -26.21 66.73 -48.98
C ASP F 322 -27.38 67.71 -48.89
N GLU F 323 -27.29 68.81 -49.64
CA GLU F 323 -28.23 69.93 -49.50
C GLU F 323 -29.55 69.70 -50.19
N GLU F 324 -29.61 68.81 -51.16
CA GLU F 324 -30.87 68.33 -51.71
C GLU F 324 -31.48 67.22 -50.85
N LEU F 325 -31.07 67.09 -49.60
CA LEU F 325 -31.59 66.03 -48.73
C LEU F 325 -31.47 64.68 -49.42
N LYS F 326 -30.22 64.36 -49.76
CA LYS F 326 -29.89 63.22 -50.59
C LYS F 326 -28.71 62.53 -49.92
N VAL F 327 -28.80 61.21 -49.80
CA VAL F 327 -27.93 60.45 -48.91
C VAL F 327 -26.84 59.77 -49.73
N TRP F 328 -25.66 59.63 -49.13
CA TRP F 328 -24.53 58.99 -49.77
C TRP F 328 -23.86 58.06 -48.78
N LEU F 329 -23.28 56.98 -49.30
CA LEU F 329 -22.54 56.02 -48.49
C LEU F 329 -21.08 56.41 -48.51
N ILE F 330 -20.49 56.52 -47.33
CA ILE F 330 -19.08 56.88 -47.19
C ILE F 330 -18.24 55.65 -46.88
N GLU F 331 -18.59 54.93 -45.82
CA GLU F 331 -17.81 53.83 -45.26
C GLU F 331 -18.80 52.76 -44.78
N VAL F 332 -18.33 51.51 -44.71
CA VAL F 332 -18.98 50.50 -43.88
C VAL F 332 -17.93 50.01 -42.90
N ASN F 333 -18.27 50.04 -41.61
CA ASN F 333 -17.37 49.67 -40.51
C ASN F 333 -17.82 48.32 -39.98
N GLY F 334 -16.92 47.34 -40.03
CA GLY F 334 -17.20 45.98 -39.61
C GLY F 334 -16.92 45.64 -38.15
N ALA F 335 -16.29 46.55 -37.39
CA ALA F 335 -16.13 46.37 -35.94
C ALA F 335 -16.43 47.71 -35.26
N PRO F 336 -17.66 48.19 -35.37
CA PRO F 336 -18.00 49.52 -34.88
C PRO F 336 -18.14 49.55 -33.36
N ALA F 337 -18.11 50.77 -32.84
CA ALA F 337 -18.49 51.06 -31.46
C ALA F 337 -19.83 51.77 -31.47
N CYS F 338 -20.35 52.01 -30.28
CA CYS F 338 -21.67 52.59 -30.11
C CYS F 338 -21.57 53.88 -29.29
N ALA F 339 -22.59 54.73 -29.41
CA ALA F 339 -22.68 55.90 -28.54
C ALA F 339 -23.00 55.45 -27.12
N GLN F 340 -22.34 56.09 -26.14
CA GLN F 340 -22.48 55.63 -24.76
C GLN F 340 -23.94 55.61 -24.30
N LYS F 341 -24.77 56.54 -24.80
CA LYS F 341 -26.18 56.54 -24.43
C LYS F 341 -26.91 55.28 -24.90
N LEU F 342 -26.38 54.58 -25.90
CA LEU F 342 -27.10 53.52 -26.58
C LEU F 342 -26.52 52.13 -26.36
N TYR F 343 -25.33 52.02 -25.76
CA TYR F 343 -24.70 50.71 -25.49
C TYR F 343 -25.67 49.73 -24.85
N ALA F 344 -26.26 50.12 -23.73
CA ALA F 344 -27.13 49.22 -22.97
C ALA F 344 -28.20 48.65 -23.88
N GLU F 345 -28.91 49.53 -24.59
CA GLU F 345 -30.02 49.08 -25.42
C GLU F 345 -29.54 48.23 -26.59
N LEU F 346 -28.54 48.73 -27.33
CA LEU F 346 -28.09 48.00 -28.53
C LEU F 346 -27.47 46.65 -28.16
N CYS F 347 -26.60 46.62 -27.15
CA CYS F 347 -26.01 45.35 -26.76
C CYS F 347 -27.09 44.39 -26.29
N GLN F 348 -28.04 44.87 -25.48
CA GLN F 348 -29.15 44.00 -25.10
C GLN F 348 -29.92 43.52 -26.34
N GLY F 349 -29.97 44.33 -27.40
CA GLY F 349 -30.58 43.88 -28.64
C GLY F 349 -29.79 42.78 -29.33
N ILE F 350 -28.46 42.88 -29.31
CA ILE F 350 -27.64 41.85 -29.94
C ILE F 350 -27.91 40.49 -29.29
N VAL F 351 -28.09 40.48 -27.97
CA VAL F 351 -28.38 39.25 -27.26
C VAL F 351 -29.74 38.69 -27.69
N ASP F 352 -30.76 39.54 -27.74
CA ASP F 352 -32.11 39.07 -28.03
C ASP F 352 -32.19 38.51 -29.45
N VAL F 353 -31.70 39.28 -30.42
CA VAL F 353 -31.96 38.98 -31.83
C VAL F 353 -30.93 38.00 -32.40
N ALA F 354 -29.67 38.09 -32.01
CA ALA F 354 -28.63 37.27 -32.64
C ALA F 354 -28.20 36.06 -31.79
N ILE F 355 -28.24 36.16 -30.47
CA ILE F 355 -27.72 35.10 -29.61
C ILE F 355 -28.84 34.25 -29.01
N SER F 356 -29.82 34.86 -28.34
CA SER F 356 -30.92 34.07 -27.78
C SER F 356 -31.77 33.41 -28.86
N SER F 357 -31.82 33.98 -30.06
CA SER F 357 -32.58 33.36 -31.13
C SER F 357 -31.98 32.02 -31.55
N VAL F 358 -30.70 31.81 -31.28
CA VAL F 358 -30.03 30.54 -31.53
C VAL F 358 -30.00 29.66 -30.28
N PHE F 359 -29.78 30.29 -29.12
CA PHE F 359 -29.66 29.60 -27.84
C PHE F 359 -30.66 30.23 -26.88
N PRO F 360 -31.92 29.74 -26.89
CA PRO F 360 -33.00 30.41 -26.15
C PRO F 360 -32.98 30.12 -24.65
N THR F 372 -42.38 47.09 -29.50
CA THR F 372 -41.66 46.08 -28.73
C THR F 372 -40.16 46.04 -29.07
N SER F 373 -39.84 45.97 -30.38
CA SER F 373 -38.47 45.75 -30.83
C SER F 373 -37.75 47.06 -31.16
N ILE F 374 -36.46 47.12 -30.78
CA ILE F 374 -35.61 48.28 -30.99
C ILE F 374 -35.00 48.26 -32.39
N PHE F 375 -35.43 47.31 -33.22
CA PHE F 375 -34.87 47.16 -34.56
C PHE F 375 -35.96 47.30 -35.61
N ILE F 376 -35.55 47.84 -36.76
CA ILE F 376 -36.39 47.89 -37.95
C ILE F 376 -35.87 46.78 -38.86
N LYS F 377 -36.70 45.76 -39.08
CA LYS F 377 -36.37 44.68 -40.00
C LYS F 377 -36.49 45.20 -41.43
N LEU F 378 -35.38 45.17 -42.18
CA LEU F 378 -35.38 45.60 -43.57
C LEU F 378 -35.71 44.39 -44.44
N HIS F 379 -36.88 44.41 -45.07
CA HIS F 379 -37.46 43.23 -45.72
C HIS F 379 -36.99 43.09 -47.16
N HIS F 380 -36.60 41.87 -47.51
CA HIS F 380 -36.01 41.58 -48.80
C HIS F 380 -36.64 40.34 -49.45
PG GTP G . -3.51 -0.07 -37.16
O1G GTP G . -3.20 1.01 -36.16
O2G GTP G . -4.78 -0.78 -36.78
O3G GTP G . -2.37 -1.07 -37.20
O3B GTP G . -3.68 0.60 -38.62
PB GTP G . -5.09 0.54 -39.39
O1B GTP G . -4.90 1.08 -40.79
O2B GTP G . -5.63 -0.86 -39.41
O3A GTP G . -6.04 1.54 -38.55
PA GTP G . -7.31 2.24 -39.25
O1A GTP G . -7.25 2.05 -40.75
O2A GTP G . -8.60 1.70 -38.70
O5' GTP G . -7.14 3.80 -38.90
C5' GTP G . -7.95 4.41 -37.91
C4' GTP G . -8.93 5.36 -38.59
O4' GTP G . -9.42 4.77 -39.78
C3' GTP G . -10.14 5.66 -37.72
O3' GTP G . -10.10 7.01 -37.32
C2' GTP G . -11.34 5.41 -38.59
O2' GTP G . -12.13 6.57 -38.68
C1' GTP G . -10.79 5.04 -39.96
N9 GTP G . -11.48 3.85 -40.49
C8 GTP G . -11.27 2.56 -40.10
N7 GTP G . -12.09 1.75 -40.82
C5 GTP G . -12.81 2.52 -41.67
C6 GTP G . -13.78 2.21 -42.61
O6 GTP G . -14.12 1.05 -42.80
N1 GTP G . -14.35 3.23 -43.35
C2 GTP G . -13.97 4.54 -43.13
N2 GTP G . -14.52 5.53 -43.83
N3 GTP G . -13.00 4.84 -42.19
C4 GTP G . -12.43 3.84 -41.47
CA CA H . -11.72 -9.26 -72.59
MG MG I . -6.08 -2.90 -38.11
PB GDP J . 0.00 -11.24 1.12
O1B GDP J . -0.59 -12.59 1.46
O2B GDP J . -0.24 -10.93 -0.35
O3B GDP J . 1.49 -11.28 1.38
O3A GDP J . -0.67 -10.11 2.04
PA GDP J . -2.12 -9.50 1.70
O1A GDP J . -3.18 -10.19 2.52
O2A GDP J . -2.42 -9.63 0.23
O5' GDP J . -2.00 -7.95 2.13
C5' GDP J . -2.93 -7.40 3.06
C4' GDP J . -3.57 -6.15 2.48
O4' GDP J . -4.33 -6.52 1.33
C3' GDP J . -4.52 -5.52 3.48
O3' GDP J . -4.18 -4.14 3.70
C2' GDP J . -5.90 -5.61 2.87
O2' GDP J . -6.54 -4.32 2.87
C1' GDP J . -5.68 -6.10 1.45
N9 GDP J . -6.57 -7.25 1.16
C8 GDP J . -6.36 -8.52 1.55
N7 GDP J . -7.35 -9.35 1.13
C5 GDP J . -8.23 -8.59 0.45
C6 GDP J . -9.51 -8.83 -0.27
O6 GDP J . -10.01 -9.98 -0.33
N1 GDP J . -10.10 -7.79 -0.85
C2 GDP J . -9.59 -6.54 -0.80
N2 GDP J . -10.26 -5.54 -1.42
N3 GDP J . -8.42 -6.25 -0.17
C4 GDP J . -7.71 -7.22 0.46
O1 MES K . 7.43 -2.13 -18.37
C2 MES K . 6.50 -3.08 -18.80
C3 MES K . 6.70 -3.43 -20.26
N4 MES K . 6.58 -2.21 -21.10
C5 MES K . 7.53 -1.17 -20.60
C6 MES K . 7.31 -0.94 -19.11
C7 MES K . 6.77 -2.52 -22.56
C8 MES K . 5.70 -1.91 -23.44
S MES K . 6.02 -2.21 -25.21
O1S MES K . 5.21 -3.40 -25.59
O2S MES K . 7.48 -2.43 -25.28
O3S MES K . 5.57 -0.98 -25.88
O1 MES L . -17.10 16.46 -15.15
C2 MES L . -17.97 15.35 -15.12
C3 MES L . -18.65 15.21 -13.77
N4 MES L . -17.60 15.07 -12.70
C5 MES L . -16.67 16.24 -12.77
C6 MES L . -16.09 16.33 -14.17
C7 MES L . -18.23 14.88 -11.35
C8 MES L . -17.22 14.41 -10.33
S MES L . -18.00 13.99 -8.76
O1S MES L . -17.31 14.83 -7.75
O2S MES L . -17.73 12.55 -8.58
O3S MES L . -19.42 14.32 -8.94
MG MG M . -3.50 -10.70 4.99
C10 A1D69 N . -8.65 4.59 -24.86
C13 A1D69 N . -8.77 5.91 -27.31
C01 A1D69 N . -10.71 2.03 -24.90
C02 A1D69 N . -11.50 1.21 -24.14
C04 A1D69 N . -9.82 -0.36 -24.14
C06 A1D69 N . -9.46 1.60 -25.24
C08 A1D69 N . -7.55 1.79 -26.78
C09 A1D69 N . -8.68 3.88 -26.05
C11 A1D69 N . -8.67 5.97 -24.90
C12 A1D69 N . -8.73 6.63 -26.12
C14 A1D69 N . -8.74 4.54 -27.27
C16 A1D69 N . -8.59 8.67 -24.93
C18 A1D69 N . -12.77 1.73 -23.81
C19 A1D69 N . -13.01 3.00 -24.31
N03 A1D69 N . -11.02 0.00 -23.76
N05 A1D69 N . -9.04 0.40 -24.88
N07 A1D69 N . -8.64 2.43 -26.06
O15 A1D69 N . -8.75 8.03 -26.18
S20 A1D69 N . -11.60 3.48 -25.20
CL17 A1D69 N . -9.13 -1.93 -23.69
H101 A1D69 N . -8.61 4.07 -23.92
H131 A1D69 N . -8.81 6.43 -28.26
H081 A1D69 N . -7.09 1.04 -26.15
H082 A1D69 N . -6.82 2.53 -27.07
H083 A1D69 N . -7.95 1.31 -27.67
H111 A1D69 N . -8.65 6.54 -23.97
H141 A1D69 N . -8.78 3.97 -28.19
H162 A1D69 N . -8.55 9.75 -25.09
H163 A1D69 N . -7.66 8.33 -24.47
H161 A1D69 N . -9.43 8.43 -24.29
H181 A1D69 N . -13.50 1.19 -23.22
H191 A1D69 N . -13.91 3.58 -24.17
PG GTP O . 15.52 -21.86 41.78
O1G GTP O . 15.71 -20.62 42.62
O2G GTP O . 16.87 -22.45 41.45
O3G GTP O . 14.68 -22.87 42.54
O3B GTP O . 14.77 -21.43 40.42
PB GTP O . 13.17 -21.58 40.29
O1B GTP O . 12.77 -21.31 38.86
O2B GTP O . 12.72 -22.96 40.72
O3A GTP O . 12.55 -20.45 41.26
PA GTP O . 11.08 -19.85 40.99
O1A GTP O . 10.58 -20.28 39.63
O2A GTP O . 10.12 -20.29 42.08
O5' GTP O . 11.27 -18.25 41.02
C5' GTP O . 10.84 -17.50 42.14
C4' GTP O . 9.62 -16.67 41.75
O4' GTP O . 8.78 -17.43 40.89
C3' GTP O . 8.80 -16.26 42.95
O3' GTP O . 8.89 -14.87 43.14
C2' GTP O . 7.38 -16.65 42.61
O2' GTP O . 6.54 -15.53 42.68
C1' GTP O . 7.42 -17.20 41.20
N9 GTP O . 6.66 -18.46 41.11
C8 GTP O . 7.09 -19.69 41.55
N7 GTP O . 6.12 -20.59 41.28
C5 GTP O . 5.09 -19.97 40.68
C6 GTP O . 3.86 -20.41 40.21
O6 GTP O . 3.56 -21.60 40.31
N1 GTP O . 2.99 -19.53 39.64
C2 GTP O . 3.32 -18.19 39.53
N2 GTP O . 2.48 -17.33 38.96
N3 GTP O . 4.55 -17.75 40.00
C4 GTP O . 5.42 -18.62 40.57
CA CA P . -4.48 -34.66 13.69
MG MG Q . 13.58 -24.51 42.50
PB GDP R . 32.30 -30.23 76.75
O1B GDP R . 32.47 -30.72 78.17
O2B GDP R . 31.25 -31.06 76.02
O3B GDP R . 33.63 -30.36 76.03
O3A GDP R . 31.86 -28.67 76.77
PA GDP R . 31.06 -28.08 78.04
O1A GDP R . 31.67 -28.53 79.35
O2A GDP R . 29.62 -28.50 77.94
O5' GDP R . 31.13 -26.48 77.92
C5' GDP R . 31.06 -25.68 79.09
C4' GDP R . 30.18 -24.47 78.79
O4' GDP R . 29.07 -24.94 78.02
C3' GDP R . 29.64 -23.84 80.06
O3' GDP R . 29.96 -22.45 80.07
C2' GDP R . 28.14 -24.00 80.00
O2' GDP R . 27.50 -22.73 80.22
C1' GDP R . 27.83 -24.50 78.60
N9 GDP R . 26.87 -25.64 78.63
C8 GDP R . 27.18 -26.92 78.88
N7 GDP R . 26.08 -27.71 78.82
C5 GDP R . 25.03 -26.92 78.52
C6 GDP R . 23.57 -27.09 78.31
O6 GDP R . 23.04 -28.21 78.41
N1 GDP R . 22.83 -26.00 78.02
C2 GDP R . 23.38 -24.78 77.91
N2 GDP R . 22.61 -23.68 77.62
N3 GDP R . 24.70 -24.55 78.09
C4 GDP R . 25.56 -25.56 78.40
C10 A1D69 S . 14.59 -16.73 54.20
C13 A1D69 S . 13.80 -15.55 51.82
C01 A1D69 S . 12.74 -19.23 55.06
C02 A1D69 S . 12.33 -20.01 56.12
C04 A1D69 S . 13.99 -21.51 55.70
C06 A1D69 S . 13.86 -19.66 54.32
C08 A1D69 S . 15.20 -19.64 52.16
C09 A1D69 S . 14.31 -17.50 53.10
C11 A1D69 S . 14.47 -15.35 54.12
C12 A1D69 S . 14.08 -14.76 52.93
C14 A1D69 S . 13.91 -16.92 51.91
C16 A1D69 S . 14.65 -12.65 53.80
C18 A1D69 S . 11.22 -19.55 56.87
C19 A1D69 S . 10.69 -18.36 56.43
N03 A1D69 S . 12.97 -21.15 56.45
N05 A1D69 S . 14.43 -20.80 54.66
N07 A1D69 S . 14.41 -18.94 53.17
O15 A1D69 S . 13.95 -13.37 52.83
S20 A1D69 S . 11.63 -17.89 55.05
CL17 A1D69 S . 14.85 -23.01 56.09
H101 A1D69 S . 14.91 -17.18 55.13
H131 A1D69 S . 13.49 -15.09 50.89
H081 A1D69 S . 15.99 -20.21 52.65
H082 A1D69 S . 15.64 -18.91 51.48
H083 A1D69 S . 14.56 -20.31 51.59
H111 A1D69 S . 14.69 -14.73 54.99
H141 A1D69 S . 13.70 -17.54 51.05
H162 A1D69 S . 14.70 -11.61 53.52
H163 A1D69 S . 15.65 -13.06 53.90
H161 A1D69 S . 14.13 -12.74 54.76
H181 A1D69 S . 10.82 -20.08 57.73
H191 A1D69 S . 9.85 -17.81 56.86
PG ACP T . -14.61 55.28 -37.54
O1G ACP T . -16.07 55.59 -37.89
O2G ACP T . -14.28 55.53 -36.06
O3G ACP T . -14.12 53.91 -38.04
PB ACP T . -13.93 56.61 -40.25
O1B ACP T . -15.39 56.88 -40.53
O2B ACP T . -13.21 55.52 -40.98
C3B ACP T . -13.59 56.56 -38.47
PA ACP T . -13.02 58.63 -42.13
O1A ACP T . -14.31 58.45 -42.87
O2A ACP T . -11.73 58.22 -42.80
O3A ACP T . -13.13 58.04 -40.63
O5' ACP T . -12.89 60.18 -41.57
C5' ACP T . -12.97 61.26 -42.47
C4' ACP T . -14.23 62.05 -42.16
O4' ACP T . -14.44 63.08 -43.12
C3' ACP T . -15.51 61.21 -42.18
O3' ACP T . -15.76 60.66 -40.92
C2' ACP T . -16.57 62.24 -42.61
O2' ACP T . -16.97 63.02 -41.53
C1' ACP T . -15.76 63.13 -43.55
N9 ACP T . -15.86 62.66 -44.93
C8 ACP T . -15.41 61.47 -45.45
N7 ACP T . -15.66 61.36 -46.72
C5 ACP T . -16.29 62.51 -47.06
C6 ACP T . -16.81 63.00 -48.29
N6 ACP T . -16.74 62.31 -49.42
N1 ACP T . -17.37 64.21 -48.28
C2 ACP T . -17.44 64.90 -47.15
N3 ACP T . -16.99 64.56 -45.95
C4 ACP T . -16.42 63.35 -45.97
H3B1 ACP T . -13.75 57.44 -38.11
H3B2 ACP T . -12.64 56.38 -38.36
H5'1 ACP T . -13.02 60.96 -43.39
H5'2 ACP T . -12.21 61.85 -42.40
H4' ACP T . -14.13 62.44 -41.28
H3' ACP T . -15.44 60.53 -42.87
HO3' ACP T . -16.52 60.29 -40.92
H2' ACP T . -17.32 61.82 -43.06
HO2' ACP T . -17.80 63.19 -41.63
H1' ACP T . -16.06 64.06 -43.52
H8 ACP T . -14.98 60.83 -44.93
HN61 ACP T . -16.19 61.66 -49.51
HN62 ACP T . -17.24 62.50 -50.09
H2 ACP T . -17.85 65.73 -47.21
#